data_6H15
#
_entry.id   6H15
#
_cell.length_a   118.314
_cell.length_b   118.314
_cell.length_c   249.951
_cell.angle_alpha   90.000
_cell.angle_beta   90.000
_cell.angle_gamma   120.000
#
_symmetry.space_group_name_H-M   'P 65'
#
loop_
_entity.id
_entity.type
_entity.pdbx_description
1 polymer 'Low-density lipoprotein receptor-related protein 6'
2 polymer 'VHH L-P2-B10'
3 branched 2-acetamido-2-deoxy-beta-D-glucopyranose-(1-4)-2-acetamido-2-deoxy-beta-D-glucopyranose
4 branched beta-D-mannopyranose-(1-4)-2-acetamido-2-deoxy-beta-D-glucopyranose-(1-4)-2-acetamido-2-deoxy-beta-D-glucopyranose
5 branched alpha-D-mannopyranose-(1-6)-beta-D-mannopyranose-(1-4)-2-acetamido-2-deoxy-beta-D-glucopyranose-(1-4)-2-acetamido-2-deoxy-beta-D-glucopyranose
6 non-polymer 2-acetamido-2-deoxy-beta-D-glucopyranose
7 non-polymer 'CHLORIDE ION'
8 water water
#
loop_
_entity_poly.entity_id
_entity_poly.type
_entity_poly.pdbx_seq_one_letter_code
_entity_poly.pdbx_strand_id
1 'polypeptide(L)'
;PEAFLLFSRRADIRRISLETNNNNVAIPLTGVKEASALDFDVTDNRIYWTDISLKTISRAFMNGSALEHVVEFGLDYPEG
MAVDWLGKNLYWADTGTNRIEVSKLDGQHRQVLVWKDLDSPRALALDPAEGFMYWTEWGGKPKIDRAAMDGSERTTLVPN
VGRANGLTIDYAKRRLYWTDLDTNLIESSNMLGLNREVIADDLPHPFGLTQYQDYIYWTDWSRRSIERANKTSGQNRTII
QGHLDYVMDILVFHSSRQSGWNECASSNGHCSHLCLAVPVGGFVCGCPAHYSLNADNRTCSAPTTFLLFSQKSAINRMVI
DEQQSPDIILPIHSLRNVRAIDYDPLDKQLYWIDSRQNMIRKAQEDGSQGFTVVVSSVPSQNLEIQPYDLSIDIYSRYIY
WTCEATNVINVTRLDGRSVGVVLKGEQDRPRAVVVNPEKGYMYFTNLQERSPKIERAALDGTEREVLFFSGLSKPIALAL
DSRLGKLFWADSDLRRIESSDLSGANRIVLEDSNILQPVGLTVFENWLYWIDKQQQMIEKIDMTGREGRTKVQARIAQLS
DIHAVKELNLQEYRQHPCAQDNGGCSHICLVKGDGTTRCSCPMHLVLLQDELSCGA
;
A,B
2 'polypeptide(L)'
;VQLQESGGCLVQAGGSLRLSCAASGSTFSTYTIGWFRQAPGKEREFVAAIHWDGGQTYYADSVKGRFTISRDNAKNTVYL
QMNSLKPEDTAVYYCAARGRRYFDFTYSDVYDYWGQGTQVTVS
;
C,D
#
loop_
_chem_comp.id
_chem_comp.type
_chem_comp.name
_chem_comp.formula
BMA D-saccharide, beta linking beta-D-mannopyranose 'C6 H12 O6'
CL non-polymer 'CHLORIDE ION' 'Cl -1'
MAN D-saccharide, alpha linking alpha-D-mannopyranose 'C6 H12 O6'
NAG D-saccharide, beta linking 2-acetamido-2-deoxy-beta-D-glucopyranose 'C8 H15 N O6'
#
# COMPACT_ATOMS: atom_id res chain seq x y z
N PRO A 1 -23.76 -39.71 3.73
CA PRO A 1 -22.35 -39.34 3.64
C PRO A 1 -21.67 -39.26 5.00
N GLU A 2 -20.40 -38.86 5.02
CA GLU A 2 -19.61 -38.80 6.23
C GLU A 2 -19.49 -37.36 6.71
N ALA A 3 -19.57 -37.17 8.03
CA ALA A 3 -19.49 -35.85 8.63
C ALA A 3 -18.04 -35.50 8.94
N PHE A 4 -17.68 -34.24 8.68
CA PHE A 4 -16.37 -33.72 9.01
C PHE A 4 -16.53 -32.30 9.53
N LEU A 5 -15.45 -31.77 10.10
CA LEU A 5 -15.47 -30.45 10.72
C LEU A 5 -14.63 -29.48 9.90
N LEU A 6 -15.19 -28.30 9.63
CA LEU A 6 -14.48 -27.23 8.94
C LEU A 6 -14.24 -26.09 9.92
N PHE A 7 -13.03 -25.54 9.89
CA PHE A 7 -12.69 -24.41 10.75
C PHE A 7 -11.90 -23.38 9.97
N SER A 8 -12.05 -22.13 10.38
CA SER A 8 -11.36 -21.00 9.76
C SER A 8 -10.26 -20.51 10.68
N ARG A 9 -9.12 -20.14 10.09
CA ARG A 9 -7.96 -19.70 10.85
C ARG A 9 -6.97 -19.00 9.93
N ARG A 10 -6.56 -17.78 10.29
CA ARG A 10 -5.66 -16.95 9.47
C ARG A 10 -6.31 -16.77 8.11
N ALA A 11 -5.66 -17.13 7.01
CA ALA A 11 -6.27 -17.09 5.69
C ALA A 11 -6.55 -18.49 5.17
N ASP A 12 -6.80 -19.44 6.07
CA ASP A 12 -7.02 -20.83 5.74
C ASP A 12 -8.39 -21.29 6.20
N ILE A 13 -9.00 -22.17 5.42
CA ILE A 13 -10.20 -22.92 5.81
C ILE A 13 -9.85 -24.39 5.67
N ARG A 14 -9.79 -25.11 6.78
CA ARG A 14 -9.27 -26.46 6.79
C ARG A 14 -10.36 -27.46 7.19
N ARG A 15 -10.09 -28.73 6.89
CA ARG A 15 -11.03 -29.82 7.11
C ARG A 15 -10.45 -30.81 8.11
N ILE A 16 -11.25 -31.18 9.11
CA ILE A 16 -10.88 -32.22 10.07
C ILE A 16 -11.93 -33.31 10.00
N SER A 17 -11.50 -34.51 9.64
CA SER A 17 -12.41 -35.65 9.63
C SER A 17 -12.75 -36.09 11.04
N LEU A 18 -13.97 -36.58 11.22
CA LEU A 18 -14.40 -37.17 12.49
C LEU A 18 -14.35 -38.69 12.45
N GLU A 19 -14.03 -39.28 11.31
CA GLU A 19 -13.72 -40.70 11.25
C GLU A 19 -12.33 -41.01 11.80
N THR A 20 -11.38 -40.09 11.58
CA THR A 20 -10.02 -40.23 12.08
C THR A 20 -9.70 -39.32 13.25
N ASN A 21 -10.51 -38.27 13.46
CA ASN A 21 -10.26 -37.23 14.46
C ASN A 21 -8.97 -36.47 14.22
N ASN A 22 -8.34 -36.66 13.06
CA ASN A 22 -7.19 -35.88 12.63
C ASN A 22 -7.32 -35.59 11.15
N ASN A 23 -6.25 -35.88 10.39
CA ASN A 23 -6.24 -35.70 8.93
C ASN A 23 -6.58 -34.25 8.56
N ASN A 24 -5.78 -33.33 9.10
CA ASN A 24 -5.97 -31.92 8.84
C ASN A 24 -5.50 -31.58 7.43
N VAL A 25 -6.41 -31.10 6.59
CA VAL A 25 -6.12 -30.79 5.20
C VAL A 25 -6.85 -29.51 4.83
N ALA A 26 -6.17 -28.62 4.12
CA ALA A 26 -6.71 -27.31 3.77
C ALA A 26 -7.51 -27.38 2.48
N ILE A 27 -8.54 -26.55 2.40
CA ILE A 27 -9.37 -26.43 1.20
C ILE A 27 -8.64 -25.52 0.22
N PRO A 28 -8.37 -25.97 -1.00
CA PRO A 28 -7.55 -25.17 -1.93
C PRO A 28 -8.27 -23.93 -2.43
N LEU A 29 -8.20 -22.84 -1.67
CA LEU A 29 -8.76 -21.56 -2.06
C LEU A 29 -7.62 -20.57 -2.31
N THR A 30 -7.95 -19.49 -3.03
CA THR A 30 -7.01 -18.43 -3.32
C THR A 30 -7.65 -17.08 -3.03
N GLY A 31 -6.81 -16.07 -2.81
CA GLY A 31 -7.27 -14.73 -2.57
C GLY A 31 -7.84 -14.47 -1.19
N VAL A 32 -7.78 -15.46 -0.29
CA VAL A 32 -8.29 -15.28 1.06
C VAL A 32 -7.24 -14.58 1.91
N LYS A 33 -7.68 -13.57 2.68
CA LYS A 33 -6.78 -12.84 3.58
C LYS A 33 -7.09 -13.09 5.05
N GLU A 34 -8.36 -13.06 5.44
CA GLU A 34 -8.73 -13.27 6.84
C GLU A 34 -10.11 -13.93 6.86
N ALA A 35 -10.11 -15.26 6.88
CA ALA A 35 -11.36 -16.01 6.93
C ALA A 35 -11.98 -15.92 8.32
N SER A 36 -13.30 -15.66 8.37
CA SER A 36 -13.98 -15.46 9.64
C SER A 36 -15.15 -16.44 9.71
N ALA A 37 -16.39 -15.97 9.54
CA ALA A 37 -17.53 -16.87 9.70
C ALA A 37 -17.59 -17.89 8.57
N LEU A 38 -18.19 -19.05 8.88
CA LEU A 38 -18.29 -20.15 7.92
C LEU A 38 -19.70 -20.70 7.90
N ASP A 39 -20.12 -21.16 6.74
CA ASP A 39 -21.35 -21.93 6.59
C ASP A 39 -21.24 -22.76 5.31
N PHE A 40 -22.28 -23.53 5.02
CA PHE A 40 -22.21 -24.49 3.94
C PHE A 40 -23.60 -24.75 3.36
N ASP A 41 -23.61 -25.41 2.21
CA ASP A 41 -24.83 -25.90 1.57
C ASP A 41 -24.54 -27.33 1.12
N VAL A 42 -25.07 -28.30 1.88
CA VAL A 42 -24.66 -29.69 1.68
C VAL A 42 -25.12 -30.22 0.33
N THR A 43 -26.28 -29.76 -0.16
CA THR A 43 -26.78 -30.26 -1.45
C THR A 43 -25.94 -29.72 -2.60
N ASP A 44 -25.34 -28.55 -2.44
CA ASP A 44 -24.49 -27.96 -3.46
C ASP A 44 -23.01 -28.26 -3.25
N ASN A 45 -22.65 -28.90 -2.14
CA ASN A 45 -21.26 -29.18 -1.79
C ASN A 45 -20.43 -27.90 -1.79
N ARG A 46 -21.04 -26.81 -1.30
CA ARG A 46 -20.43 -25.50 -1.29
C ARG A 46 -20.21 -25.03 0.14
N ILE A 47 -19.14 -24.25 0.33
CA ILE A 47 -18.87 -23.58 1.59
C ILE A 47 -18.96 -22.08 1.38
N TYR A 48 -19.28 -21.37 2.46
CA TYR A 48 -19.38 -19.92 2.44
C TYR A 48 -18.51 -19.37 3.57
N TRP A 49 -17.89 -18.21 3.32
CA TRP A 49 -17.05 -17.59 4.34
C TRP A 49 -17.02 -16.09 4.12
N THR A 50 -16.87 -15.36 5.21
CA THR A 50 -16.70 -13.92 5.19
C THR A 50 -15.24 -13.57 5.42
N ASP A 51 -14.82 -12.47 4.80
CA ASP A 51 -13.45 -11.98 4.92
C ASP A 51 -13.49 -10.57 5.51
N ILE A 52 -13.13 -10.46 6.79
CA ILE A 52 -13.22 -9.18 7.47
C ILE A 52 -12.20 -8.19 6.91
N SER A 53 -11.06 -8.67 6.44
CA SER A 53 -10.04 -7.76 5.91
C SER A 53 -10.40 -7.26 4.52
N LEU A 54 -10.99 -8.12 3.68
CA LEU A 54 -11.36 -7.74 2.32
C LEU A 54 -12.78 -7.21 2.22
N LYS A 55 -13.56 -7.26 3.30
CA LYS A 55 -14.95 -6.78 3.32
C LYS A 55 -15.81 -7.51 2.28
N THR A 56 -15.66 -8.83 2.23
CA THR A 56 -16.35 -9.64 1.23
C THR A 56 -16.94 -10.89 1.88
N ILE A 57 -17.96 -11.44 1.22
CA ILE A 57 -18.49 -12.76 1.50
C ILE A 57 -18.37 -13.58 0.22
N SER A 58 -17.81 -14.78 0.33
CA SER A 58 -17.46 -15.58 -0.83
C SER A 58 -17.97 -17.01 -0.67
N ARG A 59 -17.86 -17.77 -1.75
CA ARG A 59 -18.29 -19.17 -1.75
C ARG A 59 -17.49 -19.94 -2.79
N ALA A 60 -17.45 -21.25 -2.61
CA ALA A 60 -16.75 -22.16 -3.53
C ALA A 60 -17.13 -23.59 -3.17
N PHE A 61 -16.84 -24.50 -4.10
CA PHE A 61 -17.04 -25.91 -3.83
C PHE A 61 -15.94 -26.44 -2.91
N MET A 62 -16.19 -27.61 -2.33
CA MET A 62 -15.15 -28.28 -1.55
C MET A 62 -13.92 -28.59 -2.40
N ASN A 63 -14.12 -28.88 -3.68
CA ASN A 63 -13.00 -29.18 -4.56
C ASN A 63 -12.02 -28.01 -4.60
N GLY A 64 -12.54 -26.79 -4.56
CA GLY A 64 -11.75 -25.58 -4.66
C GLY A 64 -12.14 -24.67 -5.81
N SER A 65 -12.92 -25.15 -6.76
CA SER A 65 -13.26 -24.39 -7.96
C SER A 65 -14.55 -23.60 -7.75
N ALA A 66 -14.93 -22.84 -8.78
CA ALA A 66 -16.12 -21.98 -8.76
C ALA A 66 -16.08 -21.03 -7.57
N LEU A 67 -14.92 -20.40 -7.38
CA LEU A 67 -14.74 -19.43 -6.32
C LEU A 67 -15.36 -18.11 -6.74
N GLU A 68 -16.38 -17.65 -5.99
CA GLU A 68 -17.12 -16.45 -6.33
C GLU A 68 -17.25 -15.55 -5.11
N HIS A 69 -17.09 -14.25 -5.32
CA HIS A 69 -17.32 -13.24 -4.28
C HIS A 69 -18.74 -12.73 -4.46
N VAL A 70 -19.67 -13.29 -3.69
CA VAL A 70 -21.08 -12.98 -3.90
C VAL A 70 -21.49 -11.65 -3.26
N VAL A 71 -20.72 -11.14 -2.30
CA VAL A 71 -20.96 -9.82 -1.72
C VAL A 71 -19.64 -9.08 -1.68
N GLU A 72 -19.54 -7.98 -2.42
CA GLU A 72 -18.31 -7.20 -2.50
C GLU A 72 -18.46 -5.75 -2.07
N PHE A 73 -19.68 -5.21 -2.04
CA PHE A 73 -19.91 -3.82 -1.68
C PHE A 73 -20.70 -3.73 -0.38
N GLY A 74 -20.60 -2.55 0.25
CA GLY A 74 -21.43 -2.21 1.38
C GLY A 74 -21.13 -2.95 2.68
N LEU A 75 -19.98 -3.61 2.78
CA LEU A 75 -19.62 -4.34 3.99
C LEU A 75 -18.55 -3.58 4.77
N ASP A 76 -18.56 -3.75 6.08
CA ASP A 76 -17.58 -3.12 6.96
C ASP A 76 -16.98 -4.15 7.90
N TYR A 77 -17.83 -4.83 8.66
CA TYR A 77 -17.39 -5.93 9.53
C TYR A 77 -18.43 -7.05 9.45
N PRO A 78 -18.40 -7.84 8.38
CA PRO A 78 -19.36 -8.95 8.26
C PRO A 78 -19.01 -10.11 9.17
N GLU A 79 -19.34 -9.98 10.46
CA GLU A 79 -19.00 -11.01 11.43
C GLU A 79 -19.93 -12.21 11.32
N GLY A 80 -21.23 -11.96 11.18
CA GLY A 80 -22.22 -13.03 11.12
C GLY A 80 -22.63 -13.34 9.68
N MET A 81 -22.85 -14.62 9.42
CA MET A 81 -23.28 -15.08 8.10
C MET A 81 -23.89 -16.46 8.24
N ALA A 82 -24.94 -16.73 7.48
CA ALA A 82 -25.62 -18.02 7.55
C ALA A 82 -26.32 -18.30 6.24
N VAL A 83 -26.48 -19.58 5.93
CA VAL A 83 -27.07 -20.04 4.68
C VAL A 83 -28.48 -20.52 4.93
N ASP A 84 -29.42 -20.06 4.10
CA ASP A 84 -30.79 -20.57 4.09
C ASP A 84 -30.83 -21.69 3.06
N TRP A 85 -30.61 -22.92 3.51
CA TRP A 85 -30.50 -24.05 2.60
C TRP A 85 -31.84 -24.45 1.99
N LEU A 86 -32.95 -24.02 2.59
CA LEU A 86 -34.25 -24.38 2.03
C LEU A 86 -34.67 -23.41 0.95
N GLY A 87 -34.66 -22.11 1.26
CA GLY A 87 -35.01 -21.09 0.29
C GLY A 87 -33.88 -20.63 -0.59
N LYS A 88 -32.67 -21.18 -0.40
CA LYS A 88 -31.49 -20.82 -1.18
C LYS A 88 -31.20 -19.32 -1.08
N ASN A 89 -31.03 -18.86 0.15
CA ASN A 89 -30.76 -17.46 0.45
C ASN A 89 -29.53 -17.35 1.32
N LEU A 90 -28.83 -16.23 1.20
CA LEU A 90 -27.65 -15.92 2.00
C LEU A 90 -27.98 -14.77 2.95
N TYR A 91 -27.83 -15.02 4.24
CA TYR A 91 -28.01 -14.00 5.27
C TYR A 91 -26.67 -13.59 5.85
N TRP A 92 -26.59 -12.35 6.32
CA TRP A 92 -25.37 -11.90 6.99
C TRP A 92 -25.69 -10.70 7.87
N ALA A 93 -24.82 -10.48 8.85
CA ALA A 93 -24.92 -9.36 9.78
C ALA A 93 -23.61 -8.59 9.75
N ASP A 94 -23.69 -7.27 9.62
CA ASP A 94 -22.50 -6.42 9.58
C ASP A 94 -22.48 -5.56 10.84
N THR A 95 -21.45 -5.77 11.66
CA THR A 95 -21.34 -5.03 12.91
C THR A 95 -21.03 -3.55 12.66
N GLY A 96 -20.31 -3.25 11.58
CA GLY A 96 -20.00 -1.88 11.23
C GLY A 96 -21.18 -1.09 10.70
N THR A 97 -21.85 -1.63 9.68
CA THR A 97 -22.99 -0.94 9.07
C THR A 97 -24.27 -1.09 9.87
N ASN A 98 -24.31 -2.02 10.85
CA ASN A 98 -25.48 -2.25 11.69
C ASN A 98 -26.69 -2.64 10.84
N ARG A 99 -26.54 -3.73 10.09
CA ARG A 99 -27.58 -4.17 9.17
C ARG A 99 -27.62 -5.69 9.12
N ILE A 100 -28.83 -6.23 9.01
CA ILE A 100 -29.07 -7.63 8.66
C ILE A 100 -29.58 -7.64 7.23
N GLU A 101 -28.88 -8.36 6.36
CA GLU A 101 -29.20 -8.36 4.93
C GLU A 101 -29.41 -9.79 4.43
N VAL A 102 -30.08 -9.88 3.29
CA VAL A 102 -30.36 -11.16 2.65
C VAL A 102 -30.16 -11.01 1.14
N SER A 103 -29.84 -12.13 0.50
CA SER A 103 -29.73 -12.19 -0.95
C SER A 103 -29.78 -13.66 -1.36
N LYS A 104 -29.86 -13.89 -2.67
CA LYS A 104 -29.71 -15.25 -3.17
C LYS A 104 -28.30 -15.74 -2.90
N LEU A 105 -28.13 -17.07 -2.93
CA LEU A 105 -26.83 -17.66 -2.64
C LEU A 105 -25.76 -17.22 -3.63
N ASP A 106 -26.15 -16.74 -4.81
CA ASP A 106 -25.19 -16.21 -5.76
C ASP A 106 -24.99 -14.70 -5.61
N GLY A 107 -25.79 -14.03 -4.78
CA GLY A 107 -25.63 -12.62 -4.50
C GLY A 107 -26.69 -11.72 -5.10
N GLN A 108 -27.58 -12.26 -5.93
CA GLN A 108 -28.57 -11.43 -6.61
C GLN A 108 -29.67 -10.98 -5.65
N HIS A 109 -30.28 -9.85 -5.98
CA HIS A 109 -31.47 -9.35 -5.27
C HIS A 109 -31.17 -9.07 -3.80
N ARG A 110 -30.08 -8.34 -3.57
CA ARG A 110 -29.67 -7.99 -2.22
C ARG A 110 -30.70 -7.07 -1.57
N GLN A 111 -31.08 -7.38 -0.34
CA GLN A 111 -32.11 -6.65 0.37
C GLN A 111 -31.70 -6.48 1.84
N VAL A 112 -32.10 -5.37 2.42
CA VAL A 112 -31.86 -5.08 3.84
C VAL A 112 -33.11 -5.46 4.62
N LEU A 113 -32.92 -6.28 5.66
CA LEU A 113 -34.05 -6.78 6.46
C LEU A 113 -34.19 -6.08 7.80
N VAL A 114 -33.08 -5.80 8.49
CA VAL A 114 -33.11 -5.11 9.77
C VAL A 114 -32.10 -3.96 9.70
N TRP A 115 -32.53 -2.76 10.10
CA TRP A 115 -31.64 -1.60 10.05
C TRP A 115 -32.04 -0.54 11.07
N LYS A 116 -33.27 -0.60 11.58
CA LYS A 116 -33.75 0.37 12.56
C LYS A 116 -33.45 -0.11 13.97
N ASP A 117 -32.82 0.76 14.76
CA ASP A 117 -32.54 0.49 16.18
C ASP A 117 -31.79 -0.82 16.34
N LEU A 118 -30.68 -0.95 15.63
CA LEU A 118 -29.87 -2.17 15.60
C LEU A 118 -28.43 -1.77 15.84
N ASP A 119 -27.87 -2.20 16.98
CA ASP A 119 -26.52 -1.80 17.39
C ASP A 119 -25.63 -3.04 17.42
N SER A 120 -24.79 -3.18 16.40
CA SER A 120 -23.72 -4.15 16.33
C SER A 120 -24.20 -5.60 16.46
N PRO A 121 -24.84 -6.16 15.43
CA PRO A 121 -25.13 -7.60 15.44
C PRO A 121 -23.88 -8.41 15.10
N ARG A 122 -23.70 -9.52 15.83
CA ARG A 122 -22.52 -10.35 15.67
C ARG A 122 -22.97 -11.70 15.13
N ALA A 123 -23.11 -12.73 15.96
CA ALA A 123 -23.43 -14.06 15.46
C ALA A 123 -24.87 -14.12 14.97
N LEU A 124 -25.11 -15.03 14.02
CA LEU A 124 -26.40 -15.14 13.35
C LEU A 124 -26.73 -16.61 13.11
N ALA A 125 -27.97 -16.98 13.41
CA ALA A 125 -28.42 -18.36 13.24
C ALA A 125 -29.82 -18.37 12.64
N LEU A 126 -30.03 -19.26 11.67
CA LEU A 126 -31.29 -19.34 10.93
C LEU A 126 -32.03 -20.63 11.26
N ASP A 127 -33.34 -20.55 11.31
CA ASP A 127 -34.22 -21.71 11.47
C ASP A 127 -35.28 -21.66 10.36
N PRO A 128 -34.89 -21.97 9.12
CA PRO A 128 -35.84 -21.83 8.01
C PRO A 128 -37.00 -22.80 8.05
N ALA A 129 -36.85 -23.96 8.69
CA ALA A 129 -37.96 -24.89 8.79
C ALA A 129 -39.10 -24.31 9.63
N GLU A 130 -38.78 -23.42 10.57
CA GLU A 130 -39.80 -22.75 11.38
C GLU A 130 -40.05 -21.32 10.95
N GLY A 131 -39.06 -20.66 10.34
CA GLY A 131 -39.22 -19.30 9.90
C GLY A 131 -38.64 -18.23 10.79
N PHE A 132 -37.78 -18.60 11.74
CA PHE A 132 -37.16 -17.66 12.66
C PHE A 132 -35.67 -17.55 12.39
N MET A 133 -35.12 -16.37 12.67
CA MET A 133 -33.68 -16.16 12.67
C MET A 133 -33.28 -15.51 13.99
N TYR A 134 -32.12 -15.89 14.50
CA TYR A 134 -31.63 -15.44 15.79
C TYR A 134 -30.25 -14.83 15.63
N TRP A 135 -29.99 -13.73 16.32
CA TRP A 135 -28.69 -13.08 16.25
C TRP A 135 -28.35 -12.47 17.60
N THR A 136 -27.05 -12.33 17.85
CA THR A 136 -26.53 -11.66 19.03
C THR A 136 -26.18 -10.22 18.69
N GLU A 137 -26.20 -9.37 19.71
CA GLU A 137 -25.90 -7.95 19.54
C GLU A 137 -24.85 -7.53 20.57
N TRP A 138 -23.79 -6.88 20.09
CA TRP A 138 -22.77 -6.29 20.96
C TRP A 138 -22.98 -4.80 21.12
N GLY A 139 -24.23 -4.35 21.19
CA GLY A 139 -24.55 -2.95 21.30
C GLY A 139 -24.30 -2.39 22.68
N GLY A 140 -24.99 -1.28 22.97
CA GLY A 140 -24.87 -0.67 24.29
C GLY A 140 -25.26 -1.61 25.41
N LYS A 141 -26.35 -2.34 25.21
CA LYS A 141 -26.79 -3.38 26.16
C LYS A 141 -26.89 -4.70 25.40
N PRO A 142 -25.88 -5.56 25.49
CA PRO A 142 -25.88 -6.79 24.68
C PRO A 142 -27.08 -7.68 24.99
N LYS A 143 -27.55 -8.36 23.96
CA LYS A 143 -28.73 -9.21 24.05
C LYS A 143 -28.77 -10.13 22.85
N ILE A 144 -29.74 -11.05 22.85
CA ILE A 144 -30.00 -11.95 21.73
C ILE A 144 -31.41 -11.69 21.25
N ASP A 145 -31.55 -11.29 19.99
CA ASP A 145 -32.84 -10.98 19.40
C ASP A 145 -33.32 -12.11 18.51
N ARG A 146 -34.64 -12.11 18.26
CA ARG A 146 -35.27 -13.03 17.33
C ARG A 146 -36.18 -12.24 16.41
N ALA A 147 -36.31 -12.73 15.18
CA ALA A 147 -37.22 -12.12 14.21
C ALA A 147 -37.56 -13.15 13.15
N ALA A 148 -38.65 -12.90 12.45
CA ALA A 148 -38.97 -13.71 11.28
C ALA A 148 -37.88 -13.54 10.23
N MET A 149 -37.70 -14.57 9.41
CA MET A 149 -36.62 -14.49 8.43
C MET A 149 -36.92 -13.54 7.27
N ASP A 150 -37.94 -12.70 7.38
CA ASP A 150 -38.12 -11.56 6.50
C ASP A 150 -37.85 -10.25 7.22
N GLY A 151 -37.37 -10.30 8.47
CA GLY A 151 -37.07 -9.12 9.24
C GLY A 151 -38.19 -8.62 10.12
N SER A 152 -39.38 -9.21 10.02
CA SER A 152 -40.54 -8.71 10.74
C SER A 152 -40.58 -9.29 12.17
N GLU A 153 -41.53 -8.78 12.94
CA GLU A 153 -41.78 -9.18 14.34
C GLU A 153 -40.49 -9.41 15.11
N ARG A 154 -39.61 -8.42 15.06
CA ARG A 154 -38.38 -8.46 15.84
C ARG A 154 -38.69 -8.39 17.33
N THR A 155 -37.93 -9.13 18.13
CA THR A 155 -38.13 -9.14 19.57
C THR A 155 -36.82 -9.52 20.24
N THR A 156 -36.73 -9.21 21.54
CA THR A 156 -35.58 -9.58 22.35
C THR A 156 -35.88 -10.94 22.99
N LEU A 157 -35.00 -11.91 22.75
CA LEU A 157 -35.19 -13.27 23.26
C LEU A 157 -34.42 -13.52 24.56
N VAL A 158 -33.18 -13.08 24.64
CA VAL A 158 -32.38 -13.21 25.86
C VAL A 158 -31.77 -11.85 26.19
N PRO A 159 -32.36 -11.08 27.11
CA PRO A 159 -31.84 -9.74 27.39
C PRO A 159 -30.65 -9.73 28.34
N ASN A 160 -30.57 -10.73 29.23
CA ASN A 160 -29.58 -10.75 30.28
C ASN A 160 -28.43 -11.69 29.88
N VAL A 161 -27.52 -11.14 29.08
CA VAL A 161 -26.38 -11.90 28.57
C VAL A 161 -25.27 -10.91 28.23
N GLY A 162 -24.03 -11.39 28.25
CA GLY A 162 -22.91 -10.61 27.80
C GLY A 162 -22.84 -10.57 26.28
N ARG A 163 -21.65 -10.25 25.77
CA ARG A 163 -21.41 -10.23 24.33
C ARG A 163 -21.24 -11.67 23.86
N ALA A 164 -22.29 -12.22 23.28
CA ALA A 164 -22.34 -13.64 22.92
C ALA A 164 -21.73 -13.88 21.54
N ASN A 165 -21.32 -15.13 21.32
CA ASN A 165 -20.64 -15.50 20.09
C ASN A 165 -20.99 -16.94 19.75
N GLY A 166 -20.86 -17.28 18.47
CA GLY A 166 -21.08 -18.64 18.02
C GLY A 166 -22.48 -19.17 18.29
N LEU A 167 -23.50 -18.33 18.08
CA LEU A 167 -24.88 -18.75 18.33
C LEU A 167 -25.23 -19.95 17.45
N THR A 168 -25.66 -21.03 18.10
CA THR A 168 -25.93 -22.29 17.42
C THR A 168 -27.26 -22.86 17.88
N ILE A 169 -28.00 -23.47 16.95
CA ILE A 169 -29.30 -24.06 17.22
C ILE A 169 -29.15 -25.58 17.19
N ASP A 170 -29.68 -26.24 18.21
CA ASP A 170 -29.85 -27.69 18.18
C ASP A 170 -31.26 -27.95 17.66
N TYR A 171 -31.36 -28.30 16.37
CA TYR A 171 -32.67 -28.47 15.75
C TYR A 171 -33.41 -29.69 16.26
N ALA A 172 -32.70 -30.69 16.77
CA ALA A 172 -33.37 -31.89 17.28
C ALA A 172 -33.97 -31.65 18.65
N LYS A 173 -33.23 -31.01 19.55
CA LYS A 173 -33.64 -30.86 20.94
C LYS A 173 -34.18 -29.47 21.27
N ARG A 174 -34.26 -28.57 20.28
CA ARG A 174 -34.84 -27.24 20.45
C ARG A 174 -34.11 -26.43 21.52
N ARG A 175 -32.80 -26.28 21.32
CA ARG A 175 -31.97 -25.55 22.27
C ARG A 175 -31.04 -24.59 21.54
N LEU A 176 -30.86 -23.41 22.13
CA LEU A 176 -29.90 -22.43 21.64
C LEU A 176 -28.61 -22.54 22.43
N TYR A 177 -27.48 -22.42 21.74
CA TYR A 177 -26.17 -22.45 22.37
C TYR A 177 -25.37 -21.21 21.94
N TRP A 178 -24.60 -20.66 22.87
CA TRP A 178 -23.77 -19.50 22.57
C TRP A 178 -22.61 -19.47 23.56
N THR A 179 -21.62 -18.65 23.23
CA THR A 179 -20.44 -18.43 24.08
C THR A 179 -20.45 -16.98 24.53
N ASP A 180 -20.48 -16.77 25.85
CA ASP A 180 -20.46 -15.43 26.43
C ASP A 180 -18.99 -15.03 26.58
N LEU A 181 -18.53 -14.15 25.69
CA LEU A 181 -17.12 -13.74 25.71
C LEU A 181 -16.80 -12.84 26.89
N ASP A 182 -17.80 -12.26 27.54
CA ASP A 182 -17.54 -11.40 28.69
C ASP A 182 -17.41 -12.18 29.98
N THR A 183 -18.09 -13.32 30.08
CA THR A 183 -17.99 -14.19 31.25
C THR A 183 -17.33 -15.52 30.96
N ASN A 184 -16.88 -15.75 29.72
CA ASN A 184 -16.13 -16.96 29.34
C ASN A 184 -16.92 -18.24 29.60
N LEU A 185 -18.24 -18.18 29.42
CA LEU A 185 -19.11 -19.33 29.66
C LEU A 185 -19.66 -19.85 28.34
N ILE A 186 -19.98 -21.14 28.32
CA ILE A 186 -20.81 -21.74 27.28
C ILE A 186 -22.19 -21.94 27.88
N GLU A 187 -23.18 -21.21 27.39
CA GLU A 187 -24.52 -21.21 27.94
C GLU A 187 -25.50 -21.82 26.96
N SER A 188 -26.73 -21.99 27.43
CA SER A 188 -27.79 -22.57 26.61
C SER A 188 -29.15 -22.15 27.16
N SER A 189 -30.15 -22.29 26.32
CA SER A 189 -31.54 -22.00 26.68
C SER A 189 -32.44 -22.70 25.68
N ASN A 190 -33.75 -22.62 25.89
CA ASN A 190 -34.69 -23.11 24.91
C ASN A 190 -34.94 -22.03 23.86
N MET A 191 -35.74 -22.36 22.85
CA MET A 191 -35.92 -21.47 21.71
C MET A 191 -36.66 -20.18 22.05
N LEU A 192 -37.20 -20.06 23.26
CA LEU A 192 -37.83 -18.82 23.70
C LEU A 192 -36.99 -18.06 24.71
N GLY A 193 -35.73 -18.47 24.91
CA GLY A 193 -34.84 -17.77 25.80
C GLY A 193 -34.96 -18.12 27.26
N LEU A 194 -35.75 -19.14 27.60
CA LEU A 194 -35.95 -19.54 28.99
C LEU A 194 -35.12 -20.77 29.31
N ASN A 195 -35.13 -21.14 30.60
CA ASN A 195 -34.42 -22.32 31.11
C ASN A 195 -32.92 -22.22 30.79
N ARG A 196 -32.31 -21.14 31.27
CA ARG A 196 -30.88 -20.94 31.07
C ARG A 196 -30.08 -22.04 31.77
N GLU A 197 -29.04 -22.53 31.10
CA GLU A 197 -28.17 -23.56 31.65
C GLU A 197 -26.73 -23.21 31.33
N VAL A 198 -25.84 -23.41 32.30
CA VAL A 198 -24.41 -23.21 32.12
C VAL A 198 -23.80 -24.55 31.75
N ILE A 199 -23.29 -24.66 30.52
CA ILE A 199 -22.81 -25.94 30.02
C ILE A 199 -21.38 -26.21 30.50
N ALA A 200 -20.54 -25.19 30.51
CA ALA A 200 -19.15 -25.34 30.94
C ALA A 200 -18.69 -24.01 31.54
N ASP A 201 -18.37 -24.02 32.84
CA ASP A 201 -17.98 -22.82 33.55
C ASP A 201 -16.50 -22.79 33.91
N ASP A 202 -15.70 -23.74 33.41
CA ASP A 202 -14.29 -23.82 33.74
C ASP A 202 -13.42 -23.82 32.48
N LEU A 203 -13.87 -23.15 31.44
CA LEU A 203 -13.02 -23.10 30.25
C LEU A 203 -12.23 -21.80 30.21
N PRO A 204 -10.96 -21.85 29.81
CA PRO A 204 -10.13 -20.64 29.87
C PRO A 204 -10.54 -19.56 28.89
N HIS A 205 -10.82 -19.91 27.63
CA HIS A 205 -11.16 -18.90 26.64
C HIS A 205 -11.95 -19.50 25.47
N PRO A 206 -13.21 -19.85 25.66
CA PRO A 206 -14.00 -20.40 24.55
C PRO A 206 -14.34 -19.33 23.52
N PHE A 207 -14.41 -19.77 22.27
CA PHE A 207 -14.71 -18.88 21.14
C PHE A 207 -15.10 -19.74 19.96
N GLY A 208 -16.21 -19.40 19.31
CA GLY A 208 -16.70 -20.20 18.20
C GLY A 208 -17.33 -21.49 18.67
N LEU A 209 -18.52 -21.81 18.15
CA LEU A 209 -19.31 -22.90 18.70
C LEU A 209 -20.11 -23.57 17.59
N THR A 210 -20.27 -24.88 17.72
CA THR A 210 -21.17 -25.64 16.86
C THR A 210 -21.67 -26.85 17.65
N GLN A 211 -22.69 -27.52 17.10
CA GLN A 211 -23.32 -28.64 17.77
C GLN A 211 -23.62 -29.74 16.75
N TYR A 212 -23.44 -30.99 17.17
CA TYR A 212 -23.70 -32.13 16.30
C TYR A 212 -23.98 -33.35 17.15
N GLN A 213 -25.17 -33.94 16.98
CA GLN A 213 -25.60 -35.16 17.67
C GLN A 213 -25.58 -34.89 19.17
N ASP A 214 -24.90 -35.68 19.99
CA ASP A 214 -24.92 -35.54 21.44
C ASP A 214 -23.87 -34.57 21.95
N TYR A 215 -23.15 -33.88 21.07
CA TYR A 215 -21.97 -33.14 21.47
C TYR A 215 -22.05 -31.69 21.01
N ILE A 216 -21.33 -30.83 21.73
CA ILE A 216 -21.05 -29.46 21.30
C ILE A 216 -19.55 -29.35 21.07
N TYR A 217 -19.18 -28.56 20.06
CA TYR A 217 -17.79 -28.32 19.73
C TYR A 217 -17.49 -26.84 19.90
N TRP A 218 -16.28 -26.53 20.38
CA TRP A 218 -15.86 -25.16 20.54
C TRP A 218 -14.35 -25.06 20.30
N THR A 219 -13.90 -23.84 20.04
CA THR A 219 -12.48 -23.54 19.96
C THR A 219 -12.08 -22.72 21.19
N ASP A 220 -10.87 -22.97 21.69
CA ASP A 220 -10.36 -22.30 22.88
C ASP A 220 -9.06 -21.61 22.49
N TRP A 221 -9.07 -20.28 22.45
CA TRP A 221 -7.89 -19.52 22.08
C TRP A 221 -6.78 -19.63 23.12
N SER A 222 -7.12 -19.92 24.38
CA SER A 222 -6.09 -20.09 25.40
C SER A 222 -5.38 -21.42 25.24
N ARG A 223 -6.13 -22.51 25.09
CA ARG A 223 -5.54 -23.83 24.89
C ARG A 223 -5.18 -24.11 23.43
N ARG A 224 -5.55 -23.22 22.51
CA ARG A 224 -5.21 -23.36 21.09
C ARG A 224 -5.67 -24.72 20.55
N SER A 225 -6.97 -24.97 20.66
CA SER A 225 -7.48 -26.30 20.40
C SER A 225 -8.92 -26.22 19.89
N ILE A 226 -9.40 -27.35 19.39
CA ILE A 226 -10.81 -27.60 19.12
C ILE A 226 -11.24 -28.76 20.01
N GLU A 227 -12.28 -28.54 20.81
CA GLU A 227 -12.67 -29.50 21.84
C GLU A 227 -14.14 -29.85 21.68
N ARG A 228 -14.57 -30.85 22.46
CA ARG A 228 -15.90 -31.42 22.32
C ARG A 228 -16.34 -31.99 23.67
N ALA A 229 -17.64 -31.91 23.94
CA ALA A 229 -18.17 -32.39 25.21
C ALA A 229 -19.63 -32.78 25.06
N ASN A 230 -20.11 -33.57 26.02
CA ASN A 230 -21.52 -33.92 26.10
C ASN A 230 -22.38 -32.65 26.14
N LYS A 231 -23.35 -32.58 25.22
CA LYS A 231 -24.13 -31.35 25.07
C LYS A 231 -24.96 -31.02 26.30
N THR A 232 -25.34 -32.03 27.09
CA THR A 232 -26.26 -31.82 28.21
C THR A 232 -25.50 -31.58 29.51
N SER A 233 -24.68 -32.55 29.92
CA SER A 233 -23.94 -32.41 31.17
C SER A 233 -22.77 -31.45 31.03
N GLY A 234 -22.14 -31.41 29.86
CA GLY A 234 -20.92 -30.67 29.67
C GLY A 234 -19.66 -31.44 29.97
N GLN A 235 -19.76 -32.73 30.29
CA GLN A 235 -18.64 -33.57 30.64
C GLN A 235 -18.27 -34.44 29.44
N ASN A 236 -17.57 -35.55 29.68
CA ASN A 236 -17.04 -36.42 28.63
C ASN A 236 -16.19 -35.62 27.65
N ARG A 237 -15.48 -34.63 28.20
CA ARG A 237 -14.71 -33.70 27.37
C ARG A 237 -13.53 -34.41 26.71
N THR A 238 -13.12 -33.89 25.55
CA THR A 238 -12.01 -34.47 24.81
C THR A 238 -11.48 -33.45 23.81
N ILE A 239 -10.20 -33.58 23.48
CA ILE A 239 -9.54 -32.69 22.54
C ILE A 239 -9.62 -33.31 21.14
N ILE A 240 -10.07 -32.53 20.17
CA ILE A 240 -10.11 -33.02 18.80
C ILE A 240 -8.78 -32.80 18.11
N GLN A 241 -8.22 -31.59 18.25
CA GLN A 241 -6.93 -31.26 17.67
C GLN A 241 -6.38 -30.02 18.34
N GLY A 242 -5.08 -30.05 18.64
CA GLY A 242 -4.41 -28.94 19.30
C GLY A 242 -3.48 -28.20 18.35
N HIS A 243 -2.78 -27.22 18.95
CA HIS A 243 -1.83 -26.37 18.23
C HIS A 243 -2.51 -25.61 17.08
N LEU A 244 -3.71 -25.11 17.35
CA LEU A 244 -4.48 -24.31 16.40
C LEU A 244 -4.77 -22.97 17.05
N ASP A 245 -3.99 -21.95 16.71
CA ASP A 245 -4.09 -20.65 17.35
C ASP A 245 -5.18 -19.81 16.67
N TYR A 246 -6.09 -19.28 17.50
CA TYR A 246 -7.08 -18.28 17.06
C TYR A 246 -7.95 -18.81 15.92
N VAL A 247 -8.68 -19.89 16.21
CA VAL A 247 -9.63 -20.45 15.25
C VAL A 247 -10.92 -19.64 15.36
N MET A 248 -11.39 -19.12 14.22
CA MET A 248 -12.47 -18.12 14.27
C MET A 248 -13.84 -18.78 14.31
N ASP A 249 -14.04 -19.85 13.55
CA ASP A 249 -15.36 -20.46 13.46
C ASP A 249 -15.22 -21.95 13.16
N ILE A 250 -16.24 -22.71 13.55
CA ILE A 250 -16.29 -24.15 13.30
C ILE A 250 -17.72 -24.54 12.95
N LEU A 251 -17.84 -25.61 12.18
CA LEU A 251 -19.12 -26.20 11.85
C LEU A 251 -18.91 -27.66 11.48
N VAL A 252 -19.98 -28.44 11.55
CA VAL A 252 -19.97 -29.84 11.16
C VAL A 252 -20.65 -29.95 9.81
N PHE A 253 -19.87 -30.26 8.77
CA PHE A 253 -20.41 -30.44 7.42
C PHE A 253 -21.10 -31.79 7.35
N HIS A 254 -22.43 -31.78 7.46
CA HIS A 254 -23.20 -33.01 7.36
C HIS A 254 -24.64 -32.67 7.04
N SER A 255 -25.32 -33.61 6.36
CA SER A 255 -26.68 -33.38 5.91
C SER A 255 -27.69 -33.34 7.06
N SER A 256 -27.36 -33.94 8.20
CA SER A 256 -28.30 -34.01 9.31
C SER A 256 -28.51 -32.67 10.01
N ARG A 257 -27.69 -31.65 9.71
CA ARG A 257 -27.87 -30.33 10.29
C ARG A 257 -28.62 -29.38 9.37
N GLN A 258 -28.89 -29.76 8.12
CA GLN A 258 -29.66 -28.96 7.18
C GLN A 258 -30.88 -29.78 6.76
N SER A 259 -31.80 -29.96 7.70
CA SER A 259 -33.01 -30.74 7.50
C SER A 259 -34.22 -29.81 7.36
N GLY A 260 -35.41 -30.40 7.35
CA GLY A 260 -36.63 -29.63 7.28
C GLY A 260 -37.11 -29.38 5.86
N TRP A 261 -38.13 -28.55 5.76
CA TRP A 261 -38.74 -28.24 4.48
C TRP A 261 -39.65 -27.03 4.63
N ASN A 262 -39.81 -26.29 3.53
CA ASN A 262 -40.80 -25.24 3.43
C ASN A 262 -41.16 -25.07 1.96
N GLU A 263 -42.19 -24.26 1.70
CA GLU A 263 -42.66 -24.07 0.34
C GLU A 263 -41.64 -23.36 -0.54
N CYS A 264 -40.72 -22.58 0.06
CA CYS A 264 -39.65 -21.97 -0.73
C CYS A 264 -38.74 -23.04 -1.32
N ALA A 265 -38.64 -24.20 -0.68
CA ALA A 265 -37.81 -25.28 -1.20
C ALA A 265 -38.39 -25.89 -2.47
N SER A 266 -39.67 -25.67 -2.75
CA SER A 266 -40.32 -26.17 -3.96
C SER A 266 -40.76 -24.98 -4.80
N SER A 267 -39.95 -24.65 -5.80
CA SER A 267 -40.25 -23.61 -6.79
C SER A 267 -40.32 -22.21 -6.18
N ASN A 268 -39.55 -21.97 -5.11
CA ASN A 268 -39.30 -20.63 -4.58
C ASN A 268 -40.59 -19.90 -4.22
N GLY A 269 -41.62 -20.64 -3.82
CA GLY A 269 -42.89 -20.02 -3.47
C GLY A 269 -43.54 -19.21 -4.57
N HIS A 270 -43.16 -19.49 -5.82
CA HIS A 270 -43.64 -18.72 -6.98
C HIS A 270 -43.29 -17.24 -6.86
N CYS A 271 -42.25 -16.92 -6.09
CA CYS A 271 -41.76 -15.56 -5.97
C CYS A 271 -40.77 -15.29 -7.11
N SER A 272 -40.84 -14.08 -7.66
CA SER A 272 -39.96 -13.72 -8.76
C SER A 272 -38.52 -13.53 -8.30
N HIS A 273 -38.32 -13.06 -7.07
CA HIS A 273 -36.97 -12.77 -6.58
C HIS A 273 -36.66 -13.52 -5.29
N LEU A 274 -37.10 -12.99 -4.16
CA LEU A 274 -36.78 -13.53 -2.85
C LEU A 274 -37.97 -14.30 -2.28
N CYS A 275 -37.71 -15.51 -1.79
CA CYS A 275 -38.68 -16.30 -1.05
C CYS A 275 -38.17 -16.39 0.39
N LEU A 276 -38.82 -15.66 1.29
CA LEU A 276 -38.36 -15.51 2.66
C LEU A 276 -39.32 -16.21 3.61
N ALA A 277 -38.77 -17.04 4.49
CA ALA A 277 -39.58 -17.84 5.40
C ALA A 277 -40.16 -16.98 6.53
N VAL A 278 -41.38 -17.30 6.93
CA VAL A 278 -42.03 -16.64 8.06
C VAL A 278 -42.77 -17.67 8.89
N PRO A 279 -42.92 -17.40 10.19
CA PRO A 279 -43.59 -18.38 11.06
C PRO A 279 -45.06 -18.53 10.73
N VAL A 280 -45.57 -19.76 10.87
CA VAL A 280 -44.75 -20.89 11.28
C VAL A 280 -44.58 -21.85 10.10
N GLY A 281 -43.37 -21.90 9.55
CA GLY A 281 -43.09 -22.68 8.37
C GLY A 281 -43.62 -22.10 7.08
N GLY A 282 -44.19 -20.90 7.11
CA GLY A 282 -44.71 -20.24 5.93
C GLY A 282 -43.65 -19.46 5.20
N PHE A 283 -44.10 -18.58 4.30
CA PHE A 283 -43.18 -17.80 3.49
C PHE A 283 -43.87 -16.52 3.04
N VAL A 284 -43.04 -15.54 2.67
CA VAL A 284 -43.49 -14.32 2.02
C VAL A 284 -42.50 -13.99 0.90
N CYS A 285 -43.02 -13.44 -0.18
CA CYS A 285 -42.16 -13.04 -1.31
C CYS A 285 -41.48 -11.72 -1.01
N GLY A 286 -40.19 -11.63 -1.35
CA GLY A 286 -39.41 -10.44 -1.11
C GLY A 286 -38.85 -9.88 -2.41
N CYS A 287 -38.32 -8.67 -2.32
CA CYS A 287 -37.80 -7.92 -3.45
C CYS A 287 -36.44 -7.35 -3.12
N PRO A 288 -35.64 -7.01 -4.13
CA PRO A 288 -34.36 -6.34 -3.86
C PRO A 288 -34.58 -5.00 -3.17
N ALA A 289 -33.46 -4.41 -2.73
CA ALA A 289 -33.52 -3.11 -2.07
C ALA A 289 -34.16 -2.06 -2.98
N HIS A 290 -35.08 -1.29 -2.41
CA HIS A 290 -35.85 -0.20 -3.00
C HIS A 290 -36.87 -0.69 -4.05
N TYR A 291 -36.87 -1.96 -4.40
CA TYR A 291 -37.95 -2.55 -5.17
C TYR A 291 -39.18 -2.72 -4.28
N SER A 292 -40.34 -2.77 -4.92
CA SER A 292 -41.61 -2.92 -4.21
C SER A 292 -42.35 -4.15 -4.69
N LEU A 293 -43.06 -4.81 -3.77
CA LEU A 293 -43.82 -5.99 -4.10
C LEU A 293 -45.14 -5.59 -4.74
N ASN A 294 -45.51 -6.27 -5.83
CA ASN A 294 -46.70 -5.91 -6.59
C ASN A 294 -47.96 -6.39 -5.87
N ALA A 295 -49.12 -6.09 -6.46
CA ALA A 295 -50.40 -6.48 -5.88
C ALA A 295 -50.61 -7.98 -5.87
N ASP A 296 -49.94 -8.71 -6.77
CA ASP A 296 -50.00 -10.17 -6.74
C ASP A 296 -49.21 -10.77 -5.60
N ASN A 297 -48.49 -9.94 -4.82
CA ASN A 297 -47.67 -10.39 -3.70
C ASN A 297 -46.64 -11.44 -4.15
N ARG A 298 -46.13 -11.29 -5.37
CA ARG A 298 -45.23 -12.28 -5.95
C ARG A 298 -44.10 -11.64 -6.75
N THR A 299 -44.43 -10.64 -7.56
CA THR A 299 -43.48 -10.00 -8.46
C THR A 299 -43.07 -8.64 -7.91
N CYS A 300 -41.96 -8.13 -8.45
CA CYS A 300 -41.31 -6.93 -7.93
C CYS A 300 -41.18 -5.88 -9.03
N SER A 301 -41.33 -4.61 -8.64
CA SER A 301 -41.18 -3.48 -9.54
C SER A 301 -40.01 -2.63 -9.08
N ALA A 302 -39.17 -2.22 -10.04
CA ALA A 302 -38.02 -1.38 -9.72
C ALA A 302 -38.47 0.02 -9.33
N PRO A 303 -37.67 0.71 -8.51
CA PRO A 303 -38.04 2.09 -8.14
C PRO A 303 -37.97 3.02 -9.34
N THR A 304 -39.02 3.82 -9.51
CA THR A 304 -39.08 4.77 -10.61
C THR A 304 -38.61 6.16 -10.22
N THR A 305 -38.65 6.49 -8.93
CA THR A 305 -38.23 7.80 -8.45
C THR A 305 -37.38 7.61 -7.20
N PHE A 306 -36.21 8.24 -7.19
CA PHE A 306 -35.26 8.06 -6.09
C PHE A 306 -34.28 9.23 -6.08
N LEU A 307 -33.42 9.22 -5.07
CA LEU A 307 -32.34 10.19 -4.93
C LEU A 307 -31.00 9.51 -5.15
N LEU A 308 -30.06 10.27 -5.70
CA LEU A 308 -28.68 9.83 -5.87
C LEU A 308 -27.76 10.86 -5.23
N PHE A 309 -26.91 10.41 -4.31
CA PHE A 309 -25.88 11.27 -3.74
C PHE A 309 -24.55 10.54 -3.74
N SER A 310 -23.49 11.24 -4.10
CA SER A 310 -22.18 10.66 -4.29
C SER A 310 -21.23 11.10 -3.20
N GLN A 311 -20.26 10.25 -2.91
CA GLN A 311 -19.14 10.54 -2.04
C GLN A 311 -17.86 10.53 -2.88
N LYS A 312 -16.71 10.51 -2.21
CA LYS A 312 -15.44 10.49 -2.93
C LYS A 312 -15.29 9.21 -3.74
N SER A 313 -15.54 8.05 -3.11
CA SER A 313 -15.36 6.76 -3.75
C SER A 313 -16.64 5.93 -3.73
N ALA A 314 -17.80 6.58 -3.71
CA ALA A 314 -19.06 5.85 -3.65
C ALA A 314 -20.17 6.69 -4.27
N ILE A 315 -21.16 5.99 -4.83
CA ILE A 315 -22.40 6.60 -5.31
C ILE A 315 -23.54 5.82 -4.68
N ASN A 316 -24.42 6.53 -3.97
CA ASN A 316 -25.48 5.89 -3.20
C ASN A 316 -26.84 6.25 -3.79
N ARG A 317 -27.85 5.45 -3.41
CA ARG A 317 -29.22 5.69 -3.82
C ARG A 317 -30.12 5.68 -2.59
N MET A 318 -31.16 6.52 -2.65
CA MET A 318 -32.06 6.70 -1.53
C MET A 318 -33.46 6.97 -2.07
N VAL A 319 -34.45 6.31 -1.47
CA VAL A 319 -35.84 6.51 -1.83
C VAL A 319 -36.56 7.23 -0.70
N ILE A 320 -37.75 7.76 -1.01
CA ILE A 320 -38.59 8.45 -0.03
C ILE A 320 -39.90 7.69 0.03
N ASP A 321 -40.11 6.96 1.13
CA ASP A 321 -41.26 6.08 1.26
C ASP A 321 -41.76 6.10 2.71
N GLU A 322 -42.89 5.42 2.92
CA GLU A 322 -43.45 5.30 4.27
C GLU A 322 -42.63 4.35 5.13
N GLN A 323 -42.08 3.29 4.53
CA GLN A 323 -41.22 2.37 5.26
C GLN A 323 -39.95 3.05 5.76
N GLN A 324 -39.52 4.12 5.09
CA GLN A 324 -38.20 4.72 5.32
C GLN A 324 -37.11 3.67 5.13
N SER A 325 -37.09 3.10 3.94
CA SER A 325 -36.10 2.10 3.59
C SER A 325 -34.70 2.71 3.65
N PRO A 326 -33.69 1.92 4.02
CA PRO A 326 -32.34 2.48 4.15
C PRO A 326 -31.70 2.74 2.80
N ASP A 327 -30.77 3.68 2.80
CA ASP A 327 -30.00 3.96 1.60
C ASP A 327 -28.99 2.84 1.34
N ILE A 328 -28.67 2.64 0.06
CA ILE A 328 -27.72 1.62 -0.34
C ILE A 328 -26.64 2.27 -1.19
N ILE A 329 -25.51 1.59 -1.30
CA ILE A 329 -24.44 1.98 -2.21
C ILE A 329 -24.60 1.18 -3.50
N LEU A 330 -24.47 1.86 -4.62
CA LEU A 330 -24.60 1.16 -5.89
C LEU A 330 -23.29 0.42 -6.22
N PRO A 331 -23.37 -0.80 -6.74
CA PRO A 331 -22.15 -1.56 -7.03
C PRO A 331 -21.38 -1.01 -8.22
N ILE A 332 -20.95 0.25 -8.15
CA ILE A 332 -20.14 0.86 -9.18
C ILE A 332 -18.67 0.63 -8.85
N HIS A 333 -17.93 0.06 -9.79
CA HIS A 333 -16.54 -0.32 -9.55
C HIS A 333 -15.58 0.81 -9.90
N SER A 334 -14.45 0.83 -9.20
CA SER A 334 -13.30 1.68 -9.54
C SER A 334 -13.62 3.17 -9.38
N LEU A 335 -14.39 3.51 -8.35
CA LEU A 335 -14.68 4.91 -8.06
C LEU A 335 -13.52 5.49 -7.24
N ARG A 336 -12.83 6.48 -7.80
CA ARG A 336 -11.65 7.06 -7.17
C ARG A 336 -11.94 8.39 -6.49
N ASN A 337 -12.46 9.36 -7.24
CA ASN A 337 -12.79 10.68 -6.67
C ASN A 337 -13.95 11.26 -7.48
N VAL A 338 -15.17 10.89 -7.09
CA VAL A 338 -16.36 11.35 -7.80
C VAL A 338 -16.62 12.81 -7.45
N ARG A 339 -16.72 13.65 -8.48
CA ARG A 339 -16.90 15.08 -8.31
C ARG A 339 -18.33 15.54 -8.55
N ALA A 340 -18.99 15.01 -9.58
CA ALA A 340 -20.38 15.36 -9.87
C ALA A 340 -21.05 14.15 -10.51
N ILE A 341 -22.39 14.16 -10.48
CA ILE A 341 -23.17 13.04 -11.01
C ILE A 341 -24.35 13.58 -11.82
N ASP A 342 -24.88 12.70 -12.67
CA ASP A 342 -26.09 12.97 -13.45
C ASP A 342 -26.67 11.63 -13.85
N TYR A 343 -27.88 11.67 -14.42
CA TYR A 343 -28.60 10.44 -14.72
C TYR A 343 -29.40 10.62 -16.00
N ASP A 344 -29.34 9.62 -16.88
CA ASP A 344 -30.14 9.62 -18.10
C ASP A 344 -31.37 8.75 -17.88
N PRO A 345 -32.56 9.33 -17.71
CA PRO A 345 -33.75 8.51 -17.44
C PRO A 345 -34.25 7.73 -18.64
N LEU A 346 -33.74 7.98 -19.84
CA LEU A 346 -34.21 7.26 -21.02
C LEU A 346 -33.62 5.85 -21.06
N ASP A 347 -32.30 5.74 -21.09
CA ASP A 347 -31.63 4.45 -21.05
C ASP A 347 -31.35 3.98 -19.63
N LYS A 348 -31.71 4.77 -18.61
CA LYS A 348 -31.56 4.40 -17.21
C LYS A 348 -30.10 4.07 -16.88
N GLN A 349 -29.23 5.05 -17.12
CA GLN A 349 -27.80 4.92 -16.83
C GLN A 349 -27.33 6.11 -16.01
N LEU A 350 -26.29 5.88 -15.21
CA LEU A 350 -25.75 6.87 -14.30
C LEU A 350 -24.45 7.43 -14.86
N TYR A 351 -24.31 8.76 -14.79
CA TYR A 351 -23.14 9.46 -15.26
C TYR A 351 -22.43 10.15 -14.09
N TRP A 352 -21.12 10.26 -14.19
CA TRP A 352 -20.35 10.93 -13.14
C TRP A 352 -19.01 11.38 -13.68
N ILE A 353 -18.40 12.31 -12.96
CA ILE A 353 -17.05 12.79 -13.24
C ILE A 353 -16.12 12.28 -12.15
N ASP A 354 -15.02 11.66 -12.55
CA ASP A 354 -13.98 11.23 -11.63
C ASP A 354 -12.78 12.17 -11.81
N SER A 355 -12.46 12.93 -10.78
CA SER A 355 -11.43 13.96 -10.90
C SER A 355 -10.03 13.38 -10.91
N ARG A 356 -9.81 12.25 -10.23
CA ARG A 356 -8.48 11.63 -10.25
C ARG A 356 -8.18 11.01 -11.61
N GLN A 357 -9.17 10.32 -12.19
CA GLN A 357 -9.00 9.75 -13.51
C GLN A 357 -9.21 10.79 -14.62
N ASN A 358 -9.84 11.91 -14.30
CA ASN A 358 -10.11 12.98 -15.26
C ASN A 358 -10.91 12.46 -16.45
N MET A 359 -12.00 11.76 -16.15
CA MET A 359 -12.87 11.21 -17.17
C MET A 359 -14.33 11.47 -16.79
N ILE A 360 -15.21 11.31 -17.78
CA ILE A 360 -16.65 11.25 -17.56
C ILE A 360 -17.09 9.83 -17.90
N ARG A 361 -17.59 9.11 -16.90
CA ARG A 361 -17.93 7.71 -17.08
C ARG A 361 -19.44 7.50 -17.00
N LYS A 362 -19.84 6.29 -17.39
CA LYS A 362 -21.24 5.89 -17.49
C LYS A 362 -21.35 4.43 -17.08
N ALA A 363 -22.48 4.09 -16.47
CA ALA A 363 -22.73 2.71 -16.07
C ALA A 363 -24.20 2.54 -15.69
N GLN A 364 -24.64 1.29 -15.69
CA GLN A 364 -25.94 0.94 -15.14
C GLN A 364 -25.87 0.98 -13.62
N GLU A 365 -27.05 1.06 -12.99
CA GLU A 365 -27.11 1.13 -11.53
C GLU A 365 -26.56 -0.13 -10.87
N ASP A 366 -26.56 -1.26 -11.57
CA ASP A 366 -25.97 -2.48 -11.05
C ASP A 366 -24.50 -2.63 -11.39
N GLY A 367 -23.89 -1.58 -11.95
CA GLY A 367 -22.46 -1.58 -12.24
C GLY A 367 -22.07 -2.08 -13.60
N SER A 368 -22.98 -2.74 -14.33
CA SER A 368 -22.65 -3.34 -15.61
C SER A 368 -22.56 -2.30 -16.71
N GLN A 369 -21.94 -2.70 -17.82
CA GLN A 369 -21.84 -1.89 -19.03
C GLN A 369 -21.19 -0.53 -18.76
N GLY A 370 -20.07 -0.56 -18.05
CA GLY A 370 -19.30 0.65 -17.84
C GLY A 370 -18.71 1.15 -19.16
N PHE A 371 -18.72 2.48 -19.32
CA PHE A 371 -18.26 3.10 -20.56
C PHE A 371 -17.73 4.48 -20.26
N THR A 372 -16.58 4.81 -20.83
CA THR A 372 -15.99 6.13 -20.67
C THR A 372 -16.46 7.03 -21.80
N VAL A 373 -17.07 8.16 -21.46
CA VAL A 373 -17.63 9.05 -22.47
C VAL A 373 -16.59 10.04 -22.98
N VAL A 374 -15.82 10.64 -22.08
CA VAL A 374 -14.74 11.57 -22.43
C VAL A 374 -13.55 11.29 -21.53
N VAL A 375 -12.35 11.26 -22.11
CA VAL A 375 -11.13 11.08 -21.32
C VAL A 375 -10.06 12.07 -21.78
N GLU A 384 -3.76 17.93 -21.08
CA GLU A 384 -4.81 17.09 -20.50
C GLU A 384 -6.07 17.91 -20.25
N ILE A 385 -7.15 17.22 -19.88
CA ILE A 385 -8.43 17.86 -19.59
C ILE A 385 -8.80 17.57 -18.14
N GLN A 386 -9.69 18.42 -17.62
CA GLN A 386 -10.19 18.26 -16.24
C GLN A 386 -11.67 18.62 -16.21
N PRO A 387 -12.54 17.64 -16.45
CA PRO A 387 -13.98 17.90 -16.33
C PRO A 387 -14.35 18.27 -14.89
N TYR A 388 -15.11 19.35 -14.76
CA TYR A 388 -15.49 19.87 -13.45
C TYR A 388 -16.94 19.53 -13.10
N ASP A 389 -17.91 20.03 -13.86
CA ASP A 389 -19.31 19.75 -13.64
C ASP A 389 -19.94 19.32 -14.95
N LEU A 390 -21.07 18.62 -14.86
CA LEU A 390 -21.76 18.12 -16.03
C LEU A 390 -23.27 18.25 -15.86
N SER A 391 -23.97 18.34 -16.99
CA SER A 391 -25.42 18.44 -17.01
C SER A 391 -25.91 17.88 -18.34
N ILE A 392 -26.86 16.94 -18.28
CA ILE A 392 -27.28 16.17 -19.44
C ILE A 392 -28.51 16.82 -20.08
N ASP A 393 -28.46 16.98 -21.40
CA ASP A 393 -29.64 17.32 -22.21
C ASP A 393 -30.21 16.00 -22.69
N ILE A 394 -31.26 15.52 -22.01
CA ILE A 394 -31.82 14.20 -22.31
C ILE A 394 -32.60 14.16 -23.62
N TYR A 395 -32.94 15.32 -24.19
CA TYR A 395 -33.70 15.34 -25.43
C TYR A 395 -32.79 15.27 -26.65
N SER A 396 -31.71 16.03 -26.66
CA SER A 396 -30.70 15.96 -27.72
C SER A 396 -29.62 14.93 -27.43
N ARG A 397 -29.69 14.25 -26.28
CA ARG A 397 -28.73 13.21 -25.90
C ARG A 397 -27.31 13.77 -25.81
N TYR A 398 -27.19 14.96 -25.22
CA TYR A 398 -25.90 15.63 -25.08
C TYR A 398 -25.52 15.80 -23.62
N ILE A 399 -24.22 15.86 -23.37
CA ILE A 399 -23.67 16.20 -22.07
C ILE A 399 -22.99 17.56 -22.17
N TYR A 400 -23.44 18.50 -21.36
CA TYR A 400 -22.80 19.80 -21.22
C TYR A 400 -21.89 19.75 -20.00
N TRP A 401 -20.59 19.95 -20.21
CA TRP A 401 -19.63 19.88 -19.12
C TRP A 401 -18.62 21.01 -19.24
N THR A 402 -18.09 21.43 -18.10
CA THR A 402 -17.09 22.46 -18.02
C THR A 402 -15.72 21.84 -17.80
N CYS A 403 -14.71 22.38 -18.45
CA CYS A 403 -13.33 21.90 -18.32
C CYS A 403 -12.56 22.86 -17.43
N GLU A 404 -12.09 22.36 -16.27
CA GLU A 404 -11.34 23.19 -15.34
C GLU A 404 -9.97 23.60 -15.88
N ALA A 405 -9.36 22.81 -16.76
CA ALA A 405 -8.04 23.11 -17.30
C ALA A 405 -8.06 24.12 -18.44
N THR A 406 -8.99 23.97 -19.39
CA THR A 406 -9.07 24.86 -20.55
C THR A 406 -10.15 25.93 -20.41
N ASN A 407 -11.02 25.83 -19.40
CA ASN A 407 -12.04 26.84 -19.11
C ASN A 407 -12.99 27.03 -20.28
N VAL A 408 -13.65 25.94 -20.67
CA VAL A 408 -14.61 25.94 -21.77
C VAL A 408 -15.84 25.14 -21.35
N ILE A 409 -16.92 25.33 -22.12
CA ILE A 409 -18.11 24.49 -22.04
C ILE A 409 -18.10 23.60 -23.27
N ASN A 410 -17.82 22.32 -23.07
CA ASN A 410 -17.67 21.35 -24.14
C ASN A 410 -18.90 20.46 -24.19
N VAL A 411 -19.35 20.11 -25.39
CA VAL A 411 -20.59 19.36 -25.59
C VAL A 411 -20.24 18.02 -26.21
N THR A 412 -20.78 16.95 -25.64
CA THR A 412 -20.46 15.59 -26.05
C THR A 412 -21.72 14.73 -26.07
N ARG A 413 -21.85 13.93 -27.14
CA ARG A 413 -22.95 12.97 -27.21
C ARG A 413 -22.76 11.87 -26.16
N LEU A 414 -23.88 11.17 -25.88
CA LEU A 414 -23.84 10.14 -24.85
C LEU A 414 -22.94 8.98 -25.23
N ASP A 415 -22.72 8.76 -26.53
CA ASP A 415 -21.87 7.67 -26.99
C ASP A 415 -20.41 8.05 -27.09
N GLY A 416 -20.04 9.28 -26.70
CA GLY A 416 -18.67 9.71 -26.68
C GLY A 416 -18.24 10.58 -27.85
N ARG A 417 -19.06 10.71 -28.88
CA ARG A 417 -18.70 11.54 -30.03
C ARG A 417 -18.83 13.02 -29.67
N SER A 418 -17.79 13.79 -29.94
CA SER A 418 -17.75 15.18 -29.55
C SER A 418 -18.63 16.03 -30.46
N VAL A 419 -19.42 16.92 -29.86
CA VAL A 419 -20.17 17.90 -30.62
C VAL A 419 -19.38 19.18 -30.83
N GLY A 420 -18.73 19.68 -29.78
CA GLY A 420 -17.87 20.82 -29.89
C GLY A 420 -17.98 21.70 -28.65
N VAL A 421 -17.31 22.85 -28.71
CA VAL A 421 -17.26 23.80 -27.61
C VAL A 421 -18.22 24.94 -27.91
N VAL A 422 -19.11 25.23 -26.96
CA VAL A 422 -20.10 26.29 -27.12
C VAL A 422 -19.77 27.54 -26.31
N LEU A 423 -18.79 27.48 -25.42
CA LEU A 423 -18.38 28.66 -24.67
C LEU A 423 -16.88 28.59 -24.40
N LYS A 424 -16.16 29.57 -24.92
CA LYS A 424 -14.76 29.79 -24.57
C LYS A 424 -14.58 31.30 -24.41
N GLY A 425 -13.52 31.68 -23.71
CA GLY A 425 -13.30 33.10 -23.58
C GLY A 425 -12.22 33.53 -22.61
N GLU A 426 -11.52 34.60 -22.99
CA GLU A 426 -10.64 35.32 -22.09
C GLU A 426 -11.39 35.66 -20.80
N GLN A 427 -10.73 35.44 -19.66
CA GLN A 427 -11.27 35.76 -18.34
C GLN A 427 -12.33 34.76 -17.89
N ASP A 428 -12.86 33.94 -18.80
CA ASP A 428 -13.95 33.03 -18.42
C ASP A 428 -13.44 31.85 -17.61
N ARG A 429 -14.16 31.52 -16.53
CA ARG A 429 -13.86 30.37 -15.67
C ARG A 429 -15.14 29.62 -15.38
N PRO A 430 -15.71 28.94 -16.38
CA PRO A 430 -16.97 28.23 -16.16
C PRO A 430 -16.79 27.01 -15.28
N ARG A 431 -17.70 26.85 -14.32
CA ARG A 431 -17.60 25.76 -13.35
C ARG A 431 -18.89 24.96 -13.24
N ALA A 432 -19.76 25.33 -12.30
CA ALA A 432 -21.06 24.68 -12.20
C ALA A 432 -21.88 24.96 -13.45
N VAL A 433 -22.78 24.02 -13.77
CA VAL A 433 -23.57 24.15 -14.99
C VAL A 433 -24.85 23.33 -14.83
N VAL A 434 -25.94 23.89 -15.35
CA VAL A 434 -27.22 23.17 -15.49
C VAL A 434 -27.85 23.62 -16.80
N VAL A 435 -28.39 22.66 -17.54
CA VAL A 435 -29.04 22.94 -18.82
C VAL A 435 -30.55 22.99 -18.62
N ASN A 436 -31.20 23.82 -19.41
CA ASN A 436 -32.66 23.93 -19.43
C ASN A 436 -33.13 23.79 -20.87
N PRO A 437 -33.03 22.58 -21.44
CA PRO A 437 -33.40 22.40 -22.85
C PRO A 437 -34.88 22.61 -23.14
N GLU A 438 -35.73 22.59 -22.11
CA GLU A 438 -37.15 22.88 -22.33
C GLU A 438 -37.35 24.31 -22.79
N LYS A 439 -36.43 25.22 -22.43
CA LYS A 439 -36.50 26.61 -22.85
C LYS A 439 -35.38 27.02 -23.78
N GLY A 440 -34.34 26.21 -23.92
CA GLY A 440 -33.25 26.52 -24.82
C GLY A 440 -32.13 27.34 -24.22
N TYR A 441 -31.88 27.22 -22.92
CA TYR A 441 -30.85 27.99 -22.25
C TYR A 441 -30.07 27.10 -21.29
N MET A 442 -28.88 27.59 -20.92
CA MET A 442 -28.06 26.95 -19.90
C MET A 442 -27.63 27.99 -18.88
N TYR A 443 -27.36 27.51 -17.66
CA TYR A 443 -26.97 28.38 -16.56
C TYR A 443 -25.67 27.84 -15.96
N PHE A 444 -24.72 28.74 -15.73
CA PHE A 444 -23.42 28.32 -15.22
C PHE A 444 -22.84 29.40 -14.33
N THR A 445 -22.03 28.96 -13.37
CA THR A 445 -21.26 29.87 -12.52
C THR A 445 -19.95 30.19 -13.21
N ASN A 446 -19.54 31.46 -13.12
CA ASN A 446 -18.30 31.95 -13.73
C ASN A 446 -17.41 32.47 -12.62
N LEU A 447 -16.47 31.65 -12.17
CA LEU A 447 -15.59 32.00 -11.05
C LEU A 447 -14.37 32.76 -11.55
N GLN A 448 -14.64 33.94 -12.13
CA GLN A 448 -13.57 34.84 -12.50
C GLN A 448 -12.87 35.37 -11.26
N GLU A 449 -11.62 35.80 -11.44
CA GLU A 449 -10.79 36.16 -10.30
C GLU A 449 -11.37 37.38 -9.58
N ARG A 450 -11.76 37.17 -8.31
CA ARG A 450 -12.28 38.21 -7.43
C ARG A 450 -13.55 38.86 -7.97
N SER A 451 -14.28 38.16 -8.83
CA SER A 451 -15.56 38.66 -9.35
C SER A 451 -16.37 37.46 -9.84
N PRO A 452 -16.90 36.67 -8.91
CA PRO A 452 -17.72 35.51 -9.30
C PRO A 452 -19.07 35.96 -9.86
N LYS A 453 -19.56 35.21 -10.83
CA LYS A 453 -20.80 35.56 -11.52
C LYS A 453 -21.62 34.30 -11.77
N ILE A 454 -22.93 34.49 -11.86
CA ILE A 454 -23.87 33.48 -12.32
C ILE A 454 -24.46 33.97 -13.63
N GLU A 455 -24.17 33.26 -14.72
CA GLU A 455 -24.51 33.74 -16.06
C GLU A 455 -25.51 32.79 -16.72
N ARG A 456 -26.13 33.30 -17.79
CA ARG A 456 -27.03 32.54 -18.62
C ARG A 456 -26.65 32.74 -20.08
N ALA A 457 -26.91 31.72 -20.89
CA ALA A 457 -26.68 31.79 -22.32
C ALA A 457 -27.53 30.74 -23.00
N ALA A 458 -27.75 30.93 -24.29
CA ALA A 458 -28.40 29.90 -25.09
C ALA A 458 -27.50 28.66 -25.15
N LEU A 459 -28.13 27.52 -25.43
CA LEU A 459 -27.39 26.25 -25.42
C LEU A 459 -26.35 26.17 -26.52
N ASP A 460 -26.28 27.16 -27.42
CA ASP A 460 -25.22 27.24 -28.41
C ASP A 460 -24.14 28.24 -28.02
N GLY A 461 -24.25 28.87 -26.85
CA GLY A 461 -23.29 29.83 -26.38
C GLY A 461 -23.64 31.28 -26.64
N THR A 462 -24.69 31.54 -27.42
CA THR A 462 -25.08 32.91 -27.72
C THR A 462 -25.99 33.45 -26.62
N GLU A 463 -26.35 34.73 -26.75
CA GLU A 463 -27.23 35.41 -25.79
C GLU A 463 -26.67 35.33 -24.37
N ARG A 464 -25.38 35.61 -24.23
CA ARG A 464 -24.74 35.60 -22.92
C ARG A 464 -25.30 36.74 -22.06
N GLU A 465 -25.69 36.41 -20.83
CA GLU A 465 -26.21 37.39 -19.90
C GLU A 465 -25.71 37.06 -18.50
N VAL A 466 -25.13 38.06 -17.84
CA VAL A 466 -24.77 37.93 -16.42
C VAL A 466 -26.03 38.20 -15.60
N LEU A 467 -26.55 37.16 -14.95
CA LEU A 467 -27.73 37.34 -14.12
C LEU A 467 -27.40 38.00 -12.79
N PHE A 468 -26.32 37.56 -12.14
CA PHE A 468 -25.95 38.06 -10.84
C PHE A 468 -24.43 38.25 -10.76
N PHE A 469 -24.02 39.36 -10.15
CA PHE A 469 -22.62 39.70 -10.00
C PHE A 469 -22.27 40.18 -8.59
N SER A 470 -23.25 40.24 -7.69
CA SER A 470 -23.05 40.72 -6.33
C SER A 470 -23.66 39.74 -5.35
N GLY A 471 -23.25 39.86 -4.09
CA GLY A 471 -23.67 38.91 -3.08
C GLY A 471 -23.16 37.51 -3.33
N LEU A 472 -22.03 37.38 -4.01
CA LEU A 472 -21.45 36.08 -4.34
C LEU A 472 -19.99 36.06 -3.89
N SER A 473 -19.50 34.86 -3.57
CA SER A 473 -18.11 34.68 -3.22
C SER A 473 -17.56 33.43 -3.90
N LYS A 474 -18.16 32.28 -3.57
CA LYS A 474 -17.82 31.01 -4.23
C LYS A 474 -19.11 30.25 -4.49
N PRO A 475 -19.89 30.67 -5.50
CA PRO A 475 -21.06 29.88 -5.89
C PRO A 475 -20.63 28.57 -6.51
N ILE A 476 -20.95 27.45 -5.84
CA ILE A 476 -20.35 26.17 -6.17
C ILE A 476 -21.34 25.15 -6.70
N ALA A 477 -22.64 25.33 -6.51
CA ALA A 477 -23.63 24.35 -6.91
C ALA A 477 -24.80 25.05 -7.62
N LEU A 478 -25.42 24.31 -8.54
CA LEU A 478 -26.54 24.83 -9.31
C LEU A 478 -27.62 23.77 -9.44
N ALA A 479 -28.87 24.19 -9.35
CA ALA A 479 -30.02 23.34 -9.60
C ALA A 479 -31.08 24.14 -10.34
N LEU A 480 -32.00 23.42 -10.98
CA LEU A 480 -33.02 24.06 -11.79
C LEU A 480 -34.27 23.20 -11.78
N ASP A 481 -35.43 23.86 -11.75
CA ASP A 481 -36.73 23.20 -11.88
C ASP A 481 -37.52 23.96 -12.93
N SER A 482 -37.73 23.32 -14.08
CA SER A 482 -38.31 24.02 -15.22
C SER A 482 -39.80 24.33 -15.01
N ARG A 483 -40.52 23.46 -14.30
CA ARG A 483 -41.95 23.67 -14.12
C ARG A 483 -42.22 24.87 -13.22
N LEU A 484 -41.38 25.11 -12.23
CA LEU A 484 -41.55 26.24 -11.32
C LEU A 484 -40.85 27.51 -11.82
N GLY A 485 -39.99 27.40 -12.83
CA GLY A 485 -39.27 28.56 -13.31
C GLY A 485 -38.31 29.13 -12.30
N LYS A 486 -37.57 28.28 -11.60
CA LYS A 486 -36.70 28.69 -10.51
C LYS A 486 -35.28 28.20 -10.75
N LEU A 487 -34.31 29.07 -10.48
CA LEU A 487 -32.90 28.71 -10.45
C LEU A 487 -32.44 28.69 -9.00
N PHE A 488 -31.58 27.73 -8.66
CA PHE A 488 -31.06 27.59 -7.31
C PHE A 488 -29.54 27.50 -7.35
N TRP A 489 -28.89 28.16 -6.39
CA TRP A 489 -27.44 28.08 -6.27
C TRP A 489 -27.05 28.12 -4.80
N ALA A 490 -25.90 27.53 -4.50
CA ALA A 490 -25.36 27.49 -3.14
C ALA A 490 -23.99 28.13 -3.15
N ASP A 491 -23.73 28.99 -2.17
CA ASP A 491 -22.46 29.69 -2.03
C ASP A 491 -21.73 29.08 -0.83
N SER A 492 -20.60 28.41 -1.10
CA SER A 492 -19.88 27.73 -0.03
C SER A 492 -19.14 28.70 0.89
N ASP A 493 -18.68 29.85 0.36
CA ASP A 493 -18.01 30.82 1.21
C ASP A 493 -19.01 31.61 2.06
N LEU A 494 -20.00 32.22 1.41
CA LEU A 494 -21.02 32.96 2.15
C LEU A 494 -21.95 32.06 2.94
N ARG A 495 -21.92 30.74 2.69
CA ARG A 495 -22.66 29.76 3.49
C ARG A 495 -24.16 30.02 3.45
N ARG A 496 -24.71 30.02 2.25
CA ARG A 496 -26.14 30.24 2.09
C ARG A 496 -26.61 29.66 0.76
N ILE A 497 -27.93 29.50 0.65
CA ILE A 497 -28.59 28.98 -0.54
C ILE A 497 -29.60 30.02 -1.01
N GLU A 498 -29.54 30.36 -2.30
CA GLU A 498 -30.42 31.38 -2.86
C GLU A 498 -31.25 30.80 -4.00
N SER A 499 -32.22 31.59 -4.44
CA SER A 499 -33.12 31.20 -5.51
C SER A 499 -33.56 32.44 -6.28
N SER A 500 -33.94 32.23 -7.54
CA SER A 500 -34.43 33.31 -8.38
C SER A 500 -35.21 32.70 -9.54
N ASP A 501 -35.90 33.56 -10.27
CA ASP A 501 -36.57 33.14 -11.49
C ASP A 501 -35.55 32.87 -12.58
N LEU A 502 -35.99 32.11 -13.60
CA LEU A 502 -35.11 31.84 -14.73
C LEU A 502 -34.76 33.12 -15.49
N SER A 503 -35.63 34.12 -15.42
CA SER A 503 -35.33 35.42 -16.02
C SER A 503 -34.28 36.19 -15.21
N GLY A 504 -34.03 35.78 -13.97
CA GLY A 504 -33.12 36.48 -13.09
C GLY A 504 -33.80 37.35 -12.05
N ALA A 505 -35.11 37.51 -12.12
CA ALA A 505 -35.82 38.34 -11.17
C ALA A 505 -36.16 37.56 -9.90
N ASN A 506 -36.50 38.31 -8.85
CA ASN A 506 -36.96 37.75 -7.57
C ASN A 506 -35.87 36.88 -6.93
N ARG A 507 -34.71 37.50 -6.71
CA ARG A 507 -33.64 36.85 -5.97
C ARG A 507 -33.98 36.88 -4.48
N ILE A 508 -33.80 35.74 -3.81
CA ILE A 508 -34.16 35.61 -2.39
C ILE A 508 -33.22 34.59 -1.76
N VAL A 509 -32.86 34.83 -0.51
CA VAL A 509 -32.10 33.87 0.28
C VAL A 509 -33.05 32.85 0.88
N LEU A 510 -32.80 31.57 0.62
CA LEU A 510 -33.64 30.52 1.17
C LEU A 510 -33.18 30.10 2.57
N GLU A 511 -31.88 29.85 2.74
CA GLU A 511 -31.30 29.50 4.02
C GLU A 511 -29.91 30.11 4.12
N ASP A 512 -29.56 30.62 5.30
CA ASP A 512 -28.24 31.20 5.52
C ASP A 512 -27.75 30.99 6.95
N SER A 513 -28.24 29.95 7.62
CA SER A 513 -27.86 29.66 9.00
C SER A 513 -27.68 28.17 9.17
N ASN A 514 -26.76 27.80 10.07
CA ASN A 514 -26.44 26.39 10.33
C ASN A 514 -26.06 25.66 9.04
N ILE A 515 -25.32 26.35 8.18
CA ILE A 515 -24.82 25.80 6.93
C ILE A 515 -23.33 26.07 6.87
N LEU A 516 -22.53 25.01 6.75
CA LEU A 516 -21.08 25.12 6.79
C LEU A 516 -20.46 25.10 5.39
N GLN A 517 -20.73 24.04 4.61
CA GLN A 517 -20.10 23.87 3.30
C GLN A 517 -21.10 23.22 2.35
N PRO A 518 -21.99 24.00 1.75
CA PRO A 518 -22.91 23.45 0.75
C PRO A 518 -22.19 23.24 -0.58
N VAL A 519 -22.30 22.03 -1.14
CA VAL A 519 -21.55 21.67 -2.33
C VAL A 519 -22.42 20.94 -3.35
N GLY A 520 -23.74 20.96 -3.14
CA GLY A 520 -24.64 20.27 -4.05
C GLY A 520 -26.10 20.62 -3.87
N LEU A 521 -26.86 20.58 -4.96
CA LEU A 521 -28.28 20.92 -4.94
C LEU A 521 -29.04 20.01 -5.89
N THR A 522 -30.32 19.78 -5.56
CA THR A 522 -31.22 19.06 -6.44
C THR A 522 -32.65 19.30 -5.95
N VAL A 523 -33.61 19.05 -6.83
CA VAL A 523 -35.03 19.25 -6.55
C VAL A 523 -35.75 17.92 -6.72
N PHE A 524 -36.49 17.52 -5.69
CA PHE A 524 -37.26 16.27 -5.73
C PHE A 524 -38.63 16.52 -6.33
N GLU A 525 -39.62 16.82 -5.48
CA GLU A 525 -40.92 17.27 -5.96
C GLU A 525 -41.02 18.75 -5.67
N ASN A 526 -41.48 19.16 -4.50
CA ASN A 526 -41.46 20.55 -4.07
C ASN A 526 -40.39 20.79 -3.00
N TRP A 527 -39.45 19.87 -2.86
CA TRP A 527 -38.38 19.97 -1.88
C TRP A 527 -37.07 20.31 -2.58
N LEU A 528 -36.27 21.16 -1.94
CA LEU A 528 -34.93 21.47 -2.41
C LEU A 528 -33.93 20.76 -1.48
N TYR A 529 -33.26 19.75 -2.01
CA TYR A 529 -32.26 19.00 -1.27
C TYR A 529 -30.88 19.64 -1.46
N TRP A 530 -30.06 19.53 -0.42
CA TRP A 530 -28.66 19.97 -0.53
C TRP A 530 -27.81 19.13 0.41
N ILE A 531 -26.51 19.14 0.15
CA ILE A 531 -25.54 18.38 0.92
C ILE A 531 -24.53 19.33 1.54
N ASP A 532 -24.27 19.15 2.83
CA ASP A 532 -23.32 19.95 3.58
C ASP A 532 -22.11 19.07 3.85
N LYS A 533 -21.03 19.27 3.09
CA LYS A 533 -19.87 18.40 3.19
C LYS A 533 -19.23 18.47 4.57
N GLN A 534 -19.18 19.66 5.16
CA GLN A 534 -18.51 19.80 6.45
C GLN A 534 -19.38 19.24 7.58
N GLN A 535 -20.68 19.51 7.55
CA GLN A 535 -21.59 18.91 8.52
C GLN A 535 -21.88 17.44 8.23
N GLN A 536 -21.49 16.95 7.05
CA GLN A 536 -21.73 15.56 6.65
C GLN A 536 -23.22 15.23 6.68
N MET A 537 -24.01 16.08 6.01
CA MET A 537 -25.45 16.01 6.13
C MET A 537 -26.13 16.21 4.78
N ILE A 538 -27.33 15.64 4.66
CA ILE A 538 -28.27 15.95 3.59
C ILE A 538 -29.50 16.56 4.25
N GLU A 539 -29.93 17.71 3.76
CA GLU A 539 -31.09 18.41 4.30
C GLU A 539 -32.02 18.79 3.16
N LYS A 540 -33.20 19.30 3.52
CA LYS A 540 -34.20 19.67 2.54
C LYS A 540 -35.11 20.73 3.13
N ILE A 541 -35.64 21.59 2.25
CA ILE A 541 -36.61 22.60 2.63
C ILE A 541 -37.80 22.51 1.68
N ASP A 542 -38.98 22.83 2.19
CA ASP A 542 -40.22 22.76 1.44
C ASP A 542 -40.40 24.06 0.67
N MET A 543 -40.34 24.00 -0.66
CA MET A 543 -40.45 25.19 -1.48
C MET A 543 -41.88 25.73 -1.54
N THR A 544 -42.88 24.92 -1.18
CA THR A 544 -44.23 25.45 -1.02
C THR A 544 -44.39 26.25 0.26
N GLY A 545 -43.44 26.16 1.19
CA GLY A 545 -43.47 26.92 2.42
C GLY A 545 -44.33 26.34 3.52
N ARG A 546 -44.96 25.19 3.30
CA ARG A 546 -45.89 24.65 4.29
C ARG A 546 -45.15 23.96 5.44
N GLU A 547 -44.23 23.06 5.11
CA GLU A 547 -43.47 22.33 6.11
C GLU A 547 -42.07 22.94 6.26
N GLY A 548 -41.41 22.56 7.36
CA GLY A 548 -40.16 23.17 7.74
C GLY A 548 -38.92 22.44 7.24
N ARG A 549 -37.78 23.02 7.56
CA ARG A 549 -36.49 22.46 7.16
C ARG A 549 -36.18 21.23 8.01
N THR A 550 -35.85 20.12 7.35
CA THR A 550 -35.61 18.86 8.03
C THR A 550 -34.31 18.24 7.57
N LYS A 551 -33.65 17.54 8.50
CA LYS A 551 -32.55 16.66 8.18
C LYS A 551 -33.09 15.34 7.65
N VAL A 552 -32.35 14.73 6.72
CA VAL A 552 -32.80 13.45 6.18
C VAL A 552 -31.75 12.36 6.43
N GLN A 553 -30.48 12.75 6.52
CA GLN A 553 -29.43 11.81 6.87
C GLN A 553 -28.17 12.56 7.28
N ALA A 554 -27.47 12.03 8.27
CA ALA A 554 -26.27 12.65 8.82
C ALA A 554 -25.12 11.66 8.84
N ARG A 555 -23.94 12.16 9.22
CA ARG A 555 -22.73 11.35 9.35
C ARG A 555 -22.35 10.69 8.02
N ILE A 556 -22.43 11.46 6.93
CA ILE A 556 -22.06 10.98 5.60
C ILE A 556 -20.78 11.70 5.19
N ALA A 557 -19.67 10.97 5.17
CA ALA A 557 -18.37 11.56 4.96
C ALA A 557 -18.10 11.79 3.47
N GLN A 558 -17.36 12.87 3.19
CA GLN A 558 -16.83 13.16 1.85
C GLN A 558 -17.94 13.30 0.81
N LEU A 559 -19.02 13.99 1.19
CA LEU A 559 -20.11 14.23 0.26
C LEU A 559 -19.62 15.02 -0.95
N SER A 560 -20.17 14.69 -2.12
CA SER A 560 -19.66 15.25 -3.37
C SER A 560 -20.76 15.90 -4.20
N ASP A 561 -21.87 15.20 -4.41
CA ASP A 561 -22.95 15.72 -5.23
C ASP A 561 -24.25 15.01 -4.83
N ILE A 562 -25.36 15.56 -5.30
CA ILE A 562 -26.68 14.97 -5.07
C ILE A 562 -27.56 15.30 -6.27
N HIS A 563 -28.36 14.32 -6.68
CA HIS A 563 -29.13 14.44 -7.92
C HIS A 563 -30.41 13.62 -7.81
N ALA A 564 -31.55 14.26 -8.05
CA ALA A 564 -32.84 13.60 -7.98
C ALA A 564 -33.24 13.06 -9.35
N VAL A 565 -33.90 11.90 -9.35
CA VAL A 565 -34.32 11.24 -10.57
C VAL A 565 -35.83 11.06 -10.53
N LYS A 566 -36.53 11.75 -11.42
CA LYS A 566 -37.97 11.61 -11.57
C LYS A 566 -38.27 10.58 -12.67
N GLU A 567 -39.36 9.83 -12.47
CA GLU A 567 -39.80 8.90 -13.50
C GLU A 567 -40.08 9.63 -14.80
N LEU A 568 -39.52 9.13 -15.90
CA LEU A 568 -39.62 9.81 -17.18
C LEU A 568 -41.02 9.67 -17.76
N ASN A 569 -41.66 10.80 -18.06
CA ASN A 569 -42.92 10.80 -18.79
C ASN A 569 -42.60 10.59 -20.27
N LEU A 570 -42.93 9.41 -20.79
CA LEU A 570 -42.62 9.10 -22.18
C LEU A 570 -43.36 10.02 -23.14
N GLN A 571 -44.61 10.37 -22.81
CA GLN A 571 -45.39 11.24 -23.69
C GLN A 571 -44.82 12.65 -23.74
N GLU A 572 -44.56 13.24 -22.57
CA GLU A 572 -43.99 14.58 -22.53
C GLU A 572 -42.60 14.63 -23.16
N TYR A 573 -41.84 13.52 -23.07
CA TYR A 573 -40.52 13.49 -23.67
C TYR A 573 -40.59 13.50 -25.19
N ARG A 574 -41.43 12.63 -25.77
CA ARG A 574 -41.53 12.55 -27.22
C ARG A 574 -42.15 13.79 -27.84
N GLN A 575 -42.79 14.64 -27.04
CA GLN A 575 -43.33 15.89 -27.56
C GLN A 575 -42.29 17.00 -27.65
N HIS A 576 -41.12 16.82 -27.03
CA HIS A 576 -40.06 17.80 -27.18
C HIS A 576 -39.53 17.74 -28.62
N PRO A 577 -39.46 18.88 -29.31
CA PRO A 577 -39.14 18.85 -30.75
C PRO A 577 -37.73 18.36 -31.07
N CYS A 578 -36.81 18.41 -30.12
CA CYS A 578 -35.46 17.88 -30.34
C CYS A 578 -35.34 16.41 -30.01
N ALA A 579 -36.39 15.80 -29.46
CA ALA A 579 -36.33 14.38 -29.09
C ALA A 579 -36.40 13.46 -30.31
N GLN A 580 -36.93 13.94 -31.43
CA GLN A 580 -37.04 13.14 -32.65
C GLN A 580 -35.94 13.59 -33.61
N ASP A 581 -34.83 12.84 -33.63
CA ASP A 581 -33.72 13.08 -34.54
C ASP A 581 -33.23 14.53 -34.47
N ASN A 582 -33.16 15.06 -33.26
CA ASN A 582 -32.54 16.36 -32.97
C ASN A 582 -33.17 17.50 -33.78
N GLY A 583 -34.45 17.35 -34.14
CA GLY A 583 -35.12 18.37 -34.91
C GLY A 583 -34.50 18.63 -36.27
N GLY A 584 -33.85 17.63 -36.86
CA GLY A 584 -33.19 17.79 -38.14
C GLY A 584 -31.83 18.46 -38.08
N CYS A 585 -31.39 18.90 -36.92
CA CYS A 585 -30.12 19.59 -36.80
C CYS A 585 -28.96 18.60 -36.72
N SER A 586 -27.83 18.97 -37.33
CA SER A 586 -26.65 18.12 -37.28
C SER A 586 -25.92 18.23 -35.95
N HIS A 587 -26.11 19.33 -35.22
CA HIS A 587 -25.42 19.52 -33.96
C HIS A 587 -26.39 19.96 -32.86
N ILE A 588 -26.54 21.27 -32.68
CA ILE A 588 -27.30 21.82 -31.55
C ILE A 588 -28.71 22.13 -32.00
N CYS A 589 -29.69 21.60 -31.28
CA CYS A 589 -31.10 21.86 -31.50
C CYS A 589 -31.60 22.79 -30.39
N LEU A 590 -32.20 23.91 -30.78
CA LEU A 590 -32.56 24.99 -29.86
C LEU A 590 -34.05 25.23 -29.92
N VAL A 591 -34.70 25.15 -28.76
CA VAL A 591 -36.13 25.46 -28.65
C VAL A 591 -36.30 26.97 -28.54
N LYS A 592 -37.23 27.52 -29.31
CA LYS A 592 -37.54 28.94 -29.27
C LYS A 592 -38.70 29.21 -28.31
N GLY A 593 -38.94 30.50 -28.07
CA GLY A 593 -40.12 30.89 -27.32
C GLY A 593 -41.41 30.54 -28.05
N ASP A 594 -41.36 30.40 -29.37
CA ASP A 594 -42.52 29.95 -30.12
C ASP A 594 -42.92 28.52 -29.77
N GLY A 595 -41.93 27.68 -29.43
CA GLY A 595 -42.11 26.25 -29.31
C GLY A 595 -41.50 25.47 -30.44
N THR A 596 -41.19 26.13 -31.56
CA THR A 596 -40.47 25.52 -32.67
C THR A 596 -38.97 25.52 -32.37
N THR A 597 -38.18 25.08 -33.35
CA THR A 597 -36.76 24.86 -33.14
C THR A 597 -35.91 25.63 -34.14
N ARG A 598 -34.69 25.96 -33.71
CA ARG A 598 -33.61 26.38 -34.59
C ARG A 598 -32.52 25.32 -34.57
N CYS A 599 -31.56 25.49 -35.47
CA CYS A 599 -30.34 24.71 -35.46
C CYS A 599 -29.17 25.65 -35.28
N SER A 600 -28.18 25.22 -34.50
CA SER A 600 -26.98 26.01 -34.27
C SER A 600 -25.78 25.08 -34.23
N CYS A 601 -24.61 25.65 -34.00
CA CYS A 601 -23.36 24.93 -34.15
C CYS A 601 -22.44 25.25 -32.99
N PRO A 602 -21.44 24.39 -32.73
CA PRO A 602 -20.32 24.81 -31.87
C PRO A 602 -19.51 25.92 -32.53
N MET A 603 -18.44 26.36 -31.89
CA MET A 603 -17.78 27.57 -32.36
C MET A 603 -16.76 27.32 -33.46
N HIS A 604 -16.37 26.07 -33.71
CA HIS A 604 -15.47 25.78 -34.81
C HIS A 604 -16.21 25.52 -36.13
N LEU A 605 -17.53 25.68 -36.15
CA LEU A 605 -18.35 25.44 -37.33
C LEU A 605 -19.28 26.63 -37.53
N VAL A 606 -20.04 26.58 -38.62
CA VAL A 606 -21.00 27.63 -38.95
C VAL A 606 -22.24 26.97 -39.56
N LEU A 607 -23.40 27.57 -39.29
CA LEU A 607 -24.65 27.04 -39.83
C LEU A 607 -24.73 27.32 -41.33
N LEU A 608 -25.08 26.29 -42.10
CA LEU A 608 -25.16 26.42 -43.55
C LEU A 608 -26.50 27.03 -43.95
N GLN A 609 -26.66 27.27 -45.25
CA GLN A 609 -27.87 27.91 -45.76
C GLN A 609 -29.11 27.03 -45.62
N ASP A 610 -28.95 25.74 -45.36
CA ASP A 610 -30.10 24.88 -45.11
C ASP A 610 -30.69 25.06 -43.71
N GLU A 611 -30.02 25.83 -42.86
CA GLU A 611 -30.47 26.11 -41.49
C GLU A 611 -30.59 24.85 -40.64
N LEU A 612 -29.87 23.79 -41.01
CA LEU A 612 -29.88 22.54 -40.26
C LEU A 612 -28.51 21.91 -40.09
N SER A 613 -27.54 22.18 -40.96
CA SER A 613 -26.25 21.52 -40.93
C SER A 613 -25.15 22.53 -40.61
N CYS A 614 -24.05 22.02 -40.08
CA CYS A 614 -22.90 22.83 -39.69
C CYS A 614 -21.68 22.40 -40.48
N GLY A 615 -21.01 23.37 -41.10
CA GLY A 615 -19.82 23.10 -41.87
C GLY A 615 -18.66 23.97 -41.42
N ALA A 616 -17.45 23.46 -41.66
CA ALA A 616 -16.25 24.18 -41.29
C ALA A 616 -15.83 25.15 -42.38
N VAL B 1 -6.40 8.02 13.96
CA VAL B 1 -5.61 7.37 15.03
C VAL B 1 -4.12 7.48 14.73
N GLN B 2 -3.37 7.99 15.69
CA GLN B 2 -1.92 8.08 15.60
C GLN B 2 -1.31 7.57 16.89
N LEU B 3 -0.28 6.73 16.77
CA LEU B 3 0.38 6.13 17.92
C LEU B 3 1.84 6.57 17.96
N GLN B 4 2.36 6.71 19.17
CA GLN B 4 3.76 7.12 19.36
C GLN B 4 4.33 6.33 20.53
N GLU B 5 5.30 5.46 20.24
CA GLU B 5 5.98 4.69 21.27
C GLU B 5 7.03 5.54 21.97
N SER B 6 7.46 5.07 23.13
CA SER B 6 8.52 5.73 23.90
C SER B 6 8.96 4.79 25.00
N GLY B 7 10.13 5.09 25.58
CA GLY B 7 10.68 4.33 26.68
C GLY B 7 11.89 3.47 26.34
N GLY B 8 12.24 3.34 25.07
CA GLY B 8 13.35 2.49 24.70
C GLY B 8 14.68 3.15 25.02
N CYS B 9 15.65 2.34 25.41
CA CYS B 9 16.97 2.82 25.76
C CYS B 9 17.90 1.61 25.84
N LEU B 10 19.05 1.80 26.48
CA LEU B 10 20.02 0.74 26.71
C LEU B 10 19.91 0.27 28.16
N VAL B 11 19.72 -1.03 28.35
CA VAL B 11 19.47 -1.62 29.66
C VAL B 11 20.30 -2.89 29.81
N GLN B 12 20.81 -3.13 31.00
CA GLN B 12 21.59 -4.32 31.31
C GLN B 12 20.74 -5.58 31.14
N ALA B 13 21.43 -6.72 31.07
CA ALA B 13 20.75 -8.00 31.04
C ALA B 13 20.16 -8.31 32.41
N GLY B 14 18.92 -8.77 32.42
CA GLY B 14 18.20 -9.00 33.66
C GLY B 14 17.49 -7.79 34.22
N GLY B 15 17.68 -6.62 33.61
CA GLY B 15 17.03 -5.41 34.07
C GLY B 15 15.56 -5.36 33.68
N SER B 16 14.96 -4.21 33.94
CA SER B 16 13.53 -4.00 33.68
C SER B 16 13.35 -2.73 32.87
N LEU B 17 12.24 -2.67 32.15
CA LEU B 17 11.92 -1.53 31.30
C LEU B 17 10.42 -1.52 31.05
N ARG B 18 9.86 -0.31 30.99
CA ARG B 18 8.44 -0.13 30.68
C ARG B 18 8.31 0.78 29.48
N LEU B 19 7.65 0.29 28.43
CA LEU B 19 7.36 1.08 27.24
C LEU B 19 5.92 1.59 27.31
N SER B 20 5.65 2.65 26.55
CA SER B 20 4.33 3.27 26.53
C SER B 20 3.99 3.68 25.11
N CYS B 21 2.69 3.67 24.82
CA CYS B 21 2.17 4.01 23.49
C CYS B 21 1.10 5.09 23.65
N ALA B 22 1.44 6.31 23.25
CA ALA B 22 0.48 7.40 23.30
C ALA B 22 -0.56 7.23 22.19
N ALA B 23 -1.62 8.04 22.27
CA ALA B 23 -2.79 7.84 21.42
C ALA B 23 -3.36 9.17 20.97
N SER B 24 -4.01 9.15 19.80
CA SER B 24 -4.71 10.30 19.25
C SER B 24 -5.90 9.81 18.45
N GLY B 25 -6.89 10.69 18.28
CA GLY B 25 -8.14 10.32 17.65
C GLY B 25 -8.77 9.12 18.33
N SER B 26 -9.00 9.24 19.64
CA SER B 26 -9.19 8.10 20.53
C SER B 26 -10.52 7.41 20.25
N THR B 27 -10.52 6.53 19.26
CA THR B 27 -11.61 5.61 19.02
C THR B 27 -11.43 4.32 19.77
N PHE B 28 -10.70 4.34 20.88
CA PHE B 28 -10.13 3.15 21.49
C PHE B 28 -11.14 2.28 22.21
N SER B 29 -12.40 2.69 22.30
CA SER B 29 -13.40 1.82 22.89
C SER B 29 -13.65 0.58 22.03
N THR B 30 -13.22 0.62 20.76
CA THR B 30 -13.45 -0.48 19.83
C THR B 30 -12.14 -1.05 19.29
N TYR B 31 -11.02 -0.79 19.95
CA TYR B 31 -9.70 -1.09 19.42
C TYR B 31 -8.99 -2.18 20.21
N THR B 32 -8.13 -2.91 19.52
CA THR B 32 -7.15 -3.80 20.12
C THR B 32 -5.77 -3.20 19.90
N ILE B 33 -4.99 -3.06 20.97
CA ILE B 33 -3.63 -2.53 20.89
C ILE B 33 -2.67 -3.69 21.08
N GLY B 34 -1.80 -3.90 20.09
CA GLY B 34 -0.80 -4.94 20.18
C GLY B 34 0.61 -4.41 20.10
N TRP B 35 1.56 -5.15 20.68
CA TRP B 35 2.97 -4.81 20.61
C TRP B 35 3.71 -5.81 19.72
N PHE B 36 4.62 -5.30 18.91
CA PHE B 36 5.41 -6.11 18.00
C PHE B 36 6.87 -5.74 18.13
N ARG B 37 7.74 -6.70 17.83
CA ARG B 37 9.19 -6.52 17.89
C ARG B 37 9.80 -6.93 16.56
N GLN B 38 10.93 -6.32 16.21
CA GLN B 38 11.65 -6.72 15.01
C GLN B 38 13.14 -6.47 15.24
N ALA B 39 13.90 -7.55 15.39
CA ALA B 39 15.35 -7.47 15.46
C ALA B 39 15.94 -7.36 14.06
N PRO B 40 17.14 -6.80 13.93
CA PRO B 40 17.77 -6.70 12.61
C PRO B 40 17.99 -8.08 11.99
N GLY B 41 17.57 -8.23 10.74
CA GLY B 41 17.71 -9.49 10.04
C GLY B 41 16.72 -10.56 10.44
N LYS B 42 15.66 -10.20 11.15
CA LYS B 42 14.66 -11.16 11.62
C LYS B 42 13.27 -10.70 11.22
N GLU B 43 12.35 -11.64 11.15
CA GLU B 43 10.96 -11.33 10.86
C GLU B 43 10.31 -10.61 12.04
N ARG B 44 9.31 -9.80 11.74
CA ARG B 44 8.57 -9.12 12.80
C ARG B 44 7.80 -10.14 13.63
N GLU B 45 7.90 -10.01 14.95
CA GLU B 45 7.38 -11.00 15.88
C GLU B 45 6.32 -10.37 16.78
N PHE B 46 5.25 -11.11 17.04
CA PHE B 46 4.19 -10.66 17.94
C PHE B 46 4.65 -10.75 19.38
N VAL B 47 4.29 -9.73 20.18
CA VAL B 47 4.65 -9.71 21.59
C VAL B 47 3.39 -9.91 22.43
N ALA B 48 2.54 -8.90 22.48
CA ALA B 48 1.33 -8.96 23.30
C ALA B 48 0.27 -8.04 22.72
N ALA B 49 -0.97 -8.32 23.08
CA ALA B 49 -2.11 -7.50 22.65
C ALA B 49 -3.13 -7.45 23.78
N ILE B 50 -3.97 -6.41 23.75
CA ILE B 50 -4.95 -6.19 24.81
C ILE B 50 -6.20 -5.57 24.20
N HIS B 51 -7.35 -5.95 24.75
CA HIS B 51 -8.62 -5.32 24.43
C HIS B 51 -8.80 -4.10 25.33
N TRP B 52 -8.89 -2.91 24.72
CA TRP B 52 -9.09 -1.70 25.52
C TRP B 52 -10.43 -1.75 26.25
N ASP B 53 -11.47 -2.24 25.58
CA ASP B 53 -12.76 -2.51 26.21
C ASP B 53 -12.85 -4.02 26.42
N GLY B 54 -12.79 -4.44 27.68
CA GLY B 54 -12.84 -5.85 28.01
C GLY B 54 -11.73 -6.26 28.96
N GLY B 55 -10.50 -5.87 28.65
CA GLY B 55 -9.37 -6.19 29.50
C GLY B 55 -8.69 -7.51 29.21
N GLN B 56 -9.08 -8.20 28.14
CA GLN B 56 -8.45 -9.46 27.79
C GLN B 56 -7.04 -9.22 27.26
N THR B 57 -6.09 -10.03 27.72
CA THR B 57 -4.70 -9.92 27.33
C THR B 57 -4.24 -11.22 26.68
N TYR B 58 -3.32 -11.09 25.72
CA TYR B 58 -2.79 -12.20 24.96
C TYR B 58 -1.29 -12.01 24.79
N TYR B 59 -0.53 -13.08 24.95
CA TYR B 59 0.93 -13.00 24.99
C TYR B 59 1.55 -14.06 24.10
N ALA B 60 2.76 -13.75 23.62
CA ALA B 60 3.57 -14.73 22.92
C ALA B 60 4.31 -15.60 23.93
N ASP B 61 4.71 -16.79 23.48
CA ASP B 61 5.40 -17.73 24.35
C ASP B 61 6.75 -17.18 24.80
N SER B 62 7.41 -16.40 23.95
CA SER B 62 8.75 -15.90 24.25
C SER B 62 8.76 -14.82 25.33
N VAL B 63 7.60 -14.34 25.77
CA VAL B 63 7.53 -13.26 26.75
C VAL B 63 6.61 -13.58 27.92
N LYS B 64 6.04 -14.79 27.97
CA LYS B 64 5.14 -15.13 29.07
C LYS B 64 5.89 -15.15 30.40
N GLY B 65 5.23 -14.65 31.44
CA GLY B 65 5.82 -14.60 32.76
C GLY B 65 6.72 -13.40 32.96
N ARG B 66 7.29 -12.88 31.88
CA ARG B 66 8.23 -11.77 31.94
C ARG B 66 7.61 -10.44 31.54
N PHE B 67 6.72 -10.44 30.56
CA PHE B 67 6.14 -9.20 30.03
C PHE B 67 4.69 -9.06 30.50
N THR B 68 4.23 -7.82 30.57
CA THR B 68 2.86 -7.51 30.97
C THR B 68 2.36 -6.33 30.18
N ILE B 69 1.16 -6.44 29.61
CA ILE B 69 0.53 -5.37 28.85
C ILE B 69 -0.66 -4.86 29.64
N SER B 70 -0.81 -3.55 29.72
CA SER B 70 -1.84 -2.94 30.54
C SER B 70 -2.33 -1.65 29.90
N ARG B 71 -3.43 -1.13 30.43
CA ARG B 71 -4.03 0.11 29.96
C ARG B 71 -3.96 1.17 31.06
N ASP B 72 -3.91 2.43 30.65
CA ASP B 72 -4.02 3.54 31.57
C ASP B 72 -5.49 3.94 31.72
N ASN B 73 -5.84 4.40 32.91
CA ASN B 73 -7.23 4.73 33.24
C ASN B 73 -7.51 6.22 33.19
N ALA B 74 -6.63 7.01 32.57
CA ALA B 74 -6.83 8.46 32.53
C ALA B 74 -6.02 9.13 31.42
N LYS B 75 -5.25 8.35 30.65
CA LYS B 75 -4.26 8.91 29.75
C LYS B 75 -4.41 8.48 28.29
N ASN B 76 -5.16 7.42 28.00
CA ASN B 76 -5.19 6.81 26.68
C ASN B 76 -3.81 6.32 26.28
N THR B 77 -3.26 5.41 27.10
CA THR B 77 -1.90 4.93 26.92
C THR B 77 -1.83 3.46 27.32
N VAL B 78 -1.22 2.66 26.45
CA VAL B 78 -0.97 1.25 26.71
C VAL B 78 0.48 1.08 27.13
N TYR B 79 0.71 0.25 28.14
CA TYR B 79 2.05 0.00 28.66
C TYR B 79 2.50 -1.42 28.36
N LEU B 80 3.80 -1.59 28.19
CA LEU B 80 4.42 -2.90 28.06
C LEU B 80 5.53 -3.00 29.11
N GLN B 81 5.22 -3.67 30.22
CA GLN B 81 6.19 -3.85 31.28
C GLN B 81 7.08 -5.04 30.96
N MET B 82 8.38 -4.79 30.80
CA MET B 82 9.33 -5.81 30.38
C MET B 82 10.29 -6.11 31.54
N ASN B 83 10.11 -7.27 32.15
CA ASN B 83 10.98 -7.75 33.22
C ASN B 83 11.85 -8.89 32.71
N SER B 84 12.96 -9.12 33.41
CA SER B 84 13.89 -10.20 33.11
C SER B 84 14.33 -10.16 31.65
N LEU B 85 14.87 -9.01 31.27
CA LEU B 85 15.22 -8.76 29.88
C LEU B 85 16.44 -9.58 29.47
N LYS B 86 16.28 -10.34 28.39
CA LYS B 86 17.34 -11.14 27.79
C LYS B 86 18.04 -10.34 26.70
N PRO B 87 19.27 -10.70 26.34
CA PRO B 87 19.91 -10.01 25.20
C PRO B 87 19.16 -10.19 23.90
N GLU B 88 18.53 -11.35 23.68
CA GLU B 88 17.75 -11.56 22.47
C GLU B 88 16.45 -10.76 22.46
N ASP B 89 16.09 -10.11 23.56
CA ASP B 89 14.96 -9.20 23.56
C ASP B 89 15.29 -7.88 22.86
N THR B 90 16.51 -7.72 22.36
CA THR B 90 16.90 -6.51 21.65
C THR B 90 16.17 -6.42 20.32
N ALA B 91 15.39 -5.36 20.14
CA ALA B 91 14.63 -5.15 18.91
C ALA B 91 14.03 -3.74 18.96
N VAL B 92 13.46 -3.33 17.83
CA VAL B 92 12.64 -2.14 17.77
C VAL B 92 11.20 -2.56 18.05
N TYR B 93 10.62 -2.00 19.11
CA TYR B 93 9.29 -2.40 19.57
C TYR B 93 8.24 -1.47 18.98
N TYR B 94 7.28 -2.05 18.28
CA TYR B 94 6.25 -1.32 17.56
C TYR B 94 4.91 -1.47 18.26
N CYS B 95 4.13 -0.40 18.27
CA CYS B 95 2.78 -0.37 18.81
C CYS B 95 1.79 -0.30 17.65
N ALA B 96 0.85 -1.25 17.62
CA ALA B 96 -0.11 -1.35 16.53
C ALA B 96 -1.53 -1.38 17.09
N ALA B 97 -2.47 -0.90 16.29
CA ALA B 97 -3.87 -0.80 16.70
C ALA B 97 -4.77 -1.22 15.55
N ARG B 98 -5.92 -1.78 15.90
CA ARG B 98 -6.94 -2.17 14.93
C ARG B 98 -8.31 -1.98 15.55
N GLY B 99 -9.22 -1.37 14.81
CA GLY B 99 -10.56 -1.13 15.30
C GLY B 99 -11.45 -2.36 15.27
N ARG B 100 -10.98 -3.44 15.89
CA ARG B 100 -11.73 -4.68 15.92
C ARG B 100 -11.30 -5.48 17.14
N ARG B 101 -12.24 -6.23 17.71
CA ARG B 101 -11.99 -7.09 18.84
C ARG B 101 -12.10 -8.55 18.41
N TYR B 102 -11.26 -9.39 19.02
CA TYR B 102 -11.24 -10.83 18.78
C TYR B 102 -10.84 -11.18 17.35
N PHE B 103 -9.54 -11.35 17.13
CA PHE B 103 -8.99 -11.80 15.86
C PHE B 103 -7.59 -12.37 16.15
N ASP B 104 -6.95 -12.87 15.11
CA ASP B 104 -5.58 -13.36 15.25
C ASP B 104 -4.66 -12.18 15.52
N PHE B 105 -4.32 -11.96 16.79
CA PHE B 105 -3.55 -10.78 17.16
C PHE B 105 -2.11 -10.84 16.68
N THR B 106 -1.62 -12.03 16.32
CA THR B 106 -0.28 -12.17 15.75
C THR B 106 -0.24 -11.81 14.27
N TYR B 107 -1.39 -11.70 13.62
CA TYR B 107 -1.50 -11.36 12.20
C TYR B 107 -1.21 -9.87 12.05
N SER B 108 0.06 -9.54 11.84
CA SER B 108 0.45 -8.13 11.77
C SER B 108 -0.11 -7.41 10.55
N ASP B 109 -0.45 -8.15 9.48
CA ASP B 109 -0.91 -7.52 8.25
C ASP B 109 -2.29 -6.89 8.39
N VAL B 110 -3.11 -7.35 9.34
CA VAL B 110 -4.49 -6.87 9.44
C VAL B 110 -4.66 -5.69 10.37
N TYR B 111 -3.62 -5.30 11.11
CA TYR B 111 -3.70 -4.10 11.92
C TYR B 111 -3.81 -2.87 11.04
N ASP B 112 -4.47 -1.83 11.55
CA ASP B 112 -4.77 -0.65 10.77
C ASP B 112 -3.82 0.51 10.99
N TYR B 113 -3.18 0.59 12.16
CA TYR B 113 -2.32 1.73 12.47
C TYR B 113 -1.04 1.24 13.15
N TRP B 114 0.02 2.03 12.97
CA TRP B 114 1.32 1.71 13.55
C TRP B 114 1.99 2.99 14.02
N GLY B 115 2.95 2.82 14.93
CA GLY B 115 3.80 3.91 15.37
C GLY B 115 5.17 3.85 14.72
N GLN B 116 6.02 4.79 15.13
CA GLN B 116 7.38 4.84 14.61
C GLN B 116 8.31 3.83 15.27
N GLY B 117 7.87 3.18 16.34
CA GLY B 117 8.69 2.21 17.04
C GLY B 117 9.73 2.87 17.93
N THR B 118 10.18 2.12 18.93
CA THR B 118 11.21 2.56 19.86
C THR B 118 12.22 1.46 20.05
N GLN B 119 13.50 1.85 20.15
CA GLN B 119 14.61 0.90 20.15
C GLN B 119 14.95 0.49 21.58
N VAL B 120 14.93 -0.80 21.84
CA VAL B 120 15.35 -1.37 23.12
C VAL B 120 16.54 -2.29 22.84
N THR B 121 17.68 -1.98 23.43
CA THR B 121 18.89 -2.79 23.33
C THR B 121 19.24 -3.31 24.71
N VAL B 122 19.46 -4.61 24.82
CA VAL B 122 19.74 -5.27 26.09
C VAL B 122 21.15 -5.84 26.05
N SER B 123 21.98 -5.43 27.00
CA SER B 123 23.35 -5.93 27.10
C SER B 123 23.40 -7.19 27.96
N VAL C 1 6.07 6.31 -14.89
CA VAL C 1 5.37 5.47 -15.84
C VAL C 1 3.87 5.51 -15.59
N GLN C 2 3.10 5.85 -16.63
CA GLN C 2 1.65 5.81 -16.58
C GLN C 2 1.14 4.97 -17.75
N LEU C 3 0.02 4.31 -17.54
CA LEU C 3 -0.59 3.44 -18.54
C LEU C 3 -2.05 3.81 -18.68
N GLN C 4 -2.55 3.80 -19.92
CA GLN C 4 -3.93 4.14 -20.21
C GLN C 4 -4.49 3.14 -21.21
N GLU C 5 -5.46 2.34 -20.77
CA GLU C 5 -6.13 1.41 -21.66
C GLU C 5 -7.22 2.12 -22.45
N SER C 6 -7.62 1.49 -23.55
CA SER C 6 -8.67 2.01 -24.41
C SER C 6 -9.10 0.92 -25.38
N GLY C 7 -10.31 1.07 -25.90
CA GLY C 7 -10.87 0.14 -26.88
C GLY C 7 -12.02 -0.70 -26.39
N GLY C 8 -12.36 -0.64 -25.10
CA GLY C 8 -13.44 -1.46 -24.59
C GLY C 8 -14.80 -0.87 -24.94
N CYS C 9 -15.74 -1.77 -25.21
CA CYS C 9 -17.10 -1.39 -25.60
C CYS C 9 -17.94 -2.66 -25.63
N LEU C 10 -19.22 -2.49 -25.92
CA LEU C 10 -20.13 -3.61 -26.11
C LEU C 10 -19.89 -4.23 -27.49
N VAL C 11 -19.84 -5.56 -27.53
CA VAL C 11 -19.54 -6.29 -28.75
C VAL C 11 -20.31 -7.61 -28.74
N GLN C 12 -20.64 -8.10 -29.94
CA GLN C 12 -21.46 -9.28 -30.10
C GLN C 12 -20.67 -10.54 -29.78
N ALA C 13 -21.39 -11.64 -29.58
CA ALA C 13 -20.76 -12.93 -29.40
C ALA C 13 -20.15 -13.40 -30.72
N GLY C 14 -18.91 -13.89 -30.66
CA GLY C 14 -18.19 -14.28 -31.85
C GLY C 14 -17.48 -13.15 -32.56
N GLY C 15 -17.68 -11.90 -32.14
CA GLY C 15 -17.02 -10.77 -32.75
C GLY C 15 -15.59 -10.61 -32.28
N SER C 16 -14.95 -9.57 -32.79
CA SER C 16 -13.55 -9.28 -32.48
C SER C 16 -13.43 -7.87 -31.91
N LEU C 17 -12.30 -7.63 -31.26
CA LEU C 17 -12.03 -6.34 -30.63
C LEU C 17 -10.54 -6.26 -30.31
N ARG C 18 -9.95 -5.09 -30.51
CA ARG C 18 -8.55 -4.85 -30.19
C ARG C 18 -8.46 -3.77 -29.12
N LEU C 19 -7.82 -4.10 -28.01
CA LEU C 19 -7.51 -3.14 -26.96
C LEU C 19 -6.09 -2.62 -27.14
N SER C 20 -5.83 -1.44 -26.58
CA SER C 20 -4.52 -0.83 -26.65
C SER C 20 -4.17 -0.21 -25.30
N CYS C 21 -2.87 -0.14 -25.03
CA CYS C 21 -2.36 0.38 -23.76
C CYS C 21 -1.29 1.43 -24.07
N ALA C 22 -1.67 2.70 -23.98
CA ALA C 22 -0.71 3.79 -24.18
C ALA C 22 0.19 3.91 -22.95
N ALA C 23 1.47 4.19 -23.18
CA ALA C 23 2.46 4.21 -22.13
C ALA C 23 3.25 5.51 -22.19
N SER C 24 3.71 5.97 -21.02
CA SER C 24 4.43 7.23 -20.91
C SER C 24 5.55 7.11 -19.90
N GLY C 25 6.57 7.95 -20.07
CA GLY C 25 7.59 8.12 -19.05
C GLY C 25 8.70 7.10 -19.06
N SER C 26 8.94 6.41 -20.18
CA SER C 26 10.00 5.42 -20.26
C SER C 26 10.15 4.98 -21.71
N THR C 27 11.26 4.28 -21.98
CA THR C 27 11.40 3.54 -23.23
C THR C 27 10.90 2.10 -23.10
N PHE C 28 10.74 1.62 -21.87
CA PHE C 28 10.18 0.31 -21.57
C PHE C 28 11.00 -0.84 -22.14
N SER C 29 12.27 -0.57 -22.49
CA SER C 29 13.15 -1.62 -22.99
C SER C 29 13.48 -2.65 -21.90
N THR C 30 13.25 -2.33 -20.63
CA THR C 30 13.47 -3.25 -19.53
C THR C 30 12.16 -3.72 -18.91
N TYR C 31 11.03 -3.50 -19.57
CA TYR C 31 9.72 -3.72 -18.98
C TYR C 31 9.05 -4.94 -19.57
N THR C 32 8.16 -5.53 -18.77
CA THR C 32 7.19 -6.52 -19.23
C THR C 32 5.80 -5.91 -19.10
N ILE C 33 5.02 -5.96 -20.18
CA ILE C 33 3.65 -5.46 -20.18
C ILE C 33 2.71 -6.66 -20.21
N GLY C 34 1.79 -6.71 -19.25
CA GLY C 34 0.85 -7.80 -19.16
C GLY C 34 -0.59 -7.27 -19.12
N TRP C 35 -1.50 -8.13 -19.55
CA TRP C 35 -2.93 -7.84 -19.53
C TRP C 35 -3.61 -8.74 -18.51
N PHE C 36 -4.49 -8.14 -17.70
CA PHE C 36 -5.30 -8.86 -16.75
C PHE C 36 -6.76 -8.49 -16.96
N ARG C 37 -7.66 -9.35 -16.50
CA ARG C 37 -9.08 -9.09 -16.58
C ARG C 37 -9.75 -9.52 -15.28
N GLN C 38 -10.78 -8.78 -14.88
CA GLN C 38 -11.50 -9.07 -13.65
C GLN C 38 -12.99 -8.85 -13.91
N ALA C 39 -13.77 -9.93 -13.85
CA ALA C 39 -15.21 -9.97 -13.94
C ALA C 39 -15.84 -9.75 -12.57
N PRO C 40 -17.06 -9.22 -12.50
CA PRO C 40 -17.68 -8.97 -11.20
C PRO C 40 -17.89 -10.27 -10.42
N GLY C 41 -17.46 -10.27 -9.17
CA GLY C 41 -17.61 -11.43 -8.32
C GLY C 41 -16.60 -12.53 -8.58
N LYS C 42 -15.50 -12.22 -9.26
CA LYS C 42 -14.47 -13.21 -9.58
C LYS C 42 -13.10 -12.65 -9.26
N GLU C 43 -12.13 -13.55 -9.10
CA GLU C 43 -10.75 -13.15 -8.89
C GLU C 43 -10.14 -12.60 -10.18
N ARG C 44 -9.19 -11.69 -10.03
CA ARG C 44 -8.48 -11.16 -11.19
C ARG C 44 -7.71 -12.26 -11.88
N GLU C 45 -7.79 -12.29 -13.20
CA GLU C 45 -7.27 -13.39 -14.01
C GLU C 45 -6.20 -12.89 -14.98
N PHE C 46 -5.13 -13.65 -15.12
CA PHE C 46 -4.08 -13.32 -16.07
C PHE C 46 -4.53 -13.62 -17.49
N VAL C 47 -4.15 -12.75 -18.42
CA VAL C 47 -4.55 -12.91 -19.81
C VAL C 47 -3.33 -13.17 -20.68
N ALA C 48 -2.44 -12.18 -20.78
CA ALA C 48 -1.27 -12.31 -21.63
C ALA C 48 -0.19 -11.34 -21.16
N ALA C 49 1.05 -11.63 -21.57
CA ALA C 49 2.18 -10.77 -21.25
C ALA C 49 3.18 -10.84 -22.40
N ILE C 50 3.96 -9.76 -22.54
CA ILE C 50 4.92 -9.67 -23.63
C ILE C 50 6.16 -8.91 -23.14
N HIS C 51 7.33 -9.36 -23.58
CA HIS C 51 8.56 -8.62 -23.37
C HIS C 51 8.66 -7.52 -24.41
N TRP C 52 8.83 -6.28 -23.96
CA TRP C 52 9.04 -5.18 -24.89
C TRP C 52 10.33 -5.35 -25.65
N ASP C 53 11.38 -5.82 -24.99
CA ASP C 53 12.66 -6.16 -25.61
C ASP C 53 12.77 -7.68 -25.62
N GLY C 54 12.64 -8.28 -26.80
CA GLY C 54 12.74 -9.72 -26.93
C GLY C 54 11.61 -10.32 -27.75
N GLY C 55 10.39 -9.85 -27.51
CA GLY C 55 9.24 -10.35 -28.25
C GLY C 55 8.64 -11.63 -27.73
N GLN C 56 9.09 -12.13 -26.58
CA GLN C 56 8.52 -13.34 -26.01
C GLN C 56 7.12 -13.06 -25.50
N THR C 57 6.17 -13.93 -25.85
CA THR C 57 4.78 -13.79 -25.47
C THR C 57 4.33 -14.98 -24.62
N TYR C 58 3.39 -14.73 -23.72
CA TYR C 58 2.88 -15.73 -22.80
C TYR C 58 1.39 -15.55 -22.65
N TYR C 59 0.64 -16.65 -22.70
CA TYR C 59 -0.81 -16.60 -22.72
C TYR C 59 -1.40 -17.53 -21.68
N ALA C 60 -2.58 -17.18 -21.19
CA ALA C 60 -3.38 -18.09 -20.39
C ALA C 60 -4.13 -19.07 -21.29
N ASP C 61 -4.43 -20.24 -20.76
CA ASP C 61 -5.09 -21.28 -21.55
C ASP C 61 -6.47 -20.84 -22.01
N SER C 62 -7.14 -19.99 -21.23
CA SER C 62 -8.51 -19.58 -21.56
C SER C 62 -8.58 -18.64 -22.75
N VAL C 63 -7.45 -18.15 -23.25
CA VAL C 63 -7.45 -17.19 -24.35
C VAL C 63 -6.52 -17.65 -25.47
N LYS C 64 -5.99 -18.86 -25.34
CA LYS C 64 -5.05 -19.37 -26.33
C LYS C 64 -5.72 -19.61 -27.67
N GLY C 65 -5.06 -19.20 -28.74
CA GLY C 65 -5.60 -19.35 -30.08
C GLY C 65 -6.55 -18.23 -30.46
N ARG C 66 -7.16 -17.60 -29.45
CA ARG C 66 -8.13 -16.53 -29.68
C ARG C 66 -7.54 -15.14 -29.46
N PHE C 67 -6.69 -14.97 -28.45
CA PHE C 67 -6.12 -13.68 -28.12
C PHE C 67 -4.67 -13.62 -28.56
N THR C 68 -4.23 -12.46 -29.01
CA THR C 68 -2.85 -12.24 -29.42
C THR C 68 -2.38 -10.89 -28.89
N ILE C 69 -1.26 -10.91 -28.17
CA ILE C 69 -0.65 -9.69 -27.66
C ILE C 69 0.50 -9.30 -28.58
N SER C 70 0.61 -8.02 -28.88
CA SER C 70 1.59 -7.54 -29.85
C SER C 70 2.12 -6.19 -29.42
N ARG C 71 3.14 -5.73 -30.13
CA ARG C 71 3.87 -4.52 -29.79
C ARG C 71 3.92 -3.58 -30.99
N ASP C 72 3.74 -2.29 -30.73
CA ASP C 72 3.80 -1.28 -31.78
C ASP C 72 5.25 -0.86 -31.99
N ASN C 73 5.67 -0.80 -33.26
CA ASN C 73 7.03 -0.39 -33.59
C ASN C 73 7.22 1.12 -33.60
N ALA C 74 6.26 1.90 -33.09
CA ALA C 74 6.31 3.34 -33.36
C ALA C 74 5.87 4.22 -32.19
N LYS C 75 4.87 3.80 -31.43
CA LYS C 75 4.17 4.74 -30.55
C LYS C 75 4.04 4.27 -29.11
N ASN C 76 4.95 3.40 -28.66
CA ASN C 76 4.96 2.92 -27.26
C ASN C 76 3.58 2.41 -26.85
N THR C 77 3.11 1.39 -27.57
CA THR C 77 1.75 0.91 -27.39
C THR C 77 1.72 -0.61 -27.53
N VAL C 78 1.07 -1.27 -26.57
CA VAL C 78 0.84 -2.71 -26.59
C VAL C 78 -0.62 -2.95 -26.96
N TYR C 79 -0.85 -3.94 -27.81
CA TYR C 79 -2.19 -4.28 -28.27
C TYR C 79 -2.60 -5.65 -27.75
N LEU C 80 -3.91 -5.84 -27.60
CA LEU C 80 -4.50 -7.13 -27.26
C LEU C 80 -5.59 -7.41 -28.29
N GLN C 81 -5.26 -8.23 -29.28
CA GLN C 81 -6.22 -8.61 -30.31
C GLN C 81 -7.08 -9.77 -29.81
N MET C 82 -8.37 -9.53 -29.67
CA MET C 82 -9.31 -10.48 -29.10
C MET C 82 -10.27 -10.96 -30.18
N ASN C 83 -10.12 -12.20 -30.60
CA ASN C 83 -11.01 -12.82 -31.57
C ASN C 83 -11.85 -13.90 -30.91
N SER C 84 -12.98 -14.21 -31.55
CA SER C 84 -13.88 -15.28 -31.11
C SER C 84 -14.33 -15.05 -29.66
N LEU C 85 -14.82 -13.85 -29.40
CA LEU C 85 -15.18 -13.46 -28.04
C LEU C 85 -16.39 -14.24 -27.54
N LYS C 86 -16.23 -14.86 -26.38
CA LYS C 86 -17.32 -15.52 -25.67
C LYS C 86 -17.98 -14.56 -24.71
N PRO C 87 -19.20 -14.88 -24.25
CA PRO C 87 -19.78 -14.07 -23.16
C PRO C 87 -18.95 -14.09 -21.89
N GLU C 88 -18.25 -15.19 -21.60
CA GLU C 88 -17.42 -15.29 -20.41
C GLU C 88 -16.19 -14.40 -20.48
N ASP C 89 -15.87 -13.83 -21.64
CA ASP C 89 -14.76 -12.89 -21.76
C ASP C 89 -15.13 -11.50 -21.25
N THR C 90 -16.35 -11.31 -20.75
CA THR C 90 -16.79 -10.01 -20.25
C THR C 90 -16.08 -9.70 -18.94
N ALA C 91 -15.32 -8.60 -18.92
CA ALA C 91 -14.60 -8.17 -17.73
C ALA C 91 -14.03 -6.78 -18.00
N VAL C 92 -13.43 -6.20 -16.96
CA VAL C 92 -12.63 -4.99 -17.11
C VAL C 92 -11.18 -5.42 -17.32
N TYR C 93 -10.60 -5.03 -18.44
CA TYR C 93 -9.27 -5.47 -18.83
C TYR C 93 -8.24 -4.43 -18.41
N TYR C 94 -7.31 -4.85 -17.57
CA TYR C 94 -6.28 -3.96 -17.03
C TYR C 94 -4.95 -4.19 -17.71
N CYS C 95 -4.17 -3.12 -17.84
CA CYS C 95 -2.83 -3.15 -18.39
C CYS C 95 -1.83 -2.94 -17.26
N ALA C 96 -0.84 -3.82 -17.17
CA ALA C 96 0.14 -3.77 -16.10
C ALA C 96 1.55 -3.81 -16.68
N ALA C 97 2.50 -3.24 -15.94
CA ALA C 97 3.88 -3.16 -16.39
C ALA C 97 4.82 -3.37 -15.21
N ARG C 98 5.96 -4.00 -15.48
CA ARG C 98 6.99 -4.20 -14.47
C ARG C 98 8.35 -4.15 -15.14
N GLY C 99 9.29 -3.44 -14.52
CA GLY C 99 10.63 -3.31 -15.05
C GLY C 99 11.51 -4.53 -14.83
N ARG C 100 10.99 -5.70 -15.22
CA ARG C 100 11.72 -6.95 -15.09
C ARG C 100 11.21 -7.89 -16.18
N ARG C 101 12.11 -8.70 -16.73
CA ARG C 101 11.78 -9.41 -17.96
C ARG C 101 11.26 -10.82 -17.71
N TYR C 102 11.97 -11.63 -16.93
CA TYR C 102 11.62 -13.03 -16.73
C TYR C 102 11.14 -13.25 -15.30
N PHE C 103 9.83 -13.40 -15.13
CA PHE C 103 9.22 -13.68 -13.84
C PHE C 103 7.85 -14.29 -14.09
N ASP C 104 7.17 -14.67 -13.00
CA ASP C 104 5.82 -15.23 -13.08
C ASP C 104 4.87 -14.12 -13.53
N PHE C 105 4.52 -14.13 -14.82
CA PHE C 105 3.70 -13.06 -15.37
C PHE C 105 2.26 -13.12 -14.88
N THR C 106 1.81 -14.26 -14.33
CA THR C 106 0.49 -14.35 -13.74
C THR C 106 0.45 -13.77 -12.32
N TYR C 107 1.60 -13.49 -11.73
CA TYR C 107 1.69 -12.94 -10.38
C TYR C 107 1.39 -11.45 -10.45
N SER C 108 0.13 -11.07 -10.18
CA SER C 108 -0.27 -9.68 -10.33
C SER C 108 0.28 -8.80 -9.22
N ASP C 109 0.64 -9.37 -8.07
CA ASP C 109 1.09 -8.56 -6.95
C ASP C 109 2.44 -7.90 -7.22
N VAL C 110 3.28 -8.52 -8.06
CA VAL C 110 4.65 -8.03 -8.25
C VAL C 110 4.76 -7.00 -9.36
N TYR C 111 3.69 -6.72 -10.10
CA TYR C 111 3.73 -5.67 -11.10
C TYR C 111 3.81 -4.30 -10.42
N ASP C 112 4.42 -3.35 -11.12
CA ASP C 112 4.72 -2.05 -10.55
C ASP C 112 3.75 -0.95 -10.95
N TYR C 113 3.11 -1.05 -12.12
CA TYR C 113 2.23 0.01 -12.60
C TYR C 113 0.98 -0.59 -13.20
N TRP C 114 -0.15 0.10 -13.00
CA TRP C 114 -1.44 -0.33 -13.50
C TRP C 114 -2.16 0.85 -14.14
N GLY C 115 -3.07 0.54 -15.06
CA GLY C 115 -3.93 1.53 -15.67
C GLY C 115 -5.30 1.56 -15.03
N GLN C 116 -6.17 2.37 -15.62
CA GLN C 116 -7.54 2.50 -15.13
C GLN C 116 -8.43 1.33 -15.55
N GLY C 117 -8.00 0.55 -16.54
CA GLY C 117 -8.82 -0.54 -17.04
C GLY C 117 -9.91 -0.08 -17.99
N THR C 118 -10.31 -0.94 -18.92
CA THR C 118 -11.37 -0.64 -19.85
C THR C 118 -12.34 -1.81 -19.90
N GLN C 119 -13.63 -1.50 -19.99
CA GLN C 119 -14.70 -2.49 -19.86
C GLN C 119 -15.02 -3.12 -21.20
N VAL C 120 -15.01 -4.45 -21.25
CA VAL C 120 -15.40 -5.20 -22.44
C VAL C 120 -16.61 -6.04 -22.09
N THR C 121 -17.73 -5.77 -22.75
CA THR C 121 -18.96 -6.54 -22.57
C THR C 121 -19.25 -7.30 -23.86
N VAL C 122 -19.52 -8.60 -23.72
CA VAL C 122 -19.81 -9.48 -24.85
C VAL C 122 -21.18 -10.09 -24.65
N SER C 123 -22.09 -9.86 -25.60
CA SER C 123 -23.43 -10.40 -25.53
C SER C 123 -23.53 -11.73 -26.26
N PRO D 1 24.22 -39.64 2.14
CA PRO D 1 22.99 -38.84 2.19
C PRO D 1 22.13 -38.99 0.95
N GLU D 2 20.91 -38.49 1.00
CA GLU D 2 19.96 -38.59 -0.11
C GLU D 2 19.87 -37.26 -0.85
N ALA D 3 19.85 -37.34 -2.18
CA ALA D 3 19.77 -36.16 -3.02
C ALA D 3 18.32 -35.82 -3.33
N PHE D 4 18.01 -34.52 -3.31
CA PHE D 4 16.68 -34.05 -3.67
C PHE D 4 16.81 -32.70 -4.36
N LEU D 5 15.77 -32.34 -5.10
CA LEU D 5 15.76 -31.12 -5.91
C LEU D 5 14.91 -30.06 -5.23
N LEU D 6 15.47 -28.85 -5.10
CA LEU D 6 14.74 -27.70 -4.60
C LEU D 6 14.45 -26.75 -5.75
N PHE D 7 13.26 -26.16 -5.75
CA PHE D 7 12.90 -25.20 -6.78
C PHE D 7 12.08 -24.07 -6.17
N SER D 8 12.18 -22.90 -6.80
CA SER D 8 11.47 -21.70 -6.37
C SER D 8 10.32 -21.43 -7.34
N ARG D 9 9.20 -20.98 -6.79
CA ARG D 9 8.02 -20.70 -7.60
C ARG D 9 7.06 -19.85 -6.77
N ARG D 10 6.71 -18.66 -7.28
CA ARG D 10 5.83 -17.72 -6.59
C ARG D 10 6.48 -17.35 -5.26
N ALA D 11 5.83 -17.59 -4.12
CA ALA D 11 6.37 -17.28 -2.80
C ALA D 11 6.71 -18.52 -2.01
N ASP D 12 7.09 -19.60 -2.70
CA ASP D 12 7.30 -20.90 -2.09
C ASP D 12 8.59 -21.52 -2.62
N ILE D 13 9.31 -22.19 -1.73
CA ILE D 13 10.45 -23.02 -2.07
C ILE D 13 10.07 -24.45 -1.73
N ARG D 14 10.12 -25.33 -2.72
CA ARG D 14 9.59 -26.68 -2.57
C ARG D 14 10.67 -27.71 -2.83
N ARG D 15 10.37 -28.95 -2.44
CA ARG D 15 11.33 -30.04 -2.39
C ARG D 15 10.78 -31.23 -3.16
N ILE D 16 11.63 -31.84 -3.99
CA ILE D 16 11.26 -33.02 -4.76
C ILE D 16 12.36 -34.06 -4.56
N SER D 17 11.96 -35.25 -4.10
CA SER D 17 12.91 -36.33 -3.88
C SER D 17 13.27 -36.99 -5.20
N LEU D 18 14.57 -37.26 -5.39
CA LEU D 18 15.05 -37.95 -6.59
C LEU D 18 15.16 -39.46 -6.39
N GLU D 19 15.22 -39.93 -5.15
CA GLU D 19 15.26 -41.36 -4.87
C GLU D 19 13.84 -41.94 -4.75
N THR D 20 12.98 -41.28 -3.99
CA THR D 20 11.62 -41.72 -3.78
C THR D 20 10.73 -41.28 -4.94
N ASN D 21 9.51 -41.81 -4.96
CA ASN D 21 8.47 -41.24 -5.79
C ASN D 21 8.32 -39.76 -5.45
N ASN D 22 8.32 -38.92 -6.50
CA ASN D 22 8.36 -37.47 -6.35
C ASN D 22 7.32 -36.98 -5.35
N ASN D 23 7.77 -36.61 -4.14
CA ASN D 23 6.90 -36.16 -3.06
C ASN D 23 7.09 -34.65 -2.91
N ASN D 24 6.39 -33.89 -3.74
CA ASN D 24 6.48 -32.43 -3.71
C ASN D 24 5.95 -31.89 -2.40
N VAL D 25 6.83 -31.32 -1.58
CA VAL D 25 6.46 -30.76 -0.28
C VAL D 25 7.19 -29.43 -0.11
N ALA D 26 6.50 -28.47 0.51
CA ALA D 26 7.03 -27.12 0.65
C ALA D 26 7.84 -26.97 1.92
N ILE D 27 8.91 -26.18 1.85
CA ILE D 27 9.73 -25.86 3.01
C ILE D 27 8.98 -24.83 3.85
N PRO D 28 8.75 -25.08 5.14
CA PRO D 28 7.92 -24.18 5.94
C PRO D 28 8.59 -22.84 6.23
N LEU D 29 8.61 -21.94 5.26
CA LEU D 29 9.15 -20.61 5.43
C LEU D 29 8.03 -19.62 5.70
N THR D 30 8.42 -18.38 6.01
CA THR D 30 7.45 -17.32 6.29
C THR D 30 7.99 -16.00 5.76
N GLY D 31 7.07 -15.12 5.39
CA GLY D 31 7.42 -13.80 4.92
C GLY D 31 7.99 -13.73 3.53
N VAL D 32 7.92 -14.80 2.75
CA VAL D 32 8.46 -14.82 1.39
C VAL D 32 7.39 -14.31 0.43
N LYS D 33 7.78 -13.42 -0.46
CA LYS D 33 6.88 -12.86 -1.46
C LYS D 33 7.17 -13.34 -2.87
N GLU D 34 8.45 -13.32 -3.29
CA GLU D 34 8.82 -13.76 -4.64
C GLU D 34 10.25 -14.34 -4.57
N ALA D 35 10.32 -15.65 -4.40
CA ALA D 35 11.59 -16.37 -4.35
C ALA D 35 12.13 -16.57 -5.76
N SER D 36 13.44 -16.35 -5.94
CA SER D 36 14.06 -16.43 -7.26
C SER D 36 15.27 -17.31 -7.11
N ALA D 37 16.48 -16.75 -6.97
CA ALA D 37 17.69 -17.56 -6.94
C ALA D 37 17.74 -18.45 -5.70
N LEU D 38 18.43 -19.57 -5.82
CA LEU D 38 18.52 -20.55 -4.76
C LEU D 38 19.94 -21.07 -4.65
N ASP D 39 20.36 -21.34 -3.42
CA ASP D 39 21.61 -22.04 -3.16
C ASP D 39 21.50 -22.70 -1.79
N PHE D 40 22.58 -23.35 -1.36
CA PHE D 40 22.52 -24.12 -0.12
C PHE D 40 23.93 -24.25 0.46
N ASP D 41 23.97 -24.70 1.71
CA ASP D 41 25.21 -25.05 2.41
C ASP D 41 24.93 -26.38 3.10
N VAL D 42 25.41 -27.48 2.51
CA VAL D 42 25.03 -28.82 2.97
C VAL D 42 25.56 -29.10 4.37
N THR D 43 26.75 -28.59 4.70
CA THR D 43 27.30 -28.80 6.03
C THR D 43 26.50 -28.08 7.10
N ASP D 44 25.77 -27.02 6.73
CA ASP D 44 24.91 -26.30 7.65
C ASP D 44 23.46 -26.76 7.56
N ASN D 45 23.11 -27.57 6.56
CA ASN D 45 21.71 -27.92 6.27
C ASN D 45 20.87 -26.67 6.07
N ARG D 46 21.46 -25.66 5.44
CA ARG D 46 20.83 -24.36 5.24
C ARG D 46 20.58 -24.11 3.76
N ILE D 47 19.52 -23.35 3.48
CA ILE D 47 19.20 -22.91 2.13
C ILE D 47 19.23 -21.39 2.10
N TYR D 48 19.56 -20.85 0.92
CA TYR D 48 19.63 -19.42 0.71
C TYR D 48 18.78 -19.06 -0.51
N TRP D 49 18.11 -17.92 -0.44
CA TRP D 49 17.28 -17.47 -1.56
C TRP D 49 17.22 -15.96 -1.57
N THR D 50 17.00 -15.41 -2.76
CA THR D 50 16.80 -13.98 -2.96
C THR D 50 15.32 -13.71 -3.21
N ASP D 51 14.87 -12.54 -2.78
CA ASP D 51 13.50 -12.10 -2.97
C ASP D 51 13.53 -10.80 -3.76
N ILE D 52 13.13 -10.85 -5.03
CA ILE D 52 13.22 -9.69 -5.90
C ILE D 52 12.21 -8.62 -5.47
N SER D 53 11.03 -9.04 -5.01
CA SER D 53 10.02 -8.09 -4.60
C SER D 53 10.43 -7.36 -3.32
N LEU D 54 10.92 -8.11 -2.33
CA LEU D 54 11.34 -7.52 -1.06
C LEU D 54 12.76 -6.96 -1.10
N LYS D 55 13.51 -7.23 -2.17
CA LYS D 55 14.91 -6.79 -2.30
C LYS D 55 15.75 -7.29 -1.12
N THR D 56 15.70 -8.60 -0.87
CA THR D 56 16.43 -9.20 0.23
C THR D 56 17.02 -10.53 -0.20
N ILE D 57 18.03 -10.97 0.55
CA ILE D 57 18.60 -12.31 0.46
C ILE D 57 18.51 -12.93 1.84
N SER D 58 17.91 -14.12 1.93
CA SER D 58 17.58 -14.71 3.22
C SER D 58 18.15 -16.12 3.32
N ARG D 59 18.12 -16.65 4.54
CA ARG D 59 18.63 -17.98 4.85
C ARG D 59 17.70 -18.64 5.86
N ALA D 60 17.74 -19.97 5.90
CA ALA D 60 16.95 -20.75 6.85
C ALA D 60 17.39 -22.20 6.77
N PHE D 61 17.16 -22.93 7.86
CA PHE D 61 17.36 -24.37 7.85
C PHE D 61 16.26 -25.03 7.02
N MET D 62 16.50 -26.30 6.66
CA MET D 62 15.53 -27.05 5.89
C MET D 62 14.21 -27.25 6.63
N ASN D 63 14.22 -27.20 7.96
CA ASN D 63 13.00 -27.30 8.74
C ASN D 63 12.31 -25.97 8.94
N GLY D 64 12.88 -24.87 8.42
CA GLY D 64 12.29 -23.56 8.53
C GLY D 64 12.78 -22.71 9.68
N SER D 65 13.58 -23.28 10.58
CA SER D 65 14.05 -22.55 11.74
C SER D 65 15.18 -21.60 11.36
N ALA D 66 15.44 -20.65 12.27
CA ALA D 66 16.54 -19.68 12.13
C ALA D 66 16.45 -18.94 10.80
N LEU D 67 15.25 -18.47 10.48
CA LEU D 67 15.05 -17.66 9.28
C LEU D 67 15.68 -16.29 9.49
N GLU D 68 16.61 -15.92 8.63
CA GLU D 68 17.36 -14.67 8.76
C GLU D 68 17.43 -13.98 7.41
N HIS D 69 17.27 -12.66 7.43
CA HIS D 69 17.45 -11.81 6.25
C HIS D 69 18.87 -11.23 6.35
N VAL D 70 19.81 -11.85 5.65
CA VAL D 70 21.22 -11.47 5.81
C VAL D 70 21.60 -10.27 4.95
N VAL D 71 20.80 -9.92 3.95
CA VAL D 71 21.02 -8.72 3.14
C VAL D 71 19.70 -8.01 2.99
N GLU D 72 19.59 -6.79 3.53
CA GLU D 72 18.35 -6.03 3.48
C GLU D 72 18.48 -4.66 2.86
N PHE D 73 19.70 -4.12 2.70
CA PHE D 73 19.90 -2.79 2.16
C PHE D 73 20.64 -2.86 0.83
N GLY D 74 20.51 -1.78 0.06
CA GLY D 74 21.30 -1.61 -1.15
C GLY D 74 21.03 -2.59 -2.27
N LEU D 75 19.88 -3.27 -2.25
CA LEU D 75 19.53 -4.21 -3.31
C LEU D 75 18.45 -3.62 -4.20
N ASP D 76 18.47 -4.01 -5.47
CA ASP D 76 17.49 -3.55 -6.45
C ASP D 76 16.89 -4.75 -7.17
N TYR D 77 17.73 -5.51 -7.88
CA TYR D 77 17.31 -6.75 -8.54
C TYR D 77 18.37 -7.81 -8.31
N PRO D 78 18.36 -8.43 -7.13
CA PRO D 78 19.35 -9.50 -6.83
C PRO D 78 19.00 -10.82 -7.52
N GLU D 79 19.36 -10.90 -8.80
CA GLU D 79 19.00 -12.07 -9.61
C GLU D 79 19.98 -13.22 -9.38
N GLY D 80 21.26 -12.93 -9.28
CA GLY D 80 22.28 -13.95 -9.09
C GLY D 80 22.75 -14.02 -7.66
N MET D 81 22.95 -15.24 -7.17
CA MET D 81 23.41 -15.47 -5.81
C MET D 81 24.03 -16.86 -5.74
N ALA D 82 25.09 -16.99 -4.96
CA ALA D 82 25.80 -18.26 -4.85
C ALA D 82 26.50 -18.33 -3.50
N VAL D 83 26.64 -19.54 -2.98
CA VAL D 83 27.21 -19.78 -1.67
C VAL D 83 28.64 -20.30 -1.83
N ASP D 84 29.59 -19.62 -1.20
CA ASP D 84 30.96 -20.12 -1.07
C ASP D 84 31.00 -21.04 0.14
N TRP D 85 30.91 -22.34 -0.09
CA TRP D 85 30.85 -23.30 0.99
C TRP D 85 32.21 -23.60 1.61
N LEU D 86 33.30 -23.18 0.98
CA LEU D 86 34.64 -23.40 1.51
C LEU D 86 35.05 -22.27 2.47
N GLY D 87 35.00 -21.03 2.00
CA GLY D 87 35.31 -19.88 2.83
C GLY D 87 34.14 -19.35 3.62
N LYS D 88 32.97 -19.97 3.51
CA LYS D 88 31.76 -19.54 4.21
C LYS D 88 31.42 -18.09 3.90
N ASN D 89 31.34 -17.78 2.61
CA ASN D 89 31.02 -16.44 2.12
C ASN D 89 29.77 -16.49 1.25
N LEU D 90 29.07 -15.37 1.18
CA LEU D 90 27.88 -15.24 0.35
C LEU D 90 28.16 -14.25 -0.77
N TYR D 91 28.04 -14.71 -2.01
CA TYR D 91 28.17 -13.88 -3.20
C TYR D 91 26.81 -13.62 -3.80
N TRP D 92 26.66 -12.46 -4.44
CA TRP D 92 25.42 -12.16 -5.15
C TRP D 92 25.68 -11.12 -6.22
N ALA D 93 24.79 -11.10 -7.21
CA ALA D 93 24.86 -10.17 -8.33
C ALA D 93 23.53 -9.44 -8.45
N ASP D 94 23.59 -8.11 -8.52
CA ASP D 94 22.40 -7.28 -8.62
C ASP D 94 22.36 -6.64 -10.00
N THR D 95 21.33 -6.95 -10.77
CA THR D 95 21.20 -6.41 -12.13
C THR D 95 20.96 -4.91 -12.11
N GLY D 96 20.28 -4.40 -11.07
CA GLY D 96 19.98 -2.99 -10.99
C GLY D 96 21.14 -2.13 -10.55
N THR D 97 21.75 -2.46 -9.40
CA THR D 97 22.87 -1.69 -8.90
C THR D 97 24.15 -1.93 -9.70
N ASN D 98 24.18 -2.95 -10.56
CA ASN D 98 25.34 -3.28 -11.37
C ASN D 98 26.57 -3.54 -10.50
N ARG D 99 26.41 -4.48 -9.56
CA ARG D 99 27.46 -4.76 -8.59
C ARG D 99 27.54 -6.26 -8.32
N ILE D 100 28.76 -6.74 -8.11
CA ILE D 100 29.02 -8.07 -7.57
C ILE D 100 29.56 -7.88 -6.16
N GLU D 101 28.86 -8.42 -5.18
CA GLU D 101 29.21 -8.20 -3.78
C GLU D 101 29.46 -9.52 -3.06
N VAL D 102 30.14 -9.42 -1.93
CA VAL D 102 30.45 -10.57 -1.09
C VAL D 102 30.24 -10.18 0.37
N SER D 103 29.91 -11.17 1.19
CA SER D 103 29.82 -11.02 2.63
C SER D 103 29.90 -12.40 3.25
N LYS D 104 30.02 -12.42 4.58
CA LYS D 104 29.91 -13.68 5.29
C LYS D 104 28.51 -14.25 5.12
N LEU D 105 28.38 -15.57 5.37
CA LEU D 105 27.09 -16.22 5.21
C LEU D 105 26.04 -15.67 6.15
N ASP D 106 26.43 -14.95 7.20
CA ASP D 106 25.49 -14.32 8.10
C ASP D 106 25.24 -12.85 7.77
N GLY D 107 25.99 -12.28 6.82
CA GLY D 107 25.79 -10.92 6.38
C GLY D 107 26.87 -9.94 6.81
N GLN D 108 27.80 -10.36 7.65
CA GLN D 108 28.82 -9.44 8.15
C GLN D 108 29.87 -9.15 7.09
N HIS D 109 30.50 -7.98 7.20
CA HIS D 109 31.66 -7.61 6.40
C HIS D 109 31.32 -7.57 4.91
N ARG D 110 30.20 -6.92 4.58
CA ARG D 110 29.78 -6.78 3.19
C ARG D 110 30.79 -5.94 2.42
N GLN D 111 31.14 -6.41 1.22
CA GLN D 111 32.15 -5.77 0.40
C GLN D 111 31.75 -5.85 -1.07
N VAL D 112 32.11 -4.80 -1.82
CA VAL D 112 31.89 -4.77 -3.26
C VAL D 112 33.14 -5.29 -3.96
N LEU D 113 32.96 -6.26 -4.85
CA LEU D 113 34.07 -6.87 -5.57
C LEU D 113 34.19 -6.42 -7.02
N VAL D 114 33.07 -6.21 -7.71
CA VAL D 114 33.07 -5.73 -9.09
C VAL D 114 32.01 -4.64 -9.20
N TRP D 115 32.39 -3.50 -9.76
CA TRP D 115 31.46 -2.39 -9.88
C TRP D 115 31.80 -1.47 -11.05
N LYS D 116 33.01 -1.58 -11.57
CA LYS D 116 33.46 -0.74 -12.68
C LYS D 116 33.21 -1.45 -14.01
N ASP D 117 32.53 -0.75 -14.92
CA ASP D 117 32.24 -1.26 -16.26
C ASP D 117 31.47 -2.59 -16.19
N LEU D 118 30.38 -2.58 -15.43
CA LEU D 118 29.55 -3.76 -15.23
C LEU D 118 28.12 -3.42 -15.59
N ASP D 119 27.59 -4.08 -16.61
CA ASP D 119 26.25 -3.79 -17.13
C ASP D 119 25.36 -5.00 -16.94
N SER D 120 24.57 -5.00 -15.86
CA SER D 120 23.49 -5.94 -15.62
C SER D 120 23.97 -7.39 -15.53
N PRO D 121 24.60 -7.79 -14.43
CA PRO D 121 24.93 -9.21 -14.24
C PRO D 121 23.71 -10.01 -13.78
N ARG D 122 23.58 -11.22 -14.35
CA ARG D 122 22.40 -12.03 -14.10
C ARG D 122 22.84 -13.25 -13.29
N ALA D 123 23.05 -14.40 -13.91
CA ALA D 123 23.40 -15.61 -13.17
C ALA D 123 24.83 -15.55 -12.67
N LEU D 124 25.11 -16.30 -11.61
CA LEU D 124 26.40 -16.30 -10.95
C LEU D 124 26.74 -17.72 -10.50
N ALA D 125 27.98 -18.14 -10.73
CA ALA D 125 28.45 -19.46 -10.35
C ALA D 125 29.85 -19.35 -9.77
N LEU D 126 30.12 -20.14 -8.74
CA LEU D 126 31.37 -20.07 -8.00
C LEU D 126 32.16 -21.36 -8.14
N ASP D 127 33.49 -21.24 -8.08
CA ASP D 127 34.40 -22.38 -8.09
C ASP D 127 35.49 -22.12 -7.07
N PRO D 128 35.15 -22.15 -5.77
CA PRO D 128 36.13 -21.77 -4.74
C PRO D 128 37.30 -22.72 -4.61
N ALA D 129 37.15 -23.99 -5.01
CA ALA D 129 38.29 -24.90 -4.98
C ALA D 129 39.39 -24.45 -5.93
N GLU D 130 39.02 -23.79 -7.03
CA GLU D 130 39.98 -23.23 -7.96
C GLU D 130 40.21 -21.74 -7.74
N GLY D 131 39.25 -21.03 -7.16
CA GLY D 131 39.38 -19.61 -6.95
C GLY D 131 38.81 -18.74 -8.04
N PHE D 132 37.90 -19.27 -8.87
CA PHE D 132 37.34 -18.53 -9.98
C PHE D 132 35.85 -18.27 -9.77
N MET D 133 35.34 -17.32 -10.53
CA MET D 133 33.98 -16.82 -10.38
C MET D 133 33.42 -16.51 -11.76
N TYR D 134 32.24 -17.03 -12.06
CA TYR D 134 31.65 -16.92 -13.39
C TYR D 134 30.27 -16.31 -13.30
N TRP D 135 29.95 -15.40 -14.22
CA TRP D 135 28.65 -14.76 -14.23
C TRP D 135 28.28 -14.36 -15.65
N THR D 136 26.98 -14.27 -15.90
CA THR D 136 26.45 -13.82 -17.18
C THR D 136 26.00 -12.36 -17.08
N GLU D 137 26.03 -11.67 -18.21
CA GLU D 137 25.71 -10.25 -18.26
C GLU D 137 24.66 -10.00 -19.32
N TRP D 138 23.59 -9.30 -18.95
CA TRP D 138 22.54 -8.90 -19.88
C TRP D 138 22.68 -7.44 -20.30
N GLY D 139 23.92 -6.97 -20.44
CA GLY D 139 24.18 -5.58 -20.77
C GLY D 139 24.00 -5.25 -22.23
N GLY D 140 24.70 -4.21 -22.68
CA GLY D 140 24.59 -3.81 -24.07
C GLY D 140 25.03 -4.90 -25.03
N LYS D 141 26.10 -5.60 -24.69
CA LYS D 141 26.56 -6.76 -25.46
C LYS D 141 26.63 -7.95 -24.51
N PRO D 142 25.64 -8.85 -24.52
CA PRO D 142 25.66 -9.96 -23.56
C PRO D 142 26.88 -10.84 -23.73
N LYS D 143 27.40 -11.33 -22.59
CA LYS D 143 28.57 -12.19 -22.57
C LYS D 143 28.63 -12.89 -21.23
N ILE D 144 29.64 -13.75 -21.08
CA ILE D 144 29.91 -14.45 -19.83
C ILE D 144 31.31 -14.08 -19.39
N ASP D 145 31.42 -13.52 -18.19
CA ASP D 145 32.70 -13.06 -17.67
C ASP D 145 33.25 -14.00 -16.61
N ARG D 146 34.55 -13.87 -16.35
CA ARG D 146 35.23 -14.63 -15.31
C ARG D 146 36.14 -13.69 -14.53
N ALA D 147 36.34 -13.99 -13.26
CA ALA D 147 37.25 -13.24 -12.41
C ALA D 147 37.60 -14.09 -11.20
N ALA D 148 38.68 -13.72 -10.54
CA ALA D 148 38.99 -14.32 -9.25
C ALA D 148 37.89 -13.98 -8.24
N MET D 149 37.73 -14.85 -7.25
CA MET D 149 36.68 -14.65 -6.27
C MET D 149 37.00 -13.56 -5.25
N ASP D 150 38.01 -12.72 -5.53
CA ASP D 150 38.21 -11.48 -4.81
C ASP D 150 37.93 -10.26 -5.70
N GLY D 151 37.46 -10.49 -6.93
CA GLY D 151 37.11 -9.43 -7.85
C GLY D 151 38.16 -9.09 -8.88
N SER D 152 39.35 -9.67 -8.79
CA SER D 152 40.45 -9.30 -9.65
C SER D 152 40.52 -10.20 -10.89
N GLU D 153 41.37 -9.78 -11.84
CA GLU D 153 41.62 -10.55 -13.07
C GLU D 153 40.34 -10.75 -13.87
N ARG D 154 39.47 -9.74 -13.88
CA ARG D 154 38.23 -9.85 -14.63
C ARG D 154 38.52 -9.96 -16.13
N THR D 155 37.81 -10.88 -16.78
CA THR D 155 38.01 -11.11 -18.21
C THR D 155 36.71 -11.62 -18.80
N THR D 156 36.61 -11.50 -20.13
CA THR D 156 35.48 -12.05 -20.87
C THR D 156 35.82 -13.49 -21.24
N LEU D 157 34.95 -14.43 -20.85
CA LEU D 157 35.16 -15.84 -21.12
C LEU D 157 34.42 -16.30 -22.37
N VAL D 158 33.14 -16.01 -22.48
CA VAL D 158 32.33 -16.35 -23.65
C VAL D 158 31.71 -15.07 -24.18
N PRO D 159 32.34 -14.44 -25.18
CA PRO D 159 31.79 -13.18 -25.72
C PRO D 159 30.61 -13.41 -26.65
N ASN D 160 30.60 -14.53 -27.35
CA ASN D 160 29.60 -14.79 -28.39
C ASN D 160 28.46 -15.61 -27.80
N VAL D 161 27.56 -14.92 -27.11
CA VAL D 161 26.41 -15.57 -26.49
C VAL D 161 25.33 -14.51 -26.31
N GLY D 162 24.07 -14.95 -26.25
CA GLY D 162 22.97 -14.08 -25.91
C GLY D 162 22.86 -13.90 -24.41
N ARG D 163 21.67 -13.52 -23.97
CA ARG D 163 21.40 -13.33 -22.54
C ARG D 163 21.24 -14.71 -21.90
N ALA D 164 22.29 -15.13 -21.17
CA ALA D 164 22.36 -16.46 -20.60
C ALA D 164 21.74 -16.50 -19.21
N ASN D 165 21.31 -17.70 -18.82
CA ASN D 165 20.64 -17.91 -17.54
C ASN D 165 21.02 -19.27 -16.99
N GLY D 166 20.94 -19.40 -15.67
CA GLY D 166 21.21 -20.67 -15.01
C GLY D 166 22.62 -21.18 -15.20
N LEU D 167 23.62 -20.30 -15.08
CA LEU D 167 25.01 -20.69 -15.25
C LEU D 167 25.40 -21.73 -14.21
N THR D 168 25.81 -22.90 -14.67
CA THR D 168 26.09 -24.04 -13.79
C THR D 168 27.43 -24.66 -14.18
N ILE D 169 28.19 -25.05 -13.15
CA ILE D 169 29.51 -25.64 -13.33
C ILE D 169 29.42 -27.14 -13.07
N ASP D 170 29.92 -27.94 -14.01
CA ASP D 170 30.14 -29.37 -13.79
C ASP D 170 31.55 -29.51 -13.24
N TYR D 171 31.66 -29.63 -11.92
CA TYR D 171 32.98 -29.68 -11.28
C TYR D 171 33.72 -30.97 -11.59
N ALA D 172 33.02 -32.05 -11.92
CA ALA D 172 33.68 -33.32 -12.20
C ALA D 172 34.26 -33.35 -13.62
N LYS D 173 33.54 -32.80 -14.59
CA LYS D 173 33.94 -32.89 -15.99
C LYS D 173 34.43 -31.57 -16.57
N ARG D 174 34.49 -30.50 -15.76
CA ARG D 174 35.08 -29.23 -16.17
C ARG D 174 34.36 -28.61 -17.36
N ARG D 175 33.03 -28.46 -17.23
CA ARG D 175 32.25 -27.84 -18.28
C ARG D 175 31.25 -26.86 -17.67
N LEU D 176 31.00 -25.78 -18.41
CA LEU D 176 30.01 -24.76 -18.03
C LEU D 176 28.72 -25.01 -18.78
N TYR D 177 27.59 -24.89 -18.07
CA TYR D 177 26.27 -25.02 -18.68
C TYR D 177 25.49 -23.73 -18.46
N TRP D 178 24.67 -23.37 -19.45
CA TRP D 178 23.82 -22.19 -19.35
C TRP D 178 22.69 -22.31 -20.35
N THR D 179 21.66 -21.49 -20.12
CA THR D 179 20.50 -21.40 -21.01
C THR D 179 20.52 -20.03 -21.68
N ASP D 180 20.62 -20.03 -23.01
CA ASP D 180 20.52 -18.79 -23.77
C ASP D 180 19.05 -18.47 -23.99
N LEU D 181 18.54 -17.46 -23.26
CA LEU D 181 17.13 -17.13 -23.36
C LEU D 181 16.79 -16.41 -24.66
N ASP D 182 17.79 -15.90 -25.38
CA ASP D 182 17.52 -15.23 -26.65
C ASP D 182 17.41 -16.23 -27.80
N THR D 183 18.14 -17.34 -27.74
CA THR D 183 18.07 -18.37 -28.76
C THR D 183 17.43 -19.65 -28.27
N ASN D 184 17.00 -19.70 -27.00
CA ASN D 184 16.19 -20.80 -26.48
C ASN D 184 16.93 -22.13 -26.52
N LEU D 185 18.24 -22.09 -26.27
CA LEU D 185 19.10 -23.27 -26.33
C LEU D 185 19.70 -23.56 -24.97
N ILE D 186 20.09 -24.81 -24.78
CA ILE D 186 20.93 -25.23 -23.66
C ILE D 186 22.31 -25.53 -24.22
N GLU D 187 23.30 -24.73 -23.82
CA GLU D 187 24.64 -24.83 -24.36
C GLU D 187 25.63 -25.23 -23.27
N SER D 188 26.83 -25.59 -23.71
CA SER D 188 27.90 -25.94 -22.79
C SER D 188 29.25 -25.63 -23.42
N SER D 189 30.20 -25.24 -22.58
CA SER D 189 31.58 -25.03 -22.97
C SER D 189 32.48 -25.59 -21.88
N ASN D 190 33.79 -25.56 -22.11
CA ASN D 190 34.74 -25.95 -21.07
C ASN D 190 35.01 -24.74 -20.17
N MET D 191 35.98 -24.87 -19.27
CA MET D 191 36.25 -23.79 -18.32
C MET D 191 36.89 -22.58 -18.99
N LEU D 192 37.41 -22.73 -20.21
CA LEU D 192 38.03 -21.63 -20.94
C LEU D 192 37.07 -20.94 -21.90
N GLY D 193 35.81 -21.36 -21.95
CA GLY D 193 34.86 -20.75 -22.85
C GLY D 193 34.94 -21.24 -24.28
N LEU D 194 35.68 -22.32 -24.53
CA LEU D 194 35.84 -22.89 -25.86
C LEU D 194 35.15 -24.25 -25.94
N ASN D 195 35.18 -24.84 -27.12
CA ASN D 195 34.54 -26.13 -27.40
C ASN D 195 33.04 -26.07 -27.09
N ARG D 196 32.38 -25.10 -27.72
CA ARG D 196 30.95 -24.91 -27.52
C ARG D 196 30.18 -26.09 -28.10
N GLU D 197 29.16 -26.53 -27.35
CA GLU D 197 28.30 -27.62 -27.79
C GLU D 197 26.86 -27.29 -27.44
N VAL D 198 25.95 -27.63 -28.35
CA VAL D 198 24.52 -27.44 -28.15
C VAL D 198 23.94 -28.72 -27.58
N ILE D 199 23.43 -28.65 -26.34
CA ILE D 199 22.95 -29.85 -25.67
C ILE D 199 21.53 -30.16 -26.07
N ALA D 200 20.68 -29.13 -26.18
CA ALA D 200 19.27 -29.34 -26.53
C ALA D 200 18.81 -28.13 -27.34
N ASP D 201 18.48 -28.36 -28.61
CA ASP D 201 18.07 -27.28 -29.52
C ASP D 201 16.59 -27.35 -29.89
N ASP D 202 15.83 -28.25 -29.27
CA ASP D 202 14.42 -28.45 -29.61
C ASP D 202 13.51 -28.22 -28.40
N LEU D 203 13.95 -27.37 -27.47
CA LEU D 203 13.10 -27.14 -26.31
C LEU D 203 12.26 -25.88 -26.49
N PRO D 204 11.00 -25.91 -26.04
CA PRO D 204 10.12 -24.75 -26.25
C PRO D 204 10.53 -23.52 -25.45
N HIS D 205 10.82 -23.67 -24.15
CA HIS D 205 11.16 -22.49 -23.35
C HIS D 205 11.95 -22.88 -22.10
N PRO D 206 13.23 -23.24 -22.23
CA PRO D 206 14.03 -23.54 -21.04
C PRO D 206 14.41 -22.27 -20.29
N PHE D 207 14.59 -22.43 -18.97
CA PHE D 207 14.93 -21.28 -18.13
C PHE D 207 15.94 -21.65 -17.05
N GLY D 208 15.46 -22.20 -15.94
CA GLY D 208 16.36 -22.64 -14.89
C GLY D 208 17.23 -23.80 -15.33
N LEU D 209 18.33 -24.01 -14.60
CA LEU D 209 19.28 -25.03 -15.00
C LEU D 209 20.14 -25.45 -13.81
N THR D 210 20.43 -26.74 -13.75
CA THR D 210 21.37 -27.29 -12.77
C THR D 210 21.86 -28.64 -13.30
N GLN D 211 22.95 -29.12 -12.71
CA GLN D 211 23.58 -30.35 -13.16
C GLN D 211 23.86 -31.26 -11.97
N TYR D 212 23.73 -32.57 -12.19
CA TYR D 212 23.95 -33.56 -11.14
C TYR D 212 24.27 -34.90 -11.77
N GLN D 213 25.49 -35.39 -11.53
CA GLN D 213 25.96 -36.69 -12.01
C GLN D 213 25.94 -36.66 -13.54
N ASP D 214 25.31 -37.62 -14.21
CA ASP D 214 25.24 -37.65 -15.66
C ASP D 214 24.11 -36.81 -16.24
N TYR D 215 23.39 -36.06 -15.40
CA TYR D 215 22.17 -35.40 -15.83
C TYR D 215 22.29 -33.89 -15.69
N ILE D 216 21.58 -33.20 -16.58
CA ILE D 216 21.25 -31.78 -16.42
C ILE D 216 19.77 -31.70 -16.14
N TYR D 217 19.39 -30.73 -15.31
CA TYR D 217 18.00 -30.45 -15.01
C TYR D 217 17.66 -29.04 -15.46
N TRP D 218 16.43 -28.85 -15.93
CA TRP D 218 16.01 -27.53 -16.37
C TRP D 218 14.51 -27.39 -16.17
N THR D 219 14.06 -26.14 -16.12
CA THR D 219 12.65 -25.81 -16.06
C THR D 219 12.22 -25.27 -17.42
N ASP D 220 11.00 -25.61 -17.84
CA ASP D 220 10.45 -25.14 -19.11
C ASP D 220 9.15 -24.40 -18.81
N TRP D 221 9.15 -23.10 -19.07
CA TRP D 221 7.96 -22.30 -18.80
C TRP D 221 6.85 -22.56 -19.80
N SER D 222 7.17 -23.18 -20.95
CA SER D 222 6.13 -23.49 -21.93
C SER D 222 5.44 -24.81 -21.58
N ARG D 223 6.22 -25.83 -21.23
CA ARG D 223 5.66 -27.12 -20.82
C ARG D 223 5.32 -27.16 -19.33
N ARG D 224 5.67 -26.12 -18.57
CA ARG D 224 5.32 -26.01 -17.15
C ARG D 224 5.82 -27.23 -16.36
N SER D 225 7.10 -27.55 -16.54
CA SER D 225 7.63 -28.80 -16.04
C SER D 225 9.07 -28.62 -15.57
N ILE D 226 9.57 -29.65 -14.90
CA ILE D 226 10.98 -29.80 -14.57
C ILE D 226 11.46 -31.08 -15.22
N GLU D 227 12.42 -30.96 -16.14
CA GLU D 227 12.83 -32.09 -16.96
C GLU D 227 14.31 -32.39 -16.76
N ARG D 228 14.72 -33.57 -17.22
CA ARG D 228 16.06 -34.09 -17.01
C ARG D 228 16.54 -34.80 -18.26
N ALA D 229 17.84 -34.72 -18.52
CA ALA D 229 18.41 -35.38 -19.70
C ALA D 229 19.90 -35.66 -19.45
N ASN D 230 20.44 -36.56 -20.27
CA ASN D 230 21.87 -36.85 -20.26
C ASN D 230 22.65 -35.57 -20.57
N LYS D 231 23.59 -35.23 -19.70
CA LYS D 231 24.30 -33.96 -19.80
C LYS D 231 25.22 -33.89 -21.02
N THR D 232 25.52 -35.01 -21.66
CA THR D 232 26.43 -35.03 -22.80
C THR D 232 25.67 -35.01 -24.13
N SER D 233 24.88 -36.05 -24.39
CA SER D 233 24.14 -36.13 -25.64
C SER D 233 22.85 -35.33 -25.62
N GLY D 234 22.32 -35.02 -24.45
CA GLY D 234 21.00 -34.43 -24.36
C GLY D 234 19.87 -35.41 -24.56
N GLN D 235 20.14 -36.71 -24.49
CA GLN D 235 19.17 -37.75 -24.77
C GLN D 235 18.59 -38.30 -23.47
N ASN D 236 17.85 -39.40 -23.57
CA ASN D 236 17.21 -40.06 -22.43
C ASN D 236 16.41 -39.07 -21.60
N ARG D 237 15.65 -38.22 -22.29
CA ARG D 237 14.94 -37.14 -21.60
C ARG D 237 13.76 -37.69 -20.80
N THR D 238 13.46 -37.02 -19.70
CA THR D 238 12.36 -37.43 -18.82
C THR D 238 11.81 -36.21 -18.10
N ILE D 239 10.56 -36.31 -17.69
CA ILE D 239 9.87 -35.26 -16.94
C ILE D 239 9.89 -35.64 -15.46
N ILE D 240 10.45 -34.77 -14.62
CA ILE D 240 10.45 -35.03 -13.20
C ILE D 240 9.09 -34.69 -12.58
N GLN D 241 8.51 -33.56 -12.99
CA GLN D 241 7.21 -33.14 -12.49
C GLN D 241 6.64 -32.08 -13.41
N GLY D 242 5.34 -32.19 -13.70
CA GLY D 242 4.63 -31.25 -14.54
C GLY D 242 3.69 -30.37 -13.73
N HIS D 243 2.97 -29.52 -14.48
CA HIS D 243 1.99 -28.59 -13.91
C HIS D 243 2.64 -27.66 -12.89
N LEU D 244 3.85 -27.19 -13.20
CA LEU D 244 4.58 -26.22 -12.39
C LEU D 244 4.85 -25.00 -13.26
N ASP D 245 4.07 -23.94 -13.07
CA ASP D 245 4.14 -22.77 -13.94
C ASP D 245 5.20 -21.80 -13.43
N TYR D 246 6.13 -21.43 -14.32
CA TYR D 246 7.11 -20.36 -14.08
C TYR D 246 7.98 -20.67 -12.85
N VAL D 247 8.74 -21.75 -12.96
CA VAL D 247 9.73 -22.08 -11.94
C VAL D 247 10.98 -21.26 -12.19
N MET D 248 11.43 -20.54 -11.16
CA MET D 248 12.52 -19.59 -11.34
C MET D 248 13.89 -20.26 -11.32
N ASP D 249 14.18 -21.02 -10.26
CA ASP D 249 15.50 -21.63 -10.09
C ASP D 249 15.34 -23.04 -9.57
N ILE D 250 16.37 -23.86 -9.84
CA ILE D 250 16.43 -25.24 -9.36
C ILE D 250 17.85 -25.56 -8.94
N LEU D 251 17.99 -26.53 -8.04
CA LEU D 251 19.29 -27.03 -7.63
C LEU D 251 19.10 -28.41 -7.01
N VAL D 252 20.17 -29.19 -7.05
CA VAL D 252 20.20 -30.50 -6.40
C VAL D 252 20.88 -30.34 -5.05
N PHE D 253 20.13 -30.60 -3.98
CA PHE D 253 20.68 -30.54 -2.62
C PHE D 253 21.40 -31.84 -2.35
N HIS D 254 22.72 -31.85 -2.53
CA HIS D 254 23.51 -33.04 -2.27
C HIS D 254 24.96 -32.62 -2.06
N SER D 255 25.65 -33.34 -1.17
CA SER D 255 27.02 -32.98 -0.81
C SER D 255 28.00 -33.19 -1.97
N SER D 256 27.61 -33.96 -2.99
CA SER D 256 28.50 -34.20 -4.12
C SER D 256 28.74 -32.96 -4.98
N ARG D 257 27.92 -31.92 -4.81
CA ARG D 257 28.10 -30.68 -5.56
C ARG D 257 28.81 -29.61 -4.75
N GLN D 258 29.23 -29.91 -3.52
CA GLN D 258 30.01 -28.99 -2.70
C GLN D 258 31.22 -29.75 -2.16
N SER D 259 32.19 -30.01 -3.04
CA SER D 259 33.41 -30.72 -2.70
C SER D 259 34.58 -29.74 -2.73
N GLY D 260 35.80 -30.29 -2.66
CA GLY D 260 37.01 -29.49 -2.75
C GLY D 260 37.47 -28.96 -1.41
N TRP D 261 38.51 -28.12 -1.47
CA TRP D 261 39.13 -27.57 -0.28
C TRP D 261 40.01 -26.40 -0.67
N ASN D 262 40.21 -25.48 0.26
CA ASN D 262 41.18 -24.40 0.12
C ASN D 262 41.60 -23.96 1.52
N GLU D 263 42.51 -23.00 1.59
CA GLU D 263 43.04 -22.58 2.87
C GLU D 263 41.99 -21.86 3.71
N CYS D 264 41.00 -21.23 3.06
CA CYS D 264 39.94 -20.57 3.81
C CYS D 264 39.12 -21.56 4.62
N ALA D 265 38.97 -22.79 4.11
CA ALA D 265 38.17 -23.80 4.81
C ALA D 265 38.88 -24.31 6.06
N SER D 266 40.21 -24.21 6.11
CA SER D 266 40.97 -24.75 7.24
C SER D 266 41.16 -23.73 8.36
N SER D 267 41.48 -22.49 8.02
CA SER D 267 41.81 -21.50 9.04
C SER D 267 41.30 -20.10 8.70
N ASN D 268 40.37 -19.99 7.74
CA ASN D 268 39.92 -18.69 7.22
C ASN D 268 41.10 -17.87 6.75
N GLY D 269 42.18 -18.55 6.37
CA GLY D 269 43.41 -17.89 5.98
C GLY D 269 43.98 -16.97 7.03
N HIS D 270 43.59 -17.17 8.29
CA HIS D 270 43.94 -16.28 9.40
C HIS D 270 43.52 -14.85 9.13
N CYS D 271 42.51 -14.66 8.27
CA CYS D 271 41.99 -13.33 7.98
C CYS D 271 41.04 -12.90 9.07
N SER D 272 41.08 -11.62 9.43
CA SER D 272 40.20 -11.12 10.48
C SER D 272 38.76 -11.04 10.00
N HIS D 273 38.53 -10.80 8.71
CA HIS D 273 37.17 -10.60 8.21
C HIS D 273 36.85 -11.57 7.08
N LEU D 274 37.29 -11.27 5.87
CA LEU D 274 36.95 -12.05 4.69
C LEU D 274 38.15 -12.85 4.20
N CYS D 275 37.90 -14.10 3.83
CA CYS D 275 38.90 -14.97 3.20
C CYS D 275 38.39 -15.28 1.80
N LEU D 276 38.97 -14.62 0.80
CA LEU D 276 38.50 -14.72 -0.59
C LEU D 276 39.48 -15.56 -1.39
N ALA D 277 38.94 -16.53 -2.13
CA ALA D 277 39.75 -17.46 -2.90
C ALA D 277 40.26 -16.81 -4.18
N VAL D 278 41.48 -17.19 -4.56
CA VAL D 278 42.10 -16.72 -5.81
C VAL D 278 42.83 -17.86 -6.46
N PRO D 279 42.93 -17.83 -7.80
CA PRO D 279 43.65 -18.91 -8.50
C PRO D 279 45.14 -18.88 -8.21
N VAL D 280 45.74 -20.06 -8.15
CA VAL D 280 45.03 -21.32 -8.36
C VAL D 280 44.84 -22.05 -7.02
N GLY D 281 43.65 -21.95 -6.46
CA GLY D 281 43.36 -22.59 -5.20
C GLY D 281 43.88 -21.87 -3.99
N GLY D 282 44.46 -20.68 -4.15
CA GLY D 282 44.96 -19.89 -3.04
C GLY D 282 43.89 -19.00 -2.44
N PHE D 283 44.34 -17.99 -1.71
CA PHE D 283 43.44 -17.08 -1.04
C PHE D 283 44.11 -15.74 -0.82
N VAL D 284 43.28 -14.72 -0.59
CA VAL D 284 43.71 -13.41 -0.10
C VAL D 284 42.71 -12.96 0.94
N CYS D 285 43.17 -12.10 1.85
CA CYS D 285 42.30 -11.57 2.89
C CYS D 285 41.62 -10.30 2.40
N GLY D 286 40.33 -10.17 2.70
CA GLY D 286 39.55 -9.03 2.31
C GLY D 286 38.95 -8.32 3.51
N CYS D 287 38.45 -7.12 3.26
CA CYS D 287 37.91 -6.25 4.29
C CYS D 287 36.51 -5.80 3.91
N PRO D 288 35.73 -5.33 4.89
CA PRO D 288 34.44 -4.70 4.56
C PRO D 288 34.63 -3.47 3.70
N ALA D 289 33.52 -2.97 3.15
CA ALA D 289 33.57 -1.84 2.25
C ALA D 289 34.16 -0.62 2.97
N HIS D 290 35.13 0.02 2.31
CA HIS D 290 35.86 1.19 2.77
C HIS D 290 36.85 0.89 3.89
N TYR D 291 36.89 -0.35 4.38
CA TYR D 291 37.98 -0.74 5.26
C TYR D 291 39.23 -1.01 4.43
N SER D 292 40.39 -0.93 5.09
CA SER D 292 41.67 -1.13 4.43
C SER D 292 42.42 -2.28 5.08
N LEU D 293 43.12 -3.05 4.24
CA LEU D 293 43.92 -4.17 4.74
C LEU D 293 45.25 -3.66 5.27
N ASN D 294 45.57 -4.06 6.50
CA ASN D 294 46.80 -3.59 7.13
C ASN D 294 48.03 -4.23 6.47
N ALA D 295 49.21 -3.83 6.92
CA ALA D 295 50.46 -4.34 6.36
C ALA D 295 50.66 -5.83 6.60
N ASP D 296 49.94 -6.43 7.56
CA ASP D 296 50.03 -7.86 7.80
C ASP D 296 49.22 -8.70 6.81
N ASN D 297 48.45 -8.08 5.90
CA ASN D 297 47.58 -8.77 4.95
C ASN D 297 46.61 -9.72 5.62
N ARG D 298 46.16 -9.37 6.83
CA ARG D 298 45.23 -10.21 7.58
C ARG D 298 44.15 -9.36 8.25
N THR D 299 44.55 -8.29 8.91
CA THR D 299 43.61 -7.46 9.68
C THR D 299 43.15 -6.26 8.87
N CYS D 300 42.01 -5.71 9.28
CA CYS D 300 41.36 -4.61 8.58
C CYS D 300 41.16 -3.42 9.51
N SER D 301 41.33 -2.22 8.97
CA SER D 301 41.14 -0.98 9.73
C SER D 301 39.97 -0.20 9.15
N ALA D 302 39.13 0.34 10.04
CA ALA D 302 37.99 1.11 9.60
C ALA D 302 38.45 2.43 8.97
N PRO D 303 37.64 2.99 8.07
CA PRO D 303 38.01 4.29 7.47
C PRO D 303 37.97 5.40 8.51
N THR D 304 39.03 6.22 8.53
CA THR D 304 39.14 7.30 9.50
C THR D 304 38.49 8.59 9.01
N THR D 305 38.68 8.92 7.73
CA THR D 305 38.07 10.10 7.12
C THR D 305 37.26 9.67 5.90
N PHE D 306 36.09 10.28 5.73
CA PHE D 306 35.19 9.90 4.64
C PHE D 306 34.16 11.02 4.47
N LEU D 307 33.32 10.87 3.45
CA LEU D 307 32.22 11.79 3.19
C LEU D 307 30.89 11.09 3.38
N LEU D 308 29.95 11.80 3.99
CA LEU D 308 28.57 11.35 4.15
C LEU D 308 27.67 12.23 3.31
N PHE D 309 26.78 11.61 2.53
CA PHE D 309 25.75 12.35 1.83
C PHE D 309 24.44 11.59 1.94
N SER D 310 23.36 12.32 2.23
CA SER D 310 22.08 11.73 2.52
C SER D 310 21.07 12.05 1.43
N GLN D 311 20.15 11.11 1.20
CA GLN D 311 19.01 11.30 0.33
C GLN D 311 17.75 11.39 1.18
N LYS D 312 16.59 11.34 0.52
CA LYS D 312 15.33 11.42 1.25
C LYS D 312 15.17 10.25 2.21
N SER D 313 15.52 9.04 1.76
CA SER D 313 15.31 7.83 2.55
C SER D 313 16.59 7.01 2.68
N ALA D 314 17.75 7.65 2.60
CA ALA D 314 19.01 6.92 2.66
C ALA D 314 20.11 7.84 3.17
N ILE D 315 21.11 7.23 3.81
CA ILE D 315 22.33 7.92 4.21
C ILE D 315 23.49 7.09 3.68
N ASN D 316 24.35 7.71 2.87
CA ASN D 316 25.41 7.01 2.17
C ASN D 316 26.78 7.47 2.66
N ARG D 317 27.79 6.66 2.37
CA ARG D 317 29.16 6.97 2.74
C ARG D 317 30.06 6.83 1.51
N MET D 318 31.13 7.63 1.48
CA MET D 318 32.03 7.67 0.36
C MET D 318 33.42 8.05 0.84
N VAL D 319 34.44 7.39 0.31
CA VAL D 319 35.83 7.67 0.64
C VAL D 319 36.54 8.19 -0.61
N ILE D 320 37.76 8.68 -0.41
CA ILE D 320 38.62 9.15 -1.49
C ILE D 320 39.88 8.31 -1.44
N ASP D 321 40.05 7.41 -2.40
CA ASP D 321 41.18 6.49 -2.42
C ASP D 321 41.67 6.33 -3.85
N GLU D 322 42.74 5.54 -4.00
CA GLU D 322 43.35 5.34 -5.31
C GLU D 322 42.52 4.41 -6.18
N GLN D 323 42.10 3.26 -5.63
CA GLN D 323 41.29 2.33 -6.40
C GLN D 323 39.89 2.86 -6.68
N GLN D 324 39.51 3.99 -6.07
CA GLN D 324 38.20 4.62 -6.25
C GLN D 324 37.08 3.63 -5.91
N SER D 325 37.05 3.27 -4.62
CA SER D 325 36.02 2.35 -4.13
C SER D 325 34.64 2.97 -4.29
N PRO D 326 33.61 2.15 -4.49
CA PRO D 326 32.27 2.69 -4.69
C PRO D 326 31.65 3.17 -3.39
N ASP D 327 30.63 4.03 -3.54
CA ASP D 327 29.87 4.49 -2.39
C ASP D 327 28.91 3.40 -1.94
N ILE D 328 28.66 3.36 -0.63
CA ILE D 328 27.73 2.40 -0.05
C ILE D 328 26.66 3.15 0.71
N ILE D 329 25.53 2.47 0.91
CA ILE D 329 24.43 2.97 1.72
C ILE D 329 24.53 2.36 3.11
N LEU D 330 24.48 3.19 4.13
CA LEU D 330 24.61 2.69 5.49
C LEU D 330 23.33 2.01 5.94
N PRO D 331 23.41 0.86 6.61
CA PRO D 331 22.20 0.15 7.05
C PRO D 331 21.47 0.86 8.18
N ILE D 332 20.97 2.06 7.90
CA ILE D 332 20.18 2.82 8.86
C ILE D 332 18.71 2.55 8.57
N HIS D 333 17.99 2.07 9.58
CA HIS D 333 16.61 1.65 9.40
C HIS D 333 15.65 2.80 9.68
N SER D 334 14.47 2.72 9.05
CA SER D 334 13.35 3.62 9.31
C SER D 334 13.66 5.07 8.90
N LEU D 335 14.42 5.26 7.82
CA LEU D 335 14.64 6.58 7.27
C LEU D 335 13.46 6.97 6.40
N ARG D 336 12.82 8.10 6.71
CA ARG D 336 11.65 8.56 5.97
C ARG D 336 11.94 9.80 5.15
N ASN D 337 12.42 10.88 5.79
CA ASN D 337 12.71 12.12 5.07
C ASN D 337 13.86 12.83 5.78
N VAL D 338 15.09 12.43 5.43
CA VAL D 338 16.28 13.00 6.04
C VAL D 338 16.55 14.37 5.41
N ARG D 339 16.63 15.40 6.26
CA ARG D 339 16.87 16.76 5.82
C ARG D 339 18.33 17.18 5.98
N ALA D 340 18.92 16.91 7.14
CA ALA D 340 20.30 17.29 7.40
C ALA D 340 20.97 16.18 8.21
N ILE D 341 22.31 16.14 8.16
CA ILE D 341 23.09 15.13 8.84
C ILE D 341 24.28 15.78 9.54
N ASP D 342 24.79 15.09 10.55
CA ASP D 342 26.00 15.49 11.25
C ASP D 342 26.65 14.25 11.82
N TYR D 343 27.84 14.42 12.38
CA TYR D 343 28.62 13.28 12.84
C TYR D 343 29.47 13.67 14.05
N ASP D 344 29.42 12.84 15.09
CA ASP D 344 30.26 13.04 16.27
C ASP D 344 31.50 12.17 16.13
N PRO D 345 32.67 12.73 15.85
CA PRO D 345 33.87 11.90 15.65
C PRO D 345 34.43 11.31 16.94
N LEU D 346 33.87 11.64 18.10
CA LEU D 346 34.38 11.09 19.35
C LEU D 346 33.81 9.70 19.61
N ASP D 347 32.50 9.60 19.77
CA ASP D 347 31.84 8.30 19.91
C ASP D 347 31.49 7.68 18.56
N LYS D 348 31.84 8.33 17.46
CA LYS D 348 31.65 7.81 16.10
C LYS D 348 30.21 7.36 15.87
N GLN D 349 29.30 8.32 16.01
CA GLN D 349 27.88 8.09 15.79
C GLN D 349 27.33 9.13 14.82
N LEU D 350 26.29 8.73 14.10
CA LEU D 350 25.69 9.54 13.05
C LEU D 350 24.41 10.20 13.56
N TYR D 351 24.25 11.48 13.24
CA TYR D 351 23.07 12.25 13.62
C TYR D 351 22.37 12.75 12.36
N TRP D 352 21.04 12.87 12.44
CA TRP D 352 20.28 13.36 11.30
C TRP D 352 18.92 13.84 11.77
N ILE D 353 18.29 14.67 10.93
CA ILE D 353 16.95 15.18 11.15
C ILE D 353 16.02 14.50 10.16
N ASP D 354 14.92 13.95 10.65
CA ASP D 354 13.89 13.35 9.82
C ASP D 354 12.68 14.28 9.85
N SER D 355 12.43 14.96 8.72
CA SER D 355 11.40 15.99 8.69
C SER D 355 9.98 15.41 8.75
N ARG D 356 9.79 14.16 8.35
CA ARG D 356 8.45 13.56 8.43
C ARG D 356 8.15 13.09 9.84
N GLN D 357 9.11 12.44 10.49
CA GLN D 357 8.97 12.11 11.91
C GLN D 357 9.18 13.31 12.80
N ASN D 358 9.78 14.38 12.28
CA ASN D 358 10.06 15.62 13.02
C ASN D 358 10.79 15.31 14.32
N MET D 359 11.98 14.73 14.17
CA MET D 359 12.81 14.36 15.31
C MET D 359 14.26 14.36 14.89
N ILE D 360 15.15 14.34 15.88
CA ILE D 360 16.59 14.22 15.67
C ILE D 360 17.01 12.87 16.22
N ARG D 361 17.49 11.99 15.32
CA ARG D 361 17.85 10.63 15.69
C ARG D 361 19.35 10.43 15.60
N LYS D 362 19.82 9.34 16.22
CA LYS D 362 21.23 9.04 16.37
C LYS D 362 21.43 7.53 16.27
N ALA D 363 22.52 7.13 15.62
CA ALA D 363 22.89 5.73 15.52
C ALA D 363 24.32 5.66 15.01
N GLN D 364 24.91 4.47 15.08
CA GLN D 364 26.21 4.24 14.48
C GLN D 364 26.05 3.91 13.00
N GLU D 365 27.18 3.85 12.29
CA GLU D 365 27.17 3.42 10.90
C GLU D 365 26.76 1.97 10.76
N ASP D 366 26.77 1.21 11.86
CA ASP D 366 26.21 -0.14 11.87
C ASP D 366 24.69 -0.12 11.75
N GLY D 367 24.05 1.00 12.06
CA GLY D 367 22.62 1.06 12.22
C GLY D 367 22.12 0.67 13.58
N SER D 368 23.00 0.18 14.46
CA SER D 368 22.62 -0.27 15.79
C SER D 368 22.59 0.90 16.77
N GLN D 369 22.09 0.62 17.97
CA GLN D 369 22.01 1.58 19.07
C GLN D 369 21.34 2.88 18.61
N GLY D 370 20.22 2.73 17.90
CA GLY D 370 19.44 3.89 17.51
C GLY D 370 18.84 4.58 18.74
N PHE D 371 18.81 5.91 18.69
CA PHE D 371 18.28 6.69 19.80
C PHE D 371 17.78 8.03 19.27
N THR D 372 16.63 8.44 19.76
CA THR D 372 16.05 9.72 19.39
C THR D 372 16.47 10.78 20.40
N VAL D 373 17.06 11.87 19.91
CA VAL D 373 17.55 12.92 20.79
C VAL D 373 16.48 13.97 21.07
N VAL D 374 15.68 14.34 20.07
CA VAL D 374 14.67 15.39 20.19
C VAL D 374 13.37 14.89 19.57
N VAL D 375 12.27 15.04 20.31
CA VAL D 375 10.93 14.84 19.77
C VAL D 375 10.14 16.10 20.11
N GLU D 384 3.67 21.36 17.51
CA GLU D 384 4.76 20.40 17.60
C GLU D 384 6.10 21.04 17.23
N ILE D 385 7.12 20.21 17.07
CA ILE D 385 8.46 20.68 16.74
C ILE D 385 8.73 20.43 15.26
N GLN D 386 9.67 21.20 14.72
CA GLN D 386 10.09 21.04 13.31
C GLN D 386 11.56 21.41 13.20
N PRO D 387 12.45 20.46 13.50
CA PRO D 387 13.89 20.73 13.33
C PRO D 387 14.23 20.93 11.86
N TYR D 388 15.02 21.97 11.59
CA TYR D 388 15.40 22.32 10.22
C TYR D 388 16.85 21.95 9.92
N ASP D 389 17.81 22.52 10.64
CA ASP D 389 19.22 22.23 10.45
C ASP D 389 19.84 21.93 11.80
N LEU D 390 21.05 21.37 11.79
CA LEU D 390 21.74 21.03 13.02
C LEU D 390 23.25 21.16 12.81
N SER D 391 23.95 21.30 13.94
CA SER D 391 25.41 21.42 13.93
C SER D 391 25.92 21.07 15.33
N ILE D 392 26.87 20.15 15.40
CA ILE D 392 27.30 19.56 16.66
C ILE D 392 28.51 20.32 17.21
N ASP D 393 28.42 20.71 18.47
CA ASP D 393 29.58 21.19 19.23
C ASP D 393 30.22 19.97 19.87
N ILE D 394 31.25 19.43 19.22
CA ILE D 394 31.86 18.17 19.67
C ILE D 394 32.65 18.31 20.96
N TYR D 395 32.91 19.53 21.41
CA TYR D 395 33.68 19.74 22.63
C TYR D 395 32.79 19.83 23.87
N SER D 396 31.69 20.57 23.77
CA SER D 396 30.71 20.65 24.84
C SER D 396 29.61 19.58 24.71
N ARG D 397 29.69 18.74 23.68
CA ARG D 397 28.77 17.61 23.50
C ARG D 397 27.32 18.07 23.37
N TYR D 398 27.12 19.16 22.62
CA TYR D 398 25.79 19.72 22.40
C TYR D 398 25.45 19.72 20.92
N ILE D 399 24.16 19.76 20.63
CA ILE D 399 23.63 19.90 19.28
C ILE D 399 22.94 21.25 19.18
N TYR D 400 23.39 22.08 18.24
CA TYR D 400 22.74 23.35 17.94
C TYR D 400 21.84 23.14 16.73
N TRP D 401 20.53 23.26 16.94
CA TRP D 401 19.57 23.02 15.87
C TRP D 401 18.54 24.14 15.83
N THR D 402 18.01 24.40 14.64
CA THR D 402 17.00 25.41 14.42
C THR D 402 15.63 24.75 14.27
N CYS D 403 14.61 25.40 14.82
CA CYS D 403 13.25 24.89 14.78
C CYS D 403 12.45 25.76 13.82
N GLU D 404 11.98 25.16 12.72
CA GLU D 404 11.22 25.93 11.74
C GLU D 404 9.85 26.33 12.25
N ALA D 405 9.30 25.57 13.21
CA ALA D 405 7.97 25.88 13.72
C ALA D 405 8.00 27.06 14.69
N THR D 406 8.95 27.07 15.62
CA THR D 406 9.03 28.11 16.64
C THR D 406 10.07 29.19 16.34
N ASN D 407 10.90 29.00 15.30
CA ASN D 407 11.87 30.00 14.85
C ASN D 407 12.84 30.37 15.98
N VAL D 408 13.50 29.35 16.52
CA VAL D 408 14.49 29.51 17.58
C VAL D 408 15.71 28.67 17.26
N ILE D 409 16.79 28.94 17.99
CA ILE D 409 17.98 28.10 17.98
C ILE D 409 18.03 27.40 19.33
N ASN D 410 17.80 26.08 19.31
CA ASN D 410 17.69 25.27 20.50
C ASN D 410 18.95 24.43 20.66
N VAL D 411 19.36 24.21 21.91
CA VAL D 411 20.58 23.46 22.23
C VAL D 411 20.20 22.25 23.05
N THR D 412 20.79 21.09 22.71
CA THR D 412 20.47 19.83 23.35
C THR D 412 21.73 19.00 23.50
N ARG D 413 21.90 18.38 24.67
CA ARG D 413 23.01 17.46 24.89
C ARG D 413 22.82 16.22 24.01
N LEU D 414 23.93 15.51 23.79
CA LEU D 414 23.89 14.35 22.90
C LEU D 414 22.99 13.25 23.44
N ASP D 415 22.82 13.18 24.77
CA ASP D 415 21.99 12.16 25.38
C ASP D 415 20.51 12.54 25.44
N GLY D 416 20.13 13.68 24.87
CA GLY D 416 18.75 14.12 24.82
C GLY D 416 18.37 15.14 25.87
N ARG D 417 19.24 15.39 26.86
CA ARG D 417 18.91 16.38 27.88
C ARG D 417 18.99 17.79 27.29
N SER D 418 17.90 18.53 27.41
CA SER D 418 17.84 19.87 26.83
C SER D 418 18.71 20.84 27.60
N VAL D 419 19.45 21.67 26.86
CA VAL D 419 20.19 22.78 27.46
C VAL D 419 19.33 24.03 27.50
N GLY D 420 18.71 24.39 26.38
CA GLY D 420 17.84 25.54 26.32
C GLY D 420 17.96 26.33 25.03
N VAL D 421 17.15 27.37 24.90
CA VAL D 421 17.14 28.20 23.70
C VAL D 421 18.15 29.32 23.86
N VAL D 422 18.99 29.51 22.84
CA VAL D 422 20.00 30.56 22.84
C VAL D 422 19.65 31.72 21.92
N LEU D 423 18.63 31.58 21.08
CA LEU D 423 18.25 32.67 20.18
C LEU D 423 16.76 32.58 19.88
N LYS D 424 16.09 33.73 19.94
CA LYS D 424 14.70 33.86 19.55
C LYS D 424 14.42 35.33 19.28
N GLY D 425 13.69 35.59 18.19
CA GLY D 425 13.36 36.94 17.81
C GLY D 425 11.93 37.04 17.32
N GLU D 426 11.44 38.29 17.30
CA GLU D 426 10.07 38.53 16.87
C GLU D 426 9.87 38.14 15.41
N GLN D 427 10.77 38.59 14.53
CA GLN D 427 10.70 38.29 13.10
C GLN D 427 11.88 37.45 12.63
N ASP D 428 12.57 36.78 13.54
CA ASP D 428 13.71 35.95 13.17
C ASP D 428 13.25 34.63 12.57
N ARG D 429 13.92 34.21 11.50
CA ARG D 429 13.65 32.94 10.82
C ARG D 429 14.95 32.16 10.68
N PRO D 430 15.49 31.63 11.79
CA PRO D 430 16.76 30.89 11.71
C PRO D 430 16.58 29.56 11.00
N ARG D 431 17.45 29.27 10.04
CA ARG D 431 17.33 28.06 9.24
C ARG D 431 18.63 27.28 9.24
N ALA D 432 19.47 27.49 8.23
CA ALA D 432 20.78 26.84 8.21
C ALA D 432 21.63 27.33 9.38
N VAL D 433 22.53 26.48 9.84
CA VAL D 433 23.33 26.79 11.02
C VAL D 433 24.60 25.96 10.99
N VAL D 434 25.70 26.56 11.44
CA VAL D 434 26.96 25.86 11.61
C VAL D 434 27.68 26.46 12.81
N VAL D 435 28.30 25.59 13.61
CA VAL D 435 28.89 25.98 14.89
C VAL D 435 30.41 26.01 14.76
N ASN D 436 31.02 27.00 15.38
CA ASN D 436 32.48 27.18 15.40
C ASN D 436 32.91 27.30 16.85
N PRO D 437 32.96 26.19 17.60
CA PRO D 437 33.31 26.27 19.02
C PRO D 437 34.78 26.47 19.29
N GLU D 438 35.64 26.40 18.27
CA GLU D 438 37.04 26.74 18.46
C GLU D 438 37.21 28.23 18.75
N LYS D 439 36.34 29.07 18.19
CA LYS D 439 36.35 30.50 18.42
C LYS D 439 35.22 30.98 19.30
N GLY D 440 34.19 30.16 19.51
CA GLY D 440 33.07 30.55 20.35
C GLY D 440 31.95 31.28 19.65
N TYR D 441 31.70 30.97 18.37
CA TYR D 441 30.68 31.66 17.60
C TYR D 441 29.91 30.65 16.76
N MET D 442 28.73 31.08 16.31
CA MET D 442 27.89 30.31 15.42
C MET D 442 27.42 31.20 14.28
N TYR D 443 27.14 30.57 13.14
CA TYR D 443 26.69 31.27 11.94
C TYR D 443 25.39 30.64 11.47
N PHE D 444 24.45 31.48 11.04
CA PHE D 444 23.14 30.98 10.64
C PHE D 444 22.52 31.93 9.63
N THR D 445 21.76 31.35 8.69
CA THR D 445 20.98 32.13 7.75
C THR D 445 19.65 32.52 8.37
N ASN D 446 19.25 33.77 8.17
CA ASN D 446 18.02 34.32 8.74
C ASN D 446 17.11 34.70 7.58
N LEU D 447 16.20 33.80 7.22
CA LEU D 447 15.35 33.98 6.04
C LEU D 447 14.11 34.81 6.38
N GLN D 448 14.36 36.05 6.79
CA GLN D 448 13.27 36.99 7.03
C GLN D 448 12.60 37.34 5.69
N GLU D 449 11.33 37.76 5.78
CA GLU D 449 10.53 37.94 4.58
C GLU D 449 11.11 39.03 3.69
N ARG D 450 11.50 38.64 2.47
CA ARG D 450 12.07 39.54 1.47
C ARG D 450 13.28 40.30 2.00
N SER D 451 14.01 39.69 2.93
CA SER D 451 15.24 40.25 3.47
C SER D 451 16.10 39.13 4.07
N PRO D 452 16.63 38.23 3.25
CA PRO D 452 17.45 37.14 3.80
C PRO D 452 18.80 37.64 4.28
N LYS D 453 19.26 37.08 5.40
CA LYS D 453 20.50 37.54 6.02
C LYS D 453 21.34 36.33 6.43
N ILE D 454 22.64 36.55 6.47
CA ILE D 454 23.59 35.62 7.06
C ILE D 454 24.18 36.29 8.29
N GLU D 455 23.93 35.71 9.47
CA GLU D 455 24.27 36.36 10.72
C GLU D 455 25.29 35.54 11.49
N ARG D 456 25.89 36.19 12.49
CA ARG D 456 26.83 35.56 13.40
C ARG D 456 26.51 36.01 14.82
N ALA D 457 26.72 35.10 15.77
CA ALA D 457 26.50 35.41 17.17
C ALA D 457 27.34 34.46 18.01
N ALA D 458 27.59 34.87 19.26
CA ALA D 458 28.25 34.00 20.20
C ALA D 458 27.37 32.77 20.47
N LEU D 459 28.01 31.70 20.91
CA LEU D 459 27.30 30.43 21.10
C LEU D 459 26.26 30.50 22.21
N ASP D 460 26.13 31.62 22.92
CA ASP D 460 25.07 31.80 23.89
C ASP D 460 23.98 32.76 23.41
N GLY D 461 24.12 33.28 22.19
CA GLY D 461 23.12 34.16 21.61
C GLY D 461 23.46 35.63 21.61
N THR D 462 24.51 36.03 22.33
CA THR D 462 24.90 37.43 22.38
C THR D 462 25.80 37.77 21.21
N GLU D 463 26.13 39.07 21.10
CA GLU D 463 27.00 39.58 20.04
C GLU D 463 26.44 39.25 18.65
N ARG D 464 25.14 39.44 18.48
CA ARG D 464 24.52 39.22 17.18
C ARG D 464 25.03 40.23 16.16
N GLU D 465 25.48 39.73 15.02
CA GLU D 465 26.00 40.58 13.95
C GLU D 465 25.52 40.07 12.61
N VAL D 466 24.91 40.94 11.81
CA VAL D 466 24.55 40.62 10.44
C VAL D 466 25.80 40.78 9.59
N LEU D 467 26.30 39.67 9.04
CA LEU D 467 27.48 39.75 8.20
C LEU D 467 27.15 40.19 6.79
N PHE D 468 26.04 39.68 6.23
CA PHE D 468 25.66 39.98 4.87
C PHE D 468 24.15 40.16 4.78
N PHE D 469 23.73 41.15 3.98
CA PHE D 469 22.32 41.45 3.80
C PHE D 469 21.95 41.72 2.36
N SER D 470 22.89 41.68 1.43
CA SER D 470 22.63 41.93 0.01
C SER D 470 23.24 40.79 -0.81
N GLY D 471 22.80 40.70 -2.06
CA GLY D 471 23.24 39.62 -2.91
C GLY D 471 22.78 38.26 -2.46
N LEU D 472 21.62 38.19 -1.81
CA LEU D 472 21.06 36.94 -1.31
C LEU D 472 19.58 36.87 -1.66
N SER D 473 19.10 35.65 -1.86
CA SER D 473 17.67 35.44 -2.12
C SER D 473 17.17 34.26 -1.28
N LYS D 474 17.83 33.11 -1.41
CA LYS D 474 17.52 31.93 -0.60
C LYS D 474 18.82 31.25 -0.20
N PRO D 475 19.56 31.83 0.74
CA PRO D 475 20.74 31.14 1.27
C PRO D 475 20.32 29.91 2.08
N ILE D 476 20.56 28.73 1.53
CA ILE D 476 19.96 27.51 2.05
C ILE D 476 20.96 26.57 2.71
N ALA D 477 22.27 26.75 2.48
CA ALA D 477 23.27 25.86 3.02
C ALA D 477 24.42 26.66 3.62
N LEU D 478 25.10 26.05 4.59
CA LEU D 478 26.22 26.69 5.27
C LEU D 478 27.32 25.66 5.53
N ALA D 479 28.56 26.14 5.46
CA ALA D 479 29.72 25.33 5.80
C ALA D 479 30.79 26.25 6.36
N LEU D 480 31.72 25.67 7.12
CA LEU D 480 32.74 26.46 7.80
C LEU D 480 34.02 25.64 7.94
N ASP D 481 35.15 26.31 7.78
CA ASP D 481 36.47 25.68 7.94
C ASP D 481 37.28 26.56 8.89
N SER D 482 37.59 26.02 10.07
CA SER D 482 38.18 26.85 11.12
C SER D 482 39.66 27.13 10.89
N ARG D 483 40.39 26.21 10.28
CA ARG D 483 41.82 26.44 10.04
C ARG D 483 42.02 27.52 8.97
N LEU D 484 41.17 27.55 7.96
CA LEU D 484 41.25 28.56 6.91
C LEU D 484 40.55 29.85 7.29
N GLY D 485 39.75 29.85 8.35
CA GLY D 485 38.99 31.04 8.71
C GLY D 485 38.02 31.46 7.64
N LYS D 486 37.28 30.50 7.08
CA LYS D 486 36.41 30.76 5.94
C LYS D 486 35.00 30.27 6.23
N LEU D 487 34.02 31.05 5.77
CA LEU D 487 32.61 30.68 5.81
C LEU D 487 32.13 30.44 4.39
N PHE D 488 31.26 29.45 4.21
CA PHE D 488 30.76 29.07 2.89
C PHE D 488 29.25 28.93 2.94
N TRP D 489 28.57 29.55 1.98
CA TRP D 489 27.13 29.40 1.84
C TRP D 489 26.80 29.18 0.36
N ALA D 490 25.61 28.63 0.13
CA ALA D 490 25.12 28.34 -1.21
C ALA D 490 23.70 28.87 -1.35
N ASP D 491 23.48 29.69 -2.37
CA ASP D 491 22.18 30.31 -2.61
C ASP D 491 21.45 29.52 -3.69
N SER D 492 20.31 28.93 -3.33
CA SER D 492 19.57 28.10 -4.27
C SER D 492 18.80 28.92 -5.29
N ASP D 493 18.40 30.14 -4.92
CA ASP D 493 17.70 31.01 -5.88
C ASP D 493 18.67 31.68 -6.83
N LEU D 494 19.67 32.39 -6.29
CA LEU D 494 20.67 33.02 -7.13
C LEU D 494 21.60 32.02 -7.80
N ARG D 495 21.56 30.74 -7.38
CA ARG D 495 22.28 29.66 -8.03
C ARG D 495 23.78 29.94 -8.08
N ARG D 496 24.37 30.07 -6.88
CA ARG D 496 25.81 30.32 -6.77
C ARG D 496 26.26 29.96 -5.37
N ILE D 497 27.57 29.81 -5.22
CA ILE D 497 28.21 29.45 -3.95
C ILE D 497 29.29 30.49 -3.68
N GLU D 498 29.22 31.11 -2.51
CA GLU D 498 30.13 32.18 -2.14
C GLU D 498 30.96 31.78 -0.92
N SER D 499 31.98 32.60 -0.64
CA SER D 499 32.88 32.38 0.47
C SER D 499 33.28 33.73 1.05
N SER D 500 33.65 33.72 2.33
CA SER D 500 34.11 34.93 3.00
C SER D 500 34.89 34.53 4.24
N ASP D 501 35.57 35.52 4.83
CA ASP D 501 36.24 35.30 6.10
C ASP D 501 35.23 35.18 7.22
N LEU D 502 35.68 34.62 8.35
CA LEU D 502 34.80 34.54 9.52
C LEU D 502 34.41 35.93 10.02
N SER D 503 35.29 36.91 9.85
CA SER D 503 34.96 38.28 10.22
C SER D 503 33.88 38.86 9.32
N GLY D 504 33.80 38.39 8.07
CA GLY D 504 32.86 38.91 7.11
C GLY D 504 33.49 39.61 5.92
N ALA D 505 34.80 39.72 5.89
CA ALA D 505 35.50 40.39 4.81
C ALA D 505 35.85 39.42 3.69
N ASN D 506 36.16 39.99 2.52
CA ASN D 506 36.61 39.25 1.35
C ASN D 506 35.55 38.27 0.87
N ARG D 507 34.32 38.77 0.71
CA ARG D 507 33.26 37.97 0.12
C ARG D 507 33.52 37.80 -1.37
N ILE D 508 33.51 36.55 -1.84
CA ILE D 508 33.83 36.24 -3.23
C ILE D 508 32.90 35.13 -3.72
N VAL D 509 32.49 35.22 -4.98
CA VAL D 509 31.68 34.18 -5.60
C VAL D 509 32.62 33.10 -6.14
N LEU D 510 32.45 31.88 -5.64
CA LEU D 510 33.31 30.77 -6.07
C LEU D 510 32.82 30.18 -7.38
N GLU D 511 31.53 29.86 -7.47
CA GLU D 511 30.92 29.33 -8.68
C GLU D 511 29.54 29.93 -8.84
N ASP D 512 29.16 30.23 -10.10
CA ASP D 512 27.83 30.76 -10.36
C ASP D 512 27.28 30.31 -11.71
N SER D 513 27.77 29.19 -12.26
CA SER D 513 27.32 28.69 -13.55
C SER D 513 27.16 27.19 -13.48
N ASN D 514 26.20 26.68 -14.25
CA ASN D 514 25.88 25.25 -14.29
C ASN D 514 25.54 24.72 -12.90
N ILE D 515 24.81 25.53 -12.14
CA ILE D 515 24.36 25.17 -10.79
C ILE D 515 22.86 25.45 -10.72
N LEU D 516 22.07 24.39 -10.50
CA LEU D 516 20.63 24.50 -10.53
C LEU D 516 20.03 24.67 -9.14
N GLN D 517 20.31 23.72 -8.23
CA GLN D 517 19.72 23.74 -6.89
C GLN D 517 20.74 23.23 -5.88
N PRO D 518 21.64 24.09 -5.42
CA PRO D 518 22.60 23.69 -4.38
C PRO D 518 21.93 23.69 -3.02
N VAL D 519 22.03 22.56 -2.31
CA VAL D 519 21.29 22.39 -1.05
C VAL D 519 22.19 21.80 0.04
N GLY D 520 23.50 21.84 -0.16
CA GLY D 520 24.41 21.30 0.83
C GLY D 520 25.86 21.61 0.58
N LEU D 521 26.64 21.77 1.65
CA LEU D 521 28.06 22.08 1.53
C LEU D 521 28.85 21.32 2.60
N THR D 522 30.12 21.09 2.30
CA THR D 522 31.06 20.55 3.27
C THR D 522 32.47 20.76 2.74
N VAL D 523 33.44 20.74 3.65
CA VAL D 523 34.84 20.93 3.33
C VAL D 523 35.62 19.70 3.79
N PHE D 524 36.47 19.18 2.90
CA PHE D 524 37.33 18.04 3.25
C PHE D 524 38.63 18.56 3.86
N GLU D 525 39.51 19.12 3.03
CA GLU D 525 40.69 19.82 3.51
C GLU D 525 40.92 21.07 2.66
N ASN D 526 41.22 20.87 1.38
CA ASN D 526 41.34 21.95 0.42
C ASN D 526 40.24 21.93 -0.63
N TRP D 527 39.27 21.05 -0.49
CA TRP D 527 38.17 20.90 -1.45
C TRP D 527 36.86 21.32 -0.80
N LEU D 528 36.02 21.99 -1.59
CA LEU D 528 34.68 22.38 -1.15
C LEU D 528 33.66 21.56 -1.93
N TYR D 529 33.06 20.59 -1.25
CA TYR D 529 32.03 19.75 -1.87
C TYR D 529 30.66 20.39 -1.74
N TRP D 530 29.80 20.13 -2.71
CA TRP D 530 28.41 20.55 -2.64
C TRP D 530 27.56 19.57 -3.45
N ILE D 531 26.26 19.63 -3.20
CA ILE D 531 25.29 18.76 -3.86
C ILE D 531 24.27 19.63 -4.59
N ASP D 532 23.96 19.25 -5.83
CA ASP D 532 22.93 19.91 -6.63
C ASP D 532 21.76 18.95 -6.73
N LYS D 533 20.67 19.25 -6.01
CA LYS D 533 19.53 18.35 -6.00
C LYS D 533 18.88 18.23 -7.36
N GLN D 534 18.75 19.35 -8.08
CA GLN D 534 18.09 19.32 -9.38
C GLN D 534 18.95 18.63 -10.42
N GLN D 535 20.27 18.85 -10.38
CA GLN D 535 21.19 18.16 -11.27
C GLN D 535 21.56 16.76 -10.79
N GLN D 536 21.19 16.41 -9.55
CA GLN D 536 21.51 15.10 -8.97
C GLN D 536 23.02 14.85 -8.97
N MET D 537 23.78 15.90 -8.70
CA MET D 537 25.24 15.86 -8.77
C MET D 537 25.86 16.09 -7.40
N ILE D 538 27.03 15.49 -7.21
CA ILE D 538 27.96 15.89 -6.15
C ILE D 538 29.21 16.38 -6.84
N GLU D 539 29.55 17.66 -6.64
CA GLU D 539 30.71 18.26 -7.27
C GLU D 539 31.62 18.85 -6.21
N LYS D 540 32.82 19.24 -6.64
CA LYS D 540 33.81 19.80 -5.74
C LYS D 540 34.69 20.78 -6.52
N ILE D 541 35.17 21.81 -5.82
CA ILE D 541 36.10 22.76 -6.39
C ILE D 541 37.33 22.83 -5.49
N ASP D 542 38.47 23.14 -6.11
CA ASP D 542 39.73 23.24 -5.39
C ASP D 542 39.88 24.65 -4.83
N MET D 543 40.04 24.75 -3.52
CA MET D 543 40.16 26.06 -2.88
C MET D 543 41.57 26.61 -2.89
N THR D 544 42.59 25.74 -2.98
CA THR D 544 43.95 26.23 -3.11
C THR D 544 44.29 26.62 -4.54
N GLY D 545 43.48 26.20 -5.51
CA GLY D 545 43.54 26.71 -6.86
C GLY D 545 44.28 25.86 -7.87
N ARG D 546 44.98 24.80 -7.44
CA ARG D 546 45.81 24.04 -8.37
C ARG D 546 44.95 23.29 -9.39
N GLU D 547 43.90 22.60 -8.93
CA GLU D 547 43.04 21.82 -9.80
C GLU D 547 41.73 22.54 -10.05
N GLY D 548 40.96 22.02 -11.02
CA GLY D 548 39.72 22.62 -11.43
C GLY D 548 38.50 21.93 -10.83
N ARG D 549 37.34 22.47 -11.20
CA ARG D 549 36.07 21.93 -10.74
C ARG D 549 35.79 20.58 -11.39
N THR D 550 35.52 19.56 -10.57
CA THR D 550 35.26 18.22 -11.05
C THR D 550 33.98 17.67 -10.44
N LYS D 551 33.32 16.79 -11.21
CA LYS D 551 32.24 15.99 -10.68
C LYS D 551 32.80 14.75 -9.98
N VAL D 552 32.07 14.25 -8.99
CA VAL D 552 32.54 13.08 -8.26
C VAL D 552 31.52 11.94 -8.40
N GLN D 553 30.25 12.28 -8.60
CA GLN D 553 29.22 11.26 -8.82
C GLN D 553 27.96 11.93 -9.34
N ALA D 554 27.24 11.21 -10.19
CA ALA D 554 26.05 11.72 -10.87
C ALA D 554 24.87 10.79 -10.63
N ARG D 555 23.70 11.25 -11.06
CA ARG D 555 22.47 10.45 -11.04
C ARG D 555 22.10 10.02 -9.63
N ILE D 556 22.20 10.94 -8.67
CA ILE D 556 21.84 10.68 -7.29
C ILE D 556 20.56 11.45 -6.99
N ALA D 557 19.46 10.71 -6.85
CA ALA D 557 18.15 11.35 -6.71
C ALA D 557 17.88 11.77 -5.27
N GLN D 558 17.17 12.89 -5.15
CA GLN D 558 16.63 13.37 -3.86
C GLN D 558 17.74 13.64 -2.85
N LEU D 559 18.81 14.29 -3.30
CA LEU D 559 19.88 14.69 -2.39
C LEU D 559 19.37 15.69 -1.36
N SER D 560 19.89 15.60 -0.15
CA SER D 560 19.43 16.45 0.94
C SER D 560 20.55 17.16 1.69
N ASP D 561 21.65 16.46 2.00
CA ASP D 561 22.74 17.07 2.72
C ASP D 561 24.03 16.33 2.39
N ILE D 562 25.15 16.93 2.78
CA ILE D 562 26.47 16.33 2.62
C ILE D 562 27.36 16.81 3.76
N HIS D 563 28.20 15.92 4.27
CA HIS D 563 28.97 16.21 5.47
C HIS D 563 30.28 15.43 5.43
N ALA D 564 31.40 16.15 5.53
CA ALA D 564 32.71 15.52 5.55
C ALA D 564 33.12 15.19 6.99
N VAL D 565 33.79 14.06 7.15
CA VAL D 565 34.23 13.58 8.46
C VAL D 565 35.74 13.45 8.42
N LYS D 566 36.42 14.18 9.31
CA LYS D 566 37.87 14.11 9.43
C LYS D 566 38.24 13.33 10.69
N GLU D 567 39.31 12.54 10.59
CA GLU D 567 39.79 11.79 11.74
C GLU D 567 40.12 12.73 12.89
N LEU D 568 39.70 12.35 14.09
CA LEU D 568 39.84 13.20 15.26
C LEU D 568 41.18 12.95 15.93
N ASN D 569 41.96 14.02 16.11
CA ASN D 569 43.19 13.97 16.88
C ASN D 569 42.83 14.21 18.35
N LEU D 570 42.91 13.15 19.16
CA LEU D 570 42.36 13.20 20.51
C LEU D 570 43.13 14.14 21.42
N GLN D 571 44.46 14.25 21.24
CA GLN D 571 45.23 15.15 22.10
C GLN D 571 44.95 16.61 21.77
N GLU D 572 44.74 16.93 20.49
CA GLU D 572 44.30 18.28 20.13
C GLU D 572 42.86 18.52 20.58
N TYR D 573 42.04 17.47 20.61
CA TYR D 573 40.67 17.60 21.10
C TYR D 573 40.67 17.91 22.60
N ARG D 574 41.49 17.21 23.37
CA ARG D 574 41.55 17.44 24.82
C ARG D 574 42.14 18.80 25.16
N GLN D 575 42.86 19.42 24.22
CA GLN D 575 43.42 20.74 24.49
C GLN D 575 42.36 21.84 24.42
N HIS D 576 41.21 21.58 23.81
CA HIS D 576 40.13 22.55 23.83
C HIS D 576 39.59 22.66 25.25
N PRO D 577 39.49 23.88 25.79
CA PRO D 577 39.22 24.02 27.24
C PRO D 577 37.81 23.63 27.65
N CYS D 578 36.86 23.50 26.72
CA CYS D 578 35.53 23.02 27.06
C CYS D 578 35.41 21.51 26.97
N ALA D 579 36.47 20.81 26.56
CA ALA D 579 36.42 19.36 26.47
C ALA D 579 36.51 18.69 27.83
N GLN D 580 37.13 19.35 28.81
CA GLN D 580 37.28 18.79 30.16
C GLN D 580 36.06 19.21 30.99
N ASP D 581 34.98 18.46 30.83
CA ASP D 581 33.76 18.64 31.62
C ASP D 581 33.23 20.07 31.53
N ASN D 582 33.15 20.59 30.31
CA ASN D 582 32.52 21.87 30.00
C ASN D 582 33.19 23.05 30.71
N GLY D 583 34.46 22.90 31.10
CA GLY D 583 35.15 23.96 31.79
C GLY D 583 34.52 24.42 33.08
N GLY D 584 33.74 23.55 33.74
CA GLY D 584 33.06 23.92 34.96
C GLY D 584 31.74 24.61 34.78
N CYS D 585 31.31 24.84 33.55
CA CYS D 585 30.05 25.53 33.27
C CYS D 585 28.90 24.52 33.29
N SER D 586 27.81 24.89 33.97
CA SER D 586 26.65 24.01 34.04
C SER D 586 25.88 23.97 32.73
N HIS D 587 26.11 24.92 31.82
CA HIS D 587 25.40 24.94 30.56
C HIS D 587 26.33 25.24 29.39
N ILE D 588 26.48 26.51 29.04
CA ILE D 588 27.19 26.92 27.84
C ILE D 588 28.62 27.30 28.21
N CYS D 589 29.58 26.62 27.59
CA CYS D 589 31.00 26.92 27.75
C CYS D 589 31.48 27.70 26.55
N LEU D 590 32.01 28.90 26.79
CA LEU D 590 32.37 29.84 25.74
C LEU D 590 33.88 30.05 25.72
N VAL D 591 34.49 29.84 24.55
CA VAL D 591 35.89 30.20 24.34
C VAL D 591 35.96 31.68 23.98
N LYS D 592 36.80 32.41 24.70
CA LYS D 592 37.02 33.83 24.44
C LYS D 592 38.37 34.03 23.75
N GLY D 593 38.56 35.24 23.22
CA GLY D 593 39.68 35.56 22.36
C GLY D 593 41.06 35.27 22.93
N ASP D 594 41.18 35.17 24.25
CA ASP D 594 42.45 34.94 24.89
C ASP D 594 42.78 33.46 25.08
N GLY D 595 41.84 32.56 24.81
CA GLY D 595 42.06 31.15 24.97
C GLY D 595 41.45 30.53 26.20
N THR D 596 41.03 31.33 27.17
CA THR D 596 40.39 30.82 28.37
C THR D 596 38.90 30.65 28.12
N THR D 597 38.12 30.36 29.16
CA THR D 597 36.70 30.08 29.01
C THR D 597 35.86 31.04 29.83
N ARG D 598 34.58 31.06 29.48
CA ARG D 598 33.55 31.80 30.21
C ARG D 598 32.28 30.96 30.19
N CYS D 599 31.46 31.14 31.21
CA CYS D 599 30.21 30.39 31.33
C CYS D 599 29.03 31.29 30.97
N SER D 600 28.01 30.68 30.37
CA SER D 600 26.81 31.40 29.98
C SER D 600 25.62 30.44 30.05
N CYS D 601 24.44 30.97 29.76
CA CYS D 601 23.18 30.26 29.96
C CYS D 601 22.28 30.40 28.75
N PRO D 602 21.31 29.53 28.59
CA PRO D 602 20.19 29.81 27.68
C PRO D 602 19.35 30.94 28.24
N MET D 603 18.39 31.40 27.42
CA MET D 603 17.69 32.64 27.71
C MET D 603 16.70 32.54 28.86
N HIS D 604 16.37 31.33 29.32
CA HIS D 604 15.44 31.18 30.44
C HIS D 604 16.17 31.03 31.78
N LEU D 605 17.49 31.20 31.79
CA LEU D 605 18.28 31.18 33.01
C LEU D 605 19.15 32.43 33.07
N VAL D 606 19.80 32.63 34.22
CA VAL D 606 20.77 33.70 34.40
C VAL D 606 21.99 33.13 35.09
N LEU D 607 23.16 33.69 34.76
CA LEU D 607 24.40 33.23 35.37
C LEU D 607 24.49 33.71 36.81
N LEU D 608 24.90 32.80 37.69
CA LEU D 608 24.97 33.11 39.11
C LEU D 608 26.32 33.69 39.48
N GLN D 609 26.45 34.12 40.74
CA GLN D 609 27.64 34.84 41.17
C GLN D 609 28.90 33.99 41.06
N ASP D 610 28.77 32.66 41.19
CA ASP D 610 29.92 31.78 41.08
C ASP D 610 30.51 31.75 39.67
N GLU D 611 29.87 32.43 38.71
CA GLU D 611 30.37 32.52 37.33
C GLU D 611 30.54 31.15 36.69
N LEU D 612 29.78 30.16 37.16
CA LEU D 612 29.82 28.81 36.60
C LEU D 612 28.44 28.19 36.41
N SER D 613 27.46 28.48 37.27
CA SER D 613 26.15 27.84 37.23
C SER D 613 25.08 28.83 36.77
N CYS D 614 23.96 28.28 36.31
CA CYS D 614 22.84 29.05 35.81
C CYS D 614 21.59 28.62 36.55
N GLY D 615 20.80 29.60 37.01
CA GLY D 615 19.59 29.33 37.75
C GLY D 615 18.43 30.14 37.24
N ALA D 616 17.23 29.66 37.55
CA ALA D 616 16.00 30.33 37.13
C ALA D 616 15.63 31.45 38.09
C1 NAG E . -15.79 -29.28 -8.20
C2 NAG E . -15.58 -30.31 -9.27
C3 NAG E . -16.79 -30.29 -10.21
C4 NAG E . -18.11 -30.19 -9.45
C5 NAG E . -18.05 -29.55 -8.04
C6 NAG E . -19.09 -30.11 -7.08
C7 NAG E . -13.33 -30.91 -10.05
C8 NAG E . -12.14 -30.49 -10.86
N2 NAG E . -14.35 -30.05 -10.02
O3 NAG E . -16.77 -31.45 -11.03
O4 NAG E . -18.96 -29.35 -10.21
O5 NAG E . -16.78 -29.70 -7.38
O6 NAG E . -19.60 -31.35 -7.56
O7 NAG E . -13.36 -31.98 -9.46
C1 NAG E . -20.22 -29.95 -10.60
C2 NAG E . -20.07 -30.67 -11.95
C3 NAG E . -21.38 -31.34 -12.36
C4 NAG E . -21.95 -32.17 -11.22
C5 NAG E . -22.04 -31.31 -9.97
C6 NAG E . -22.57 -32.06 -8.76
C7 NAG E . -18.73 -30.03 -13.92
C8 NAG E . -18.43 -28.94 -14.90
N2 NAG E . -19.64 -29.72 -12.98
O3 NAG E . -21.15 -32.16 -13.50
O4 NAG E . -23.25 -32.64 -11.56
O5 NAG E . -20.74 -30.84 -9.64
O6 NAG E . -23.07 -31.16 -7.78
O7 NAG E . -18.20 -31.13 -13.98
C1 NAG F . -13.96 18.85 -26.28
C2 NAG F . -12.49 19.23 -26.54
C3 NAG F . -11.93 18.39 -27.68
C4 NAG F . -12.14 16.91 -27.43
C5 NAG F . -13.60 16.62 -27.08
C6 NAG F . -13.83 15.20 -26.63
C7 NAG F . -11.60 21.48 -26.10
C8 NAG F . -11.56 22.91 -26.57
N2 NAG F . -12.35 20.65 -26.84
O3 NAG F . -10.54 18.66 -27.81
O4 NAG F . -11.85 16.17 -28.62
O5 NAG F . -14.04 17.46 -26.00
O6 NAG F . -15.15 15.02 -26.11
O7 NAG F . -11.01 21.10 -25.10
C1 NAG F . -10.56 15.52 -28.60
C2 NAG F . -10.66 14.36 -29.60
C3 NAG F . -9.30 13.69 -29.77
C4 NAG F . -8.23 14.70 -30.11
C5 NAG F . -8.23 15.82 -29.07
C6 NAG F . -7.24 16.92 -29.38
C7 NAG F . -12.92 13.39 -29.62
C8 NAG F . -13.81 12.32 -29.08
N2 NAG F . -11.66 13.39 -29.18
O3 NAG F . -9.39 12.71 -30.80
O4 NAG F . -6.95 14.08 -30.15
O5 NAG F . -9.52 16.42 -29.00
O6 NAG F . -7.89 18.03 -29.98
O7 NAG F . -13.32 14.23 -30.42
C1 BMA F . -6.42 14.08 -31.48
C2 BMA F . -4.88 14.14 -31.40
C3 BMA F . -4.29 14.10 -32.81
C4 BMA F . -4.86 12.94 -33.64
C5 BMA F . -6.40 13.00 -33.64
C6 BMA F . -7.02 11.82 -34.37
O2 BMA F . -4.38 13.01 -30.72
O3 BMA F . -2.87 14.02 -32.77
O4 BMA F . -4.39 13.02 -34.97
O5 BMA F . -6.86 12.98 -32.27
O6 BMA F . -8.34 12.17 -34.75
C1 NAG G . 16.19 -27.48 12.49
C2 NAG G . 16.08 -27.76 13.99
C3 NAG G . 17.29 -27.18 14.74
C4 NAG G . 18.60 -27.62 14.09
C5 NAG G . 18.56 -27.34 12.59
C6 NAG G . 19.76 -27.88 11.85
C7 NAG G . 13.71 -27.90 14.61
C8 NAG G . 12.53 -27.18 15.20
N2 NAG G . 14.84 -27.21 14.54
O3 NAG G . 17.25 -27.61 16.09
O4 NAG G . 19.66 -26.87 14.67
O5 NAG G . 17.42 -27.97 12.01
O6 NAG G . 19.58 -29.23 11.45
O7 NAG G . 13.62 -29.07 14.23
C1 NAG G . 20.70 -27.69 15.25
C2 NAG G . 20.36 -28.12 16.68
C3 NAG G . 21.51 -28.91 17.29
C4 NAG G . 21.91 -30.06 16.37
C5 NAG G . 22.18 -29.55 14.96
C6 NAG G . 22.47 -30.65 13.97
C7 NAG G . 19.24 -27.00 18.56
C8 NAG G . 19.04 -25.71 19.29
N2 NAG G . 20.05 -26.95 17.50
O3 NAG G . 21.13 -29.42 18.56
O4 NAG G . 23.09 -30.69 16.87
O5 NAG G . 21.03 -28.85 14.48
O6 NAG G . 22.61 -30.14 12.65
O7 NAG G . 18.68 -28.03 18.91
C1 NAG H . 25.14 -40.31 -21.42
C2 NAG H . 24.97 -41.80 -21.04
C3 NAG H . 26.14 -42.64 -21.55
C4 NAG H . 26.30 -42.42 -23.05
C5 NAG H . 26.64 -40.96 -23.27
C6 NAG H . 26.86 -40.61 -24.72
C7 NAG H . 23.70 -42.43 -19.04
C8 NAG H . 23.71 -42.53 -17.55
N2 NAG H . 24.82 -41.97 -19.61
O3 NAG H . 25.88 -44.02 -21.29
O4 NAG H . 27.23 -43.31 -23.68
O5 NAG H . 25.52 -40.18 -22.82
O6 NAG H . 27.02 -39.20 -24.90
O7 NAG H . 22.72 -42.75 -19.71
C1 NAG H . 28.52 -43.53 -23.08
C2 NAG H . 28.56 -45.02 -22.74
C3 NAG H . 29.25 -45.81 -23.85
C4 NAG H . 30.69 -45.36 -24.03
C5 NAG H . 30.80 -43.86 -23.80
C6 NAG H . 31.80 -43.21 -24.74
C7 NAG H . 28.79 -46.12 -20.54
C8 NAG H . 27.54 -46.88 -20.89
N2 NAG H . 29.22 -45.25 -21.46
O3 NAG H . 28.53 -45.65 -25.07
O4 NAG H . 31.50 -46.04 -23.08
O5 NAG H . 29.54 -43.23 -24.06
O6 NAG H . 31.43 -41.86 -25.04
O7 NAG H . 29.37 -46.28 -19.48
C1 BMA H . 32.59 -46.81 -23.65
C2 BMA H . 32.15 -48.10 -24.43
C3 BMA H . 33.41 -48.90 -24.78
C4 BMA H . 34.51 -48.01 -25.43
C5 BMA H . 34.76 -46.78 -24.53
C6 BMA H . 35.82 -45.81 -25.03
O2 BMA H . 31.53 -47.80 -25.67
O3 BMA H . 33.11 -50.00 -25.62
O4 BMA H . 35.71 -48.75 -25.58
O5 BMA H . 33.52 -46.06 -24.39
O6 BMA H . 36.11 -44.95 -23.94
C1 MAN H . 36.99 -43.88 -24.33
C2 MAN H . 37.51 -43.20 -23.06
C3 MAN H . 36.39 -42.34 -22.44
C4 MAN H . 35.80 -41.39 -23.49
C5 MAN H . 35.30 -42.20 -24.69
C6 MAN H . 34.76 -41.33 -25.81
O2 MAN H . 38.58 -42.29 -23.34
O3 MAN H . 36.85 -41.62 -21.31
O4 MAN H . 34.73 -40.66 -22.93
O5 MAN H . 36.38 -42.98 -25.23
O6 MAN H . 35.87 -40.83 -26.56
C1 NAG I . 14.05 22.99 23.01
C2 NAG I . 12.58 23.37 23.12
C3 NAG I . 11.99 22.81 24.40
C4 NAG I . 12.24 21.30 24.51
C5 NAG I . 13.73 20.99 24.29
C6 NAG I . 14.00 19.51 24.18
C7 NAG I . 11.38 25.39 22.44
C8 NAG I . 11.34 26.89 22.50
N2 NAG I . 12.41 24.81 23.07
O3 NAG I . 10.59 23.06 24.42
O4 NAG I . 11.92 20.85 25.82
O5 NAG I . 14.19 21.58 23.06
O6 NAG I . 15.33 19.26 23.72
O7 NAG I . 10.51 24.75 21.86
C1 NAG I . 10.65 20.20 25.91
C2 NAG I . 10.77 19.12 26.99
C3 NAG I . 9.41 18.48 27.26
C4 NAG I . 8.38 19.54 27.60
C5 NAG I . 8.31 20.56 26.48
C6 NAG I . 7.37 21.70 26.76
C7 NAG I . 12.96 18.01 27.19
C8 NAG I . 13.83 16.91 26.67
N2 NAG I . 11.74 18.11 26.61
O3 NAG I . 9.54 17.55 28.34
O4 NAG I . 7.10 18.93 27.80
O5 NAG I . 9.61 21.14 26.28
O6 NAG I . 7.51 22.75 25.81
O7 NAG I . 13.31 18.78 28.07
C1 BMA I . 6.70 19.16 29.17
C2 BMA I . 5.26 19.71 29.19
C3 BMA I . 4.83 19.95 30.64
C4 BMA I . 5.09 18.71 31.52
C5 BMA I . 6.56 18.26 31.38
C6 BMA I . 6.86 17.00 32.17
O2 BMA I . 4.35 18.77 28.64
O3 BMA I . 3.46 20.32 30.72
O4 BMA I . 4.81 19.02 32.88
O5 BMA I . 6.83 18.01 29.99
O6 BMA I . 8.24 16.98 32.47
C1 NAG J . -24.63 -37.09 28.31
C2 NAG J . -24.72 -38.55 27.88
C3 NAG J . -26.09 -39.13 28.24
C4 NAG J . -26.37 -38.91 29.72
C5 NAG J . -26.24 -37.44 30.07
C6 NAG J . -26.41 -37.17 31.54
C7 NAG J . -23.30 -39.12 25.96
C8 NAG J . -23.22 -39.22 24.46
N2 NAG J . -24.46 -38.71 26.46
O3 NAG J . -26.11 -40.52 27.94
O4 NAG J . -27.69 -39.35 30.03
O5 NAG J . -24.94 -36.98 29.70
O6 NAG J . -26.60 -35.78 31.80
O7 NAG J . -22.35 -39.40 26.67
C1 NAG K . -19.41 -40.24 29.80
C2 NAG K . -18.52 -41.42 30.13
C3 NAG K . -19.35 -42.55 30.73
C4 NAG K . -20.70 -42.09 31.31
C5 NAG K . -20.82 -40.60 31.68
C6 NAG K . -20.62 -40.34 33.16
C7 NAG K . -18.35 -42.35 27.84
C8 NAG K . -17.39 -42.75 26.75
N2 NAG K . -17.78 -41.87 28.96
O3 NAG K . -18.59 -43.22 31.73
O4 NAG K . -21.75 -42.43 30.40
O5 NAG K . -19.92 -39.72 30.98
O6 NAG K . -19.57 -39.40 33.39
O7 NAG K . -19.56 -42.45 27.70
C1 NAG L . -51.64 -9.74 -0.73
C2 NAG L . -52.94 -10.39 -1.26
C3 NAG L . -54.17 -9.82 -0.55
C4 NAG L . -54.01 -9.87 0.95
C5 NAG L . -52.74 -9.14 1.35
C6 NAG L . -52.47 -9.17 2.83
C7 NAG L . -53.55 -11.14 -3.52
C8 NAG L . -53.60 -10.79 -4.97
N2 NAG L . -53.05 -10.21 -2.70
O3 NAG L . -55.32 -10.55 -0.95
O4 NAG L . -55.13 -9.27 1.59
O5 NAG L . -51.63 -9.79 0.71
O6 NAG L . -51.45 -10.11 3.16
O7 NAG L . -53.94 -12.23 -3.09
CL CL M . -33.11 37.77 0.83
CL CL N . -28.64 9.66 9.57
CL CL O . -7.78 -12.91 28.45
CL CL P . -5.11 -2.99 32.23
C1 NAG Q . 19.07 -44.37 -22.59
C2 NAG Q . 20.27 -44.46 -23.60
C3 NAG Q . 21.13 -45.71 -23.39
C4 NAG Q . 21.42 -45.99 -21.93
C5 NAG Q . 20.10 -46.06 -21.20
C6 NAG Q . 20.24 -46.38 -19.72
C7 NAG Q . 19.89 -43.36 -25.79
C8 NAG Q . 19.33 -43.53 -27.16
N2 NAG Q . 19.78 -44.42 -24.97
O3 NAG Q . 22.35 -45.58 -24.10
O4 NAG Q . 22.14 -47.21 -21.77
O5 NAG Q . 19.49 -44.79 -21.28
O6 NAG Q . 18.97 -46.47 -19.10
O7 NAG Q . 20.41 -42.31 -25.42
C1 NAG R . 51.05 -8.36 1.52
C2 NAG R . 52.51 -8.47 1.93
C3 NAG R . 53.34 -7.41 1.22
C4 NAG R . 53.13 -7.51 -0.29
C5 NAG R . 51.64 -7.50 -0.64
C6 NAG R . 51.39 -7.78 -2.10
C7 NAG R . 52.68 -9.46 4.16
C8 NAG R . 52.88 -9.20 5.63
N2 NAG R . 52.67 -8.38 3.37
O3 NAG R . 54.72 -7.59 1.53
O4 NAG R . 53.80 -6.45 -0.96
O5 NAG R . 50.94 -8.51 0.10
O6 NAG R . 50.44 -8.82 -2.26
O7 NAG R . 52.53 -10.59 3.72
CL CL S . 5.90 -17.44 3.19
CL CL T . 40.52 -28.73 -4.08
CL CL U . 25.66 -0.83 -0.71
#